data_2F8T
#
_entry.id   2F8T
#
_cell.length_a   81.200
_cell.length_b   118.077
_cell.length_c   98.498
_cell.angle_alpha   90.00
_cell.angle_beta   99.57
_cell.angle_gamma   90.00
#
_symmetry.space_group_name_H-M   'P 1 21 1'
#
loop_
_entity.id
_entity.type
_entity.pdbx_description
1 polymer 26-MER
2 polymer 'Argonaute protein'
3 water water
#
loop_
_entity_poly.entity_id
_entity_poly.type
_entity_poly.pdbx_seq_one_letter_code
_entity_poly.pdbx_strand_id
1 'polyribonucleotide' AGACAGCAUGCAUGCAUGCUGUCUUU C,D
2 'polypeptide(L)'
;MGKEALLNLYRIEYRPKDTTFTVFKPTHEIQKEKLNKVRWRVFLQTGLPTFRREDEFWCAGKVEKDTLYLTLSNGEIVEL
KRVGEEEFRGFQNERECQELFRDFLTKTKVKDKFISDFYKKFRDKITVQGKNRKIALIPEVNEKVLKSEEGYFLLHLDLK
FRIQPFETLQTLLERNDFNPKRIRVKPIGIDFVGRVQDVFKAKEKGEEFFRLCMERSTHKSSKKAWEELLKNRELREKAF
LVVLEKGYTYPATILKPVLTYENLEDEERNEVADIVRMEPGKRLNLIRYILRRYVKALRDYGWYISPEEERAKGKLNFKD
TVLDAKGKNTKVITNLRKFLELCRPFVKKDVLSVEIISVSVYKKLEWRKEEFLKELINFLKNKGIKLKIKGKSLILAQTR
EEAKEKLIPVINKIKDVDLVIVFLEEYPKVDPYKSFLLYDFVKRELLKKMIPSQVILNRTLKNENLKFVLLNVAEQVLAK
TGNIPYKLKEIEGKVDAFVGIDISRITRDGKTVNAVAFTKIFNSKGELVRYYLTSYPAFGEKLTEKAIGDVFSLLEKLGF
KKGSKIVVHRDGRLYRDEVAAFKKYGELYGYSLELLEIIKRNNPRFFSNEKFIKGYFYKLSEDSVILATYNQVYEGTHQP
IKVRKVYGELPVEVLCSQILSLTLMNYSSFQPIKLPATVHYSDKITKLMLRGIEPIKKEGDIMYWL
;
A,B
#
loop_
_chem_comp.id
_chem_comp.type
_chem_comp.name
_chem_comp.formula
A RNA linking ADENOSINE-5'-MONOPHOSPHATE 'C10 H14 N5 O7 P'
C RNA linking CYTIDINE-5'-MONOPHOSPHATE 'C9 H14 N3 O8 P'
G RNA linking GUANOSINE-5'-MONOPHOSPHATE 'C10 H14 N5 O8 P'
U RNA linking URIDINE-5'-MONOPHOSPHATE 'C9 H13 N2 O9 P'
#
# COMPACT_ATOMS: atom_id res chain seq x y z
N LYS C 3 -7.70 -11.68 -0.91
CA LYS C 3 -7.17 -11.71 -2.29
C LYS C 3 -5.71 -11.24 -2.27
N GLU C 4 -5.11 -11.29 -1.08
CA GLU C 4 -3.74 -10.81 -0.85
C GLU C 4 -2.75 -11.27 -1.94
N ALA C 5 -2.02 -10.34 -2.53
CA ALA C 5 -0.92 -10.70 -3.41
C ALA C 5 0.30 -9.93 -2.99
N LEU C 6 1.42 -10.65 -2.91
CA LEU C 6 2.67 -10.10 -2.47
C LEU C 6 3.62 -9.98 -3.64
N LEU C 7 4.49 -8.97 -3.63
CA LEU C 7 5.59 -8.96 -4.59
C LEU C 7 6.91 -9.14 -3.88
N ASN C 8 7.88 -9.74 -4.57
CA ASN C 8 9.27 -9.75 -4.09
C ASN C 8 9.93 -8.36 -4.12
N LEU C 9 9.39 -7.40 -3.39
CA LEU C 9 10.04 -6.10 -3.25
C LEU C 9 10.02 -5.87 -1.76
N TYR C 10 11.05 -5.21 -1.26
CA TYR C 10 11.23 -5.07 0.15
C TYR C 10 11.74 -3.67 0.42
N ARG C 11 11.08 -2.94 1.33
CA ARG C 11 11.47 -1.55 1.63
C ARG C 11 12.83 -1.54 2.24
N ILE C 12 13.59 -0.52 1.84
CA ILE C 12 15.00 -0.43 2.16
C ILE C 12 15.39 1.02 2.41
N GLU C 13 16.18 1.22 3.45
CA GLU C 13 16.76 2.53 3.69
C GLU C 13 18.15 2.37 4.25
N TYR C 14 18.93 3.44 4.14
CA TYR C 14 20.35 3.45 4.57
C TYR C 14 20.64 4.56 5.58
N ARG C 15 20.90 4.18 6.83
CA ARG C 15 21.08 5.18 7.85
C ARG C 15 22.20 4.80 8.77
N PRO C 16 23.44 5.00 8.34
CA PRO C 16 24.59 4.61 9.12
C PRO C 16 24.91 5.63 10.22
N LYS C 17 25.69 5.16 11.22
CA LYS C 17 26.26 6.00 12.27
C LYS C 17 27.32 6.90 11.67
N ASP C 18 28.38 6.34 11.07
CA ASP C 18 29.32 7.18 10.33
C ASP C 18 28.70 7.55 8.99
N THR C 19 28.43 8.83 8.79
CA THR C 19 27.81 9.29 7.54
C THR C 19 28.81 10.13 6.71
N THR C 20 30.09 9.77 6.81
CA THR C 20 31.17 10.59 6.24
C THR C 20 31.71 9.95 4.97
N PHE C 21 31.52 10.60 3.83
CA PHE C 21 32.00 10.06 2.56
C PHE C 21 33.11 10.96 2.02
N THR C 22 33.89 10.43 1.08
CA THR C 22 34.82 11.29 0.38
C THR C 22 34.37 11.46 -1.06
N VAL C 23 34.21 12.71 -1.44
CA VAL C 23 33.65 13.02 -2.74
C VAL C 23 34.77 13.29 -3.76
N PHE C 24 34.59 12.79 -4.97
CA PHE C 24 35.55 12.99 -6.06
C PHE C 24 34.88 13.55 -7.30
N LYS C 25 35.61 14.46 -7.96
CA LYS C 25 35.08 15.11 -9.15
C LYS C 25 36.05 14.94 -10.33
N PRO C 26 35.50 14.64 -11.54
CA PRO C 26 36.22 14.62 -12.81
C PRO C 26 36.95 15.91 -13.16
N THR C 27 38.07 15.74 -13.87
CA THR C 27 38.88 16.86 -14.31
C THR C 27 38.30 17.47 -15.58
N HIS C 28 37.39 16.74 -16.20
CA HIS C 28 36.57 17.22 -17.29
C HIS C 28 35.43 16.25 -17.49
N GLU C 29 34.30 16.78 -17.96
CA GLU C 29 33.08 16.00 -18.18
C GLU C 29 33.30 14.60 -18.81
N ILE C 30 32.68 13.59 -18.22
CA ILE C 30 32.81 12.22 -18.68
C ILE C 30 31.72 11.77 -19.68
N GLN C 31 32.14 11.24 -20.83
CA GLN C 31 31.22 10.64 -21.81
C GLN C 31 30.23 9.68 -21.15
N LYS C 32 28.95 9.91 -21.37
CA LYS C 32 27.93 9.36 -20.48
C LYS C 32 27.94 7.84 -20.30
N GLU C 33 28.16 7.08 -21.38
CA GLU C 33 28.17 5.60 -21.28
C GLU C 33 29.49 5.09 -20.71
N LYS C 34 30.39 6.02 -20.45
CA LYS C 34 31.63 5.71 -19.73
C LYS C 34 31.40 5.95 -18.24
N LEU C 35 30.19 6.34 -17.90
CA LEU C 35 29.94 6.77 -16.54
C LEU C 35 30.00 5.62 -15.57
N ASN C 36 29.48 4.45 -15.98
CA ASN C 36 29.40 3.27 -15.11
C ASN C 36 30.71 2.54 -14.93
N LYS C 37 31.46 2.42 -16.01
CA LYS C 37 32.81 1.90 -15.95
C LYS C 37 33.69 2.67 -14.94
N VAL C 38 33.63 4.00 -14.98
CA VAL C 38 34.37 4.82 -14.02
C VAL C 38 33.99 4.57 -12.55
N ARG C 39 32.67 4.49 -12.28
CA ARG C 39 32.13 4.27 -10.94
C ARG C 39 32.59 2.93 -10.40
N TRP C 40 32.37 1.87 -11.19
CA TRP C 40 32.96 0.56 -10.92
C TRP C 40 34.47 0.65 -10.56
N ARG C 41 35.23 1.32 -11.42
CA ARG C 41 36.64 1.48 -11.17
C ARG C 41 36.93 2.20 -9.85
N VAL C 42 36.18 3.26 -9.52
CA VAL C 42 36.46 3.91 -8.26
C VAL C 42 36.35 2.87 -7.15
N PHE C 43 35.32 2.04 -7.22
CA PHE C 43 35.08 1.09 -6.14
C PHE C 43 36.13 -0.04 -6.05
N LEU C 44 36.88 -0.27 -7.11
CA LEU C 44 37.91 -1.29 -7.05
C LEU C 44 39.12 -0.75 -6.34
N GLN C 45 39.65 0.37 -6.82
CA GLN C 45 40.79 0.99 -6.18
C GLN C 45 40.48 1.27 -4.71
N THR C 46 39.53 2.19 -4.49
CA THR C 46 39.08 2.60 -3.17
C THR C 46 38.87 1.42 -2.25
N GLY C 47 38.23 0.38 -2.76
CA GLY C 47 37.77 -0.70 -1.91
C GLY C 47 36.54 -0.24 -1.12
N LEU C 48 36.09 0.97 -1.41
CA LEU C 48 34.98 1.49 -0.67
C LEU C 48 33.78 1.62 -1.58
N PRO C 49 32.60 1.15 -1.10
CA PRO C 49 31.40 1.32 -1.86
C PRO C 49 31.30 2.75 -2.39
N THR C 50 30.74 2.89 -3.57
CA THR C 50 30.65 4.18 -4.25
C THR C 50 29.35 4.32 -5.00
N PHE C 51 28.71 5.47 -4.88
CA PHE C 51 27.61 5.80 -5.78
C PHE C 51 27.93 7.10 -6.49
N ARG C 52 27.25 7.38 -7.60
CA ARG C 52 27.51 8.54 -8.46
C ARG C 52 26.43 9.60 -8.22
N ARG C 53 26.81 10.88 -8.06
CA ARG C 53 25.89 11.96 -7.71
C ARG C 53 26.05 12.98 -8.78
N GLU C 54 25.23 12.91 -9.81
CA GLU C 54 25.39 13.79 -10.98
C GLU C 54 26.82 13.58 -11.47
N ASP C 55 27.59 14.65 -11.63
CA ASP C 55 28.96 14.48 -12.14
C ASP C 55 30.01 14.08 -11.09
N GLU C 56 29.59 13.68 -9.89
CA GLU C 56 30.55 13.44 -8.79
C GLU C 56 30.52 12.06 -8.17
N PHE C 57 31.58 11.70 -7.47
CA PHE C 57 31.66 10.34 -6.99
C PHE C 57 31.76 10.20 -5.48
N TRP C 58 30.92 9.36 -4.89
CA TRP C 58 30.82 9.29 -3.43
C TRP C 58 31.30 7.98 -2.83
N CYS C 59 32.42 8.04 -2.12
CA CYS C 59 32.99 6.87 -1.44
C CYS C 59 32.71 6.85 0.06
N ALA C 60 32.06 5.76 0.49
CA ALA C 60 31.72 5.44 1.87
C ALA C 60 32.94 5.01 2.71
N GLY C 61 33.93 5.89 2.79
CA GLY C 61 35.01 5.74 3.74
C GLY C 61 35.91 6.96 3.67
N LYS C 62 37.06 6.87 4.31
CA LYS C 62 37.97 7.98 4.27
C LYS C 62 39.10 7.74 3.30
N VAL C 63 39.31 8.67 2.39
CA VAL C 63 40.41 8.56 1.45
C VAL C 63 41.44 9.57 1.86
N GLU C 64 42.65 9.45 1.33
CA GLU C 64 43.60 10.54 1.43
C GLU C 64 43.96 11.00 0.04
N LYS C 65 44.23 10.03 -0.83
CA LYS C 65 44.66 10.32 -2.19
C LYS C 65 44.05 11.61 -2.76
N ASP C 66 44.87 12.66 -2.81
CA ASP C 66 44.52 13.92 -3.45
C ASP C 66 43.80 13.65 -4.77
N THR C 67 44.50 12.95 -5.65
CA THR C 67 43.99 12.58 -6.97
C THR C 67 43.81 11.06 -7.00
N LEU C 68 43.26 10.57 -8.10
CA LEU C 68 42.91 9.17 -8.24
C LEU C 68 42.74 8.93 -9.71
N TYR C 69 43.60 8.10 -10.29
CA TYR C 69 43.60 7.90 -11.75
C TYR C 69 42.95 6.56 -12.10
N LEU C 70 42.02 6.57 -13.04
CA LEU C 70 41.41 5.32 -13.46
C LEU C 70 41.62 5.13 -14.95
N THR C 71 41.85 3.88 -15.35
CA THR C 71 42.14 3.50 -16.72
C THR C 71 41.00 2.64 -17.26
N LEU C 72 40.41 3.07 -18.36
CA LEU C 72 39.38 2.28 -19.05
C LEU C 72 40.06 1.32 -20.00
N SER C 73 39.32 0.39 -20.60
CA SER C 73 39.91 -0.59 -21.52
C SER C 73 40.68 0.01 -22.71
N ASN C 74 40.19 1.14 -23.24
CA ASN C 74 40.89 1.90 -24.29
C ASN C 74 42.34 2.19 -23.96
N GLY C 75 42.64 2.36 -22.68
CA GLY C 75 43.92 2.91 -22.25
C GLY C 75 43.73 4.34 -21.79
N GLU C 76 42.51 4.84 -22.05
CA GLU C 76 42.03 6.16 -21.66
C GLU C 76 42.06 6.32 -20.15
N ILE C 77 42.44 7.52 -19.70
CA ILE C 77 42.67 7.81 -18.28
C ILE C 77 41.79 8.98 -17.85
N VAL C 78 40.91 8.71 -16.90
CA VAL C 78 40.09 9.77 -16.29
C VAL C 78 40.65 10.08 -14.91
N GLU C 79 40.84 11.37 -14.67
CA GLU C 79 41.42 11.81 -13.44
C GLU C 79 40.29 12.37 -12.57
N LEU C 80 40.28 11.95 -11.31
CA LEU C 80 39.34 12.47 -10.37
C LEU C 80 40.11 13.23 -9.32
N LYS C 81 39.58 14.38 -8.97
CA LYS C 81 40.11 15.18 -7.90
C LYS C 81 39.24 14.94 -6.67
N ARG C 82 39.86 14.98 -5.50
CA ARG C 82 39.17 14.98 -4.20
C ARG C 82 38.58 16.38 -3.93
N VAL C 83 37.24 16.47 -3.81
CA VAL C 83 36.60 17.74 -3.42
C VAL C 83 36.81 17.91 -1.94
N GLY C 84 36.68 16.80 -1.23
CA GLY C 84 36.74 16.79 0.23
C GLY C 84 35.60 15.95 0.78
N GLU C 85 35.59 15.78 2.09
CA GLU C 85 34.59 14.98 2.75
C GLU C 85 33.27 15.74 2.74
N GLU C 86 32.19 15.03 2.44
CA GLU C 86 30.85 15.57 2.59
C GLU C 86 30.00 14.61 3.42
N GLU C 87 28.94 15.13 4.00
CA GLU C 87 28.14 14.29 4.84
C GLU C 87 26.93 13.75 4.08
N PHE C 88 26.42 12.62 4.52
CA PHE C 88 25.39 11.99 3.73
C PHE C 88 24.07 12.02 4.45
N ARG C 89 23.05 12.52 3.78
CA ARG C 89 21.76 12.54 4.41
C ARG C 89 20.78 11.62 3.70
N GLY C 90 20.67 11.70 2.39
CA GLY C 90 19.84 10.76 1.65
C GLY C 90 20.34 10.46 0.25
N PHE C 91 19.70 9.49 -0.42
CA PHE C 91 19.93 9.31 -1.85
C PHE C 91 18.95 10.18 -2.62
N GLN C 92 19.38 10.72 -3.75
CA GLN C 92 18.47 11.49 -4.56
C GLN C 92 17.57 10.58 -5.37
N ASN C 93 18.06 9.41 -5.76
CA ASN C 93 17.27 8.50 -6.60
C ASN C 93 17.66 7.03 -6.42
N GLU C 94 16.94 6.13 -7.06
CA GLU C 94 17.17 4.72 -6.80
C GLU C 94 18.55 4.28 -7.31
N ARG C 95 19.04 4.95 -8.36
CA ARG C 95 20.30 4.56 -9.03
C ARG C 95 21.42 4.61 -8.02
N GLU C 96 21.64 5.79 -7.42
CA GLU C 96 22.58 5.91 -6.29
C GLU C 96 22.42 4.73 -5.35
N CYS C 97 21.19 4.43 -4.97
CA CYS C 97 20.95 3.50 -3.89
C CYS C 97 21.34 2.08 -4.25
N GLN C 98 20.92 1.68 -5.45
CA GLN C 98 21.31 0.42 -6.08
C GLN C 98 22.82 0.32 -6.08
N GLU C 99 23.45 1.35 -6.65
CA GLU C 99 24.86 1.35 -6.91
C GLU C 99 25.55 0.97 -5.64
N LEU C 100 25.35 1.78 -4.60
CA LEU C 100 26.00 1.55 -3.32
C LEU C 100 25.62 0.21 -2.71
N PHE C 101 24.36 -0.17 -2.86
CA PHE C 101 23.88 -1.36 -2.22
C PHE C 101 24.60 -2.58 -2.72
N ARG C 102 24.60 -2.82 -4.04
CA ARG C 102 25.37 -3.93 -4.65
C ARG C 102 26.83 -3.97 -4.16
N ASP C 103 27.53 -2.84 -4.23
CA ASP C 103 28.93 -2.80 -3.76
C ASP C 103 29.09 -3.33 -2.35
N PHE C 104 28.13 -3.03 -1.49
CA PHE C 104 28.13 -3.63 -0.15
C PHE C 104 28.01 -5.16 -0.24
N LEU C 105 27.03 -5.63 -0.99
CA LEU C 105 26.92 -7.03 -1.26
C LEU C 105 28.29 -7.55 -1.67
N THR C 106 28.99 -6.82 -2.53
CA THR C 106 30.30 -7.32 -2.96
C THR C 106 31.24 -7.34 -1.80
N LYS C 107 31.41 -6.20 -1.13
CA LYS C 107 32.47 -6.15 -0.13
C LYS C 107 32.21 -7.23 0.93
N THR C 108 30.95 -7.44 1.29
CA THR C 108 30.65 -8.34 2.41
C THR C 108 30.68 -9.77 1.98
N LYS C 109 30.45 -10.00 0.68
CA LYS C 109 30.56 -11.34 0.09
C LYS C 109 29.41 -12.30 0.40
N VAL C 110 28.21 -11.75 0.60
CA VAL C 110 27.07 -12.56 1.01
C VAL C 110 26.62 -13.38 -0.15
N LYS C 111 26.44 -12.72 -1.29
CA LYS C 111 25.95 -13.40 -2.47
C LYS C 111 26.85 -14.61 -2.83
N ASP C 112 28.17 -14.43 -2.69
CA ASP C 112 29.15 -15.46 -2.92
C ASP C 112 28.96 -16.66 -1.98
N LYS C 113 28.82 -16.36 -0.70
CA LYS C 113 28.51 -17.36 0.31
C LYS C 113 27.25 -18.18 -0.03
N PHE C 114 26.14 -17.50 -0.31
CA PHE C 114 24.92 -18.19 -0.58
C PHE C 114 25.04 -19.18 -1.75
N ILE C 115 25.66 -18.77 -2.84
CA ILE C 115 25.90 -19.66 -3.97
C ILE C 115 26.71 -20.88 -3.55
N SER C 116 27.85 -20.67 -2.87
CA SER C 116 28.65 -21.76 -2.30
C SER C 116 27.84 -22.74 -1.47
N ASP C 117 27.17 -22.18 -0.47
CA ASP C 117 26.26 -22.87 0.42
C ASP C 117 25.24 -23.65 -0.38
N PHE C 118 24.62 -22.94 -1.32
CA PHE C 118 23.62 -23.54 -2.14
C PHE C 118 24.20 -24.73 -2.86
N TYR C 119 25.48 -24.68 -3.19
CA TYR C 119 26.12 -25.81 -3.83
C TYR C 119 26.37 -26.97 -2.88
N LYS C 120 27.09 -26.72 -1.78
CA LYS C 120 27.32 -27.75 -0.74
C LYS C 120 26.12 -28.66 -0.55
N LYS C 121 24.93 -28.11 -0.80
CA LYS C 121 23.68 -28.76 -0.45
C LYS C 121 22.87 -29.31 -1.62
N PHE C 122 23.03 -28.76 -2.82
CA PHE C 122 22.22 -29.24 -3.92
C PHE C 122 23.06 -29.58 -5.11
N ARG C 123 24.37 -29.50 -4.96
CA ARG C 123 25.30 -29.77 -6.07
C ARG C 123 24.81 -30.90 -6.98
N ASP C 124 24.32 -31.96 -6.36
CA ASP C 124 23.95 -33.20 -7.02
C ASP C 124 22.64 -33.11 -7.76
N LYS C 125 21.66 -32.44 -7.14
CA LYS C 125 20.33 -32.21 -7.72
C LYS C 125 20.35 -31.15 -8.84
N ILE C 126 21.48 -30.44 -8.96
CA ILE C 126 21.69 -29.31 -9.89
C ILE C 126 22.50 -29.65 -11.16
N THR C 127 23.07 -30.85 -11.22
CA THR C 127 23.73 -31.30 -12.44
C THR C 127 22.94 -32.48 -13.00
N VAL C 128 22.63 -32.45 -14.29
CA VAL C 128 21.80 -33.51 -14.89
C VAL C 128 22.38 -34.13 -16.17
N GLN C 129 21.84 -35.28 -16.57
CA GLN C 129 22.39 -36.09 -17.68
C GLN C 129 21.49 -36.19 -18.93
N GLY C 130 22.09 -36.37 -20.10
CA GLY C 130 21.32 -36.37 -21.34
C GLY C 130 21.94 -37.21 -22.45
N LYS C 131 21.13 -37.67 -23.41
CA LYS C 131 21.59 -38.55 -24.49
C LYS C 131 23.08 -38.41 -24.76
N ASN C 132 23.56 -37.17 -24.85
CA ASN C 132 24.96 -36.95 -25.21
C ASN C 132 25.71 -36.00 -24.29
N ARG C 133 24.99 -35.08 -23.66
CA ARG C 133 25.62 -33.98 -22.93
C ARG C 133 25.35 -34.04 -21.43
N LYS C 134 26.18 -33.31 -20.68
CA LYS C 134 25.88 -32.92 -19.30
C LYS C 134 25.45 -31.43 -19.24
N ILE C 135 24.69 -31.07 -18.21
CA ILE C 135 24.09 -29.76 -18.12
C ILE C 135 23.94 -29.24 -16.68
N ALA C 136 24.59 -28.11 -16.43
CA ALA C 136 24.55 -27.44 -15.14
C ALA C 136 23.43 -26.41 -15.13
N LEU C 137 22.72 -26.32 -14.00
CA LEU C 137 21.73 -25.25 -13.80
C LEU C 137 22.23 -24.36 -12.69
N ILE C 138 22.70 -23.17 -13.00
CA ILE C 138 23.41 -22.39 -12.00
C ILE C 138 22.60 -21.24 -11.37
N PRO C 139 22.52 -21.17 -10.02
CA PRO C 139 21.63 -20.19 -9.44
C PRO C 139 22.13 -18.78 -9.58
N GLU C 140 21.30 -17.93 -10.18
CA GLU C 140 21.54 -16.51 -10.31
C GLU C 140 20.72 -15.67 -9.34
N VAL C 141 21.39 -15.00 -8.40
CA VAL C 141 20.72 -14.04 -7.50
C VAL C 141 20.88 -12.69 -8.18
N ASN C 142 19.81 -11.90 -8.19
CA ASN C 142 19.83 -10.59 -8.88
C ASN C 142 19.08 -9.47 -8.16
N GLU C 143 19.67 -8.27 -8.11
CA GLU C 143 19.11 -7.18 -7.31
C GLU C 143 19.06 -5.84 -8.04
N LYS C 144 17.88 -5.23 -8.07
CA LYS C 144 17.71 -3.82 -8.47
C LYS C 144 17.06 -3.06 -7.33
N VAL C 145 17.22 -1.73 -7.33
CA VAL C 145 16.54 -0.87 -6.36
C VAL C 145 15.49 -0.07 -7.07
N LEU C 146 14.23 -0.22 -6.65
CA LEU C 146 13.14 0.63 -7.18
C LEU C 146 12.56 1.60 -6.13
N LYS C 147 11.77 2.57 -6.59
CA LYS C 147 11.14 3.55 -5.72
C LYS C 147 9.60 3.48 -5.81
N SER C 148 8.95 3.19 -4.68
CA SER C 148 7.49 3.05 -4.69
C SER C 148 6.77 4.40 -4.78
N GLU C 149 5.44 4.33 -4.94
CA GLU C 149 4.57 5.48 -5.01
C GLU C 149 4.71 6.42 -3.83
N GLU C 150 4.68 5.90 -2.60
CA GLU C 150 4.82 6.76 -1.42
C GLU C 150 6.21 7.33 -1.31
N GLY C 151 7.15 6.76 -2.06
CA GLY C 151 8.51 7.29 -2.14
C GLY C 151 9.55 6.47 -1.39
N TYR C 152 9.16 5.39 -0.71
CA TYR C 152 10.12 4.45 -0.13
C TYR C 152 10.97 3.87 -1.25
N PHE C 153 12.25 3.62 -1.00
CA PHE C 153 13.04 2.77 -1.88
C PHE C 153 12.68 1.31 -1.66
N LEU C 154 12.90 0.46 -2.67
CA LEU C 154 12.51 -0.96 -2.59
C LEU C 154 13.54 -1.86 -3.20
N LEU C 155 14.02 -2.86 -2.48
CA LEU C 155 14.98 -3.79 -3.05
C LEU C 155 14.20 -4.79 -3.90
N HIS C 156 14.53 -4.86 -5.17
CA HIS C 156 13.92 -5.88 -6.03
C HIS C 156 14.82 -7.14 -6.08
N LEU C 157 14.36 -8.21 -5.45
CA LEU C 157 15.20 -9.39 -5.26
C LEU C 157 14.67 -10.58 -6.01
N ASP C 158 15.50 -11.20 -6.84
CA ASP C 158 15.06 -12.41 -7.51
C ASP C 158 16.06 -13.52 -7.65
N LEU C 159 15.52 -14.66 -8.09
CA LEU C 159 16.22 -15.92 -8.26
C LEU C 159 15.92 -16.57 -9.65
N LYS C 160 16.94 -17.19 -10.26
CA LYS C 160 16.84 -17.89 -11.55
C LYS C 160 17.95 -18.93 -11.69
N PHE C 161 17.80 -19.83 -12.65
CA PHE C 161 18.83 -20.85 -12.87
C PHE C 161 19.41 -20.78 -14.27
N ARG C 162 20.52 -20.07 -14.44
CA ARG C 162 21.18 -19.95 -15.74
C ARG C 162 21.60 -21.34 -16.21
N ILE C 163 21.20 -21.74 -17.44
CA ILE C 163 21.51 -23.11 -17.92
C ILE C 163 22.78 -23.16 -18.73
N GLN C 164 23.71 -24.01 -18.34
CA GLN C 164 25.01 -24.01 -19.01
C GLN C 164 25.55 -25.40 -19.26
N PRO C 165 26.39 -25.56 -20.32
CA PRO C 165 27.11 -26.79 -20.51
C PRO C 165 28.43 -26.81 -19.72
N PHE C 166 29.03 -27.99 -19.60
CA PHE C 166 30.42 -28.10 -19.18
C PHE C 166 31.26 -28.12 -20.46
N GLU C 167 31.53 -26.95 -21.04
CA GLU C 167 32.21 -26.86 -22.33
C GLU C 167 32.67 -25.45 -22.65
N THR C 168 33.98 -25.21 -22.48
CA THR C 168 34.64 -23.98 -22.94
C THR C 168 34.30 -23.67 -24.41
N LEU C 169 34.30 -22.40 -24.77
CA LEU C 169 34.03 -22.01 -26.17
C LEU C 169 35.19 -22.37 -27.09
N GLN C 170 36.41 -22.32 -26.55
CA GLN C 170 37.56 -22.71 -27.33
C GLN C 170 37.35 -24.16 -27.76
N THR C 171 37.18 -25.06 -26.79
CA THR C 171 37.01 -26.49 -27.06
C THR C 171 36.14 -26.69 -28.29
N LEU C 172 35.00 -26.00 -28.30
CA LEU C 172 34.01 -26.14 -29.35
C LEU C 172 34.45 -25.58 -30.70
N LEU C 173 35.52 -24.80 -30.70
CA LEU C 173 35.97 -24.17 -31.92
C LEU C 173 37.15 -24.89 -32.58
N GLU C 174 37.85 -25.73 -31.80
CA GLU C 174 38.88 -26.65 -32.30
C GLU C 174 38.25 -28.02 -32.58
N ARG C 175 37.54 -28.55 -31.59
CA ARG C 175 36.71 -29.77 -31.73
C ARG C 175 35.80 -29.78 -32.96
N ASN C 176 35.74 -28.65 -33.67
CA ASN C 176 34.76 -28.50 -34.72
C ASN C 176 35.23 -27.71 -35.95
N ASP C 177 35.82 -26.54 -35.71
CA ASP C 177 36.07 -25.49 -36.74
C ASP C 177 34.75 -24.73 -37.07
N PHE C 178 33.90 -24.55 -36.05
CA PHE C 178 32.48 -24.10 -36.20
C PHE C 178 32.25 -22.58 -36.37
N ASN C 179 31.06 -22.22 -36.88
CA ASN C 179 30.71 -20.83 -37.24
C ASN C 179 29.59 -20.22 -36.34
N PRO C 180 29.77 -20.18 -35.01
CA PRO C 180 28.69 -19.78 -34.14
C PRO C 180 28.76 -18.33 -33.66
N LYS C 181 28.44 -17.43 -34.58
CA LYS C 181 28.23 -15.99 -34.33
C LYS C 181 26.80 -15.75 -33.81
N ARG C 182 26.19 -16.81 -33.29
CA ARG C 182 24.83 -16.70 -32.80
C ARG C 182 24.64 -17.46 -31.50
N ILE C 183 25.66 -17.38 -30.64
CA ILE C 183 25.57 -17.99 -29.33
C ILE C 183 25.69 -16.92 -28.25
N ARG C 184 24.92 -17.10 -27.19
CA ARG C 184 25.08 -16.27 -26.01
C ARG C 184 26.07 -16.92 -25.04
N VAL C 185 26.75 -16.07 -24.25
CA VAL C 185 27.86 -16.49 -23.43
C VAL C 185 28.09 -15.70 -22.11
N LYS C 186 28.64 -16.38 -21.09
CA LYS C 186 29.07 -15.80 -19.80
C LYS C 186 30.57 -16.08 -19.57
N PRO C 187 31.36 -15.06 -19.18
CA PRO C 187 32.73 -15.39 -18.80
C PRO C 187 32.86 -15.79 -17.32
N ILE C 188 33.56 -16.90 -17.07
CA ILE C 188 33.74 -17.42 -15.72
C ILE C 188 34.18 -16.32 -14.81
N GLY C 189 33.45 -16.14 -13.71
CA GLY C 189 33.75 -15.08 -12.76
C GLY C 189 33.50 -13.68 -13.28
N ILE C 190 32.77 -13.53 -14.37
CA ILE C 190 32.31 -12.20 -14.77
C ILE C 190 30.78 -12.19 -14.86
N ASP C 191 30.17 -11.23 -14.18
CA ASP C 191 28.72 -11.10 -14.17
C ASP C 191 28.19 -10.44 -15.46
N PHE C 192 28.45 -11.09 -16.59
CA PHE C 192 28.02 -10.58 -17.89
C PHE C 192 27.52 -11.72 -18.77
N VAL C 193 26.55 -11.44 -19.62
CA VAL C 193 25.98 -12.45 -20.51
C VAL C 193 25.60 -11.73 -21.79
N GLY C 194 26.08 -12.19 -22.95
CA GLY C 194 25.81 -11.51 -24.23
C GLY C 194 26.27 -12.20 -25.52
N ARG C 195 25.57 -11.94 -26.62
CA ARG C 195 25.81 -12.66 -27.87
C ARG C 195 27.24 -12.45 -28.40
N VAL C 196 27.82 -13.54 -28.93
CA VAL C 196 29.14 -13.56 -29.57
C VAL C 196 29.15 -12.71 -30.82
N GLN C 197 29.87 -11.60 -30.79
CA GLN C 197 29.93 -10.75 -31.97
C GLN C 197 30.92 -11.19 -33.05
N ASP C 198 32.23 -11.24 -32.76
CA ASP C 198 33.26 -11.57 -33.78
C ASP C 198 34.40 -12.40 -33.25
N VAL C 199 34.70 -13.50 -33.94
CA VAL C 199 35.75 -14.41 -33.52
C VAL C 199 36.96 -14.31 -34.45
N PHE C 200 38.12 -14.07 -33.86
CA PHE C 200 39.41 -14.16 -34.55
C PHE C 200 40.36 -15.06 -33.74
N LYS C 201 41.51 -15.37 -34.30
CA LYS C 201 42.49 -16.21 -33.59
C LYS C 201 43.56 -15.34 -32.93
N ALA C 202 44.30 -15.91 -31.99
CA ALA C 202 45.22 -15.15 -31.14
C ALA C 202 46.62 -14.97 -31.73
N LYS C 203 46.89 -15.68 -32.82
CA LYS C 203 48.17 -15.69 -33.53
C LYS C 203 48.41 -14.33 -34.23
N GLU C 204 47.35 -13.56 -34.37
CA GLU C 204 47.31 -12.28 -35.09
C GLU C 204 47.59 -11.06 -34.22
N LYS C 205 47.90 -11.25 -32.93
CA LYS C 205 48.15 -10.12 -32.03
C LYS C 205 49.47 -10.26 -31.27
N GLY C 206 50.18 -9.13 -31.14
CA GLY C 206 51.61 -9.09 -30.74
C GLY C 206 51.94 -9.65 -29.37
N GLU C 207 52.62 -8.85 -28.55
CA GLU C 207 52.88 -9.23 -27.15
C GLU C 207 52.39 -8.14 -26.20
N GLU C 208 52.88 -6.92 -26.44
CA GLU C 208 52.47 -5.73 -25.70
C GLU C 208 50.94 -5.73 -25.63
N PHE C 209 50.29 -6.25 -26.68
CA PHE C 209 48.85 -6.48 -26.67
C PHE C 209 48.36 -7.24 -25.42
N PHE C 210 48.75 -8.50 -25.24
CA PHE C 210 48.20 -9.31 -24.14
C PHE C 210 48.66 -8.79 -22.79
N ARG C 211 49.68 -7.92 -22.80
CA ARG C 211 50.12 -7.23 -21.59
C ARG C 211 49.06 -6.22 -21.15
N LEU C 212 48.72 -5.30 -22.06
CA LEU C 212 47.73 -4.26 -21.81
C LEU C 212 46.41 -4.90 -21.48
N CYS C 213 45.99 -5.83 -22.33
CA CYS C 213 44.86 -6.68 -22.04
C CYS C 213 44.82 -7.20 -20.63
N MET C 214 45.95 -7.72 -20.14
CA MET C 214 46.03 -8.12 -18.73
C MET C 214 45.93 -6.89 -17.83
N GLU C 215 46.80 -5.90 -18.09
CA GLU C 215 46.92 -4.65 -17.31
C GLU C 215 45.58 -3.99 -16.99
N ARG C 216 44.61 -4.09 -17.90
CA ARG C 216 43.32 -3.41 -17.75
C ARG C 216 42.14 -4.32 -17.32
N SER C 217 42.39 -5.61 -17.14
CA SER C 217 41.33 -6.58 -16.78
C SER C 217 40.70 -6.14 -15.48
N THR C 218 39.38 -6.03 -15.45
CA THR C 218 38.77 -5.60 -14.18
C THR C 218 38.28 -6.76 -13.31
N HIS C 219 38.58 -8.00 -13.71
CA HIS C 219 38.22 -9.13 -12.87
C HIS C 219 39.37 -10.14 -12.71
N LYS C 220 39.31 -10.93 -11.64
CA LYS C 220 40.40 -11.83 -11.39
C LYS C 220 40.57 -12.77 -12.56
N SER C 221 39.48 -13.38 -13.04
CA SER C 221 39.58 -14.44 -14.05
C SER C 221 40.02 -13.96 -15.44
N SER C 222 39.59 -12.76 -15.84
CA SER C 222 40.09 -12.19 -17.08
C SER C 222 41.57 -11.83 -16.95
N LYS C 223 41.94 -11.26 -15.79
CA LYS C 223 43.37 -11.02 -15.50
C LYS C 223 44.13 -12.33 -15.69
N LYS C 224 43.77 -13.36 -14.93
CA LYS C 224 44.43 -14.68 -15.04
C LYS C 224 44.33 -15.30 -16.44
N ALA C 225 43.25 -15.00 -17.17
CA ALA C 225 43.12 -15.49 -18.54
C ALA C 225 44.25 -14.95 -19.41
N TRP C 226 44.35 -13.62 -19.50
CA TRP C 226 45.37 -12.95 -20.33
C TRP C 226 46.79 -13.23 -19.84
N GLU C 227 46.93 -13.39 -18.53
CA GLU C 227 48.16 -13.86 -17.91
C GLU C 227 48.71 -15.06 -18.69
N GLU C 228 47.84 -16.06 -18.89
CA GLU C 228 48.19 -17.30 -19.60
C GLU C 228 48.76 -16.99 -20.97
N LEU C 229 47.98 -16.27 -21.77
CA LEU C 229 48.39 -15.93 -23.11
C LEU C 229 49.62 -15.02 -23.07
N LEU C 230 49.80 -14.25 -22.00
CA LEU C 230 50.98 -13.40 -21.85
C LEU C 230 52.29 -14.20 -21.59
N LYS C 231 52.21 -15.20 -20.73
CA LYS C 231 53.32 -16.13 -20.53
C LYS C 231 53.35 -17.19 -21.64
N ASN C 232 52.46 -18.19 -21.58
CA ASN C 232 52.53 -19.45 -22.38
C ASN C 232 52.22 -19.37 -23.87
N ARG C 233 53.28 -19.29 -24.68
CA ARG C 233 53.16 -19.06 -26.13
C ARG C 233 52.64 -20.28 -26.88
N GLU C 234 52.70 -21.43 -26.21
CA GLU C 234 52.16 -22.68 -26.73
C GLU C 234 50.64 -22.53 -26.94
N LEU C 235 50.00 -21.98 -25.92
CA LEU C 235 48.58 -21.65 -25.97
C LEU C 235 48.22 -20.68 -27.08
N ARG C 236 48.94 -19.56 -27.19
CA ARG C 236 48.63 -18.52 -28.19
C ARG C 236 48.15 -18.99 -29.57
N GLU C 237 48.97 -19.79 -30.25
CA GLU C 237 48.69 -20.19 -31.65
C GLU C 237 47.40 -21.00 -31.76
N LYS C 238 47.17 -21.82 -30.73
CA LYS C 238 45.96 -22.62 -30.56
C LYS C 238 44.74 -21.79 -30.08
N ALA C 239 44.86 -21.10 -28.94
CA ALA C 239 43.72 -20.40 -28.35
C ALA C 239 43.02 -19.39 -29.27
N PHE C 240 41.71 -19.21 -29.05
CA PHE C 240 40.85 -18.28 -29.82
C PHE C 240 40.45 -17.03 -29.02
N LEU C 241 40.10 -15.95 -29.71
CA LEU C 241 39.71 -14.69 -29.06
C LEU C 241 38.35 -14.19 -29.54
N VAL C 242 37.44 -13.92 -28.61
CA VAL C 242 36.05 -13.65 -28.96
C VAL C 242 35.57 -12.24 -28.62
N VAL C 243 34.99 -11.54 -29.60
CA VAL C 243 34.46 -10.18 -29.38
C VAL C 243 33.00 -10.27 -28.91
N LEU C 244 32.67 -9.53 -27.86
CA LEU C 244 31.36 -9.63 -27.25
C LEU C 244 30.38 -8.54 -27.65
N GLU C 245 29.16 -8.64 -27.11
CA GLU C 245 28.02 -7.82 -27.51
C GLU C 245 28.28 -6.33 -27.30
N LYS C 246 28.41 -5.92 -26.04
CA LYS C 246 28.58 -4.49 -25.70
C LYS C 246 30.05 -4.02 -25.76
N GLY C 247 30.81 -4.66 -26.64
CA GLY C 247 32.16 -4.21 -27.02
C GLY C 247 33.30 -4.73 -26.17
N TYR C 248 33.19 -5.98 -25.70
CA TYR C 248 34.26 -6.65 -24.95
C TYR C 248 35.01 -7.72 -25.76
N THR C 249 36.25 -7.99 -25.38
CA THR C 249 36.99 -9.14 -25.90
C THR C 249 37.46 -9.97 -24.72
N TYR C 250 37.28 -11.29 -24.84
CA TYR C 250 37.78 -12.26 -23.86
C TYR C 250 38.42 -13.47 -24.57
N PRO C 251 39.39 -14.15 -23.89
CA PRO C 251 39.91 -15.40 -24.43
C PRO C 251 38.81 -16.45 -24.40
N ALA C 252 38.96 -17.50 -25.19
CA ALA C 252 37.85 -18.42 -25.39
C ALA C 252 37.69 -19.44 -24.27
N THR C 253 38.67 -19.52 -23.37
CA THR C 253 38.65 -20.50 -22.28
C THR C 253 37.81 -20.10 -21.08
N ILE C 254 37.49 -18.81 -21.00
CA ILE C 254 36.69 -18.29 -19.88
C ILE C 254 35.26 -18.04 -20.33
N LEU C 255 34.99 -18.34 -21.59
CA LEU C 255 33.65 -18.20 -22.16
C LEU C 255 32.94 -19.55 -22.25
N LYS C 256 31.86 -19.65 -21.49
CA LYS C 256 30.97 -20.81 -21.53
C LYS C 256 29.61 -20.33 -22.07
N PRO C 257 28.94 -21.16 -22.89
CA PRO C 257 27.63 -20.84 -23.42
C PRO C 257 26.60 -20.63 -22.32
N VAL C 258 25.56 -19.87 -22.66
CA VAL C 258 24.35 -19.69 -21.88
C VAL C 258 23.21 -20.16 -22.76
N LEU C 259 22.46 -21.15 -22.27
CA LEU C 259 21.35 -21.74 -22.99
C LEU C 259 19.98 -21.36 -22.43
N THR C 260 18.99 -21.40 -23.32
CA THR C 260 17.60 -21.10 -23.00
C THR C 260 16.84 -22.40 -22.93
N TYR C 261 15.86 -22.46 -22.02
CA TYR C 261 14.98 -23.63 -21.92
C TYR C 261 14.58 -24.17 -23.31
N GLU C 262 13.89 -23.31 -24.09
CA GLU C 262 13.42 -23.63 -25.44
C GLU C 262 14.46 -24.43 -26.24
N ASN C 263 15.60 -23.83 -26.52
CA ASN C 263 16.61 -24.47 -27.38
C ASN C 263 17.30 -25.67 -26.75
N LEU C 264 16.66 -26.22 -25.72
CA LEU C 264 17.06 -27.51 -25.21
C LEU C 264 16.39 -28.58 -26.07
N GLU C 265 17.20 -29.50 -26.57
CA GLU C 265 16.68 -30.73 -27.15
C GLU C 265 15.63 -31.37 -26.18
N ASP C 266 14.53 -31.89 -26.71
CA ASP C 266 13.43 -32.46 -25.89
C ASP C 266 13.74 -33.18 -24.58
N GLU C 267 14.55 -34.25 -24.64
CA GLU C 267 14.84 -35.06 -23.45
C GLU C 267 15.31 -34.17 -22.31
N GLU C 268 16.39 -33.44 -22.55
CA GLU C 268 16.94 -32.51 -21.60
C GLU C 268 15.87 -31.64 -20.93
N ARG C 269 15.14 -30.85 -21.73
CA ARG C 269 14.03 -30.00 -21.30
C ARG C 269 13.31 -30.55 -20.09
N ASN C 270 13.14 -31.88 -20.11
CA ASN C 270 12.36 -32.59 -19.10
C ASN C 270 12.98 -32.66 -17.72
N GLU C 271 14.28 -32.94 -17.65
CA GLU C 271 14.97 -33.05 -16.36
C GLU C 271 15.06 -31.67 -15.71
N VAL C 272 15.79 -30.81 -16.40
CA VAL C 272 15.75 -29.38 -16.22
C VAL C 272 14.43 -28.84 -15.62
N ALA C 273 13.31 -29.07 -16.32
CA ALA C 273 12.00 -28.39 -16.05
C ALA C 273 11.61 -28.07 -14.59
N ASP C 274 11.94 -28.95 -13.65
CA ASP C 274 11.50 -28.79 -12.25
C ASP C 274 12.28 -27.76 -11.45
N ILE C 275 13.55 -27.64 -11.78
CA ILE C 275 14.42 -26.77 -11.04
C ILE C 275 14.36 -25.37 -11.65
N VAL C 276 14.23 -25.33 -12.97
CA VAL C 276 14.22 -24.06 -13.69
C VAL C 276 12.86 -23.41 -13.55
N ARG C 277 11.79 -24.21 -13.48
CA ARG C 277 10.47 -23.59 -13.51
C ARG C 277 9.75 -23.47 -12.16
N MET C 278 10.45 -23.86 -11.09
CA MET C 278 9.94 -23.84 -9.70
C MET C 278 8.78 -22.91 -9.36
N GLU C 279 7.76 -23.49 -8.75
CA GLU C 279 6.52 -22.82 -8.41
C GLU C 279 6.69 -21.69 -7.39
N PRO C 280 5.79 -20.67 -7.47
CA PRO C 280 5.87 -19.47 -6.61
C PRO C 280 6.40 -19.71 -5.18
N GLY C 281 5.76 -20.61 -4.41
CA GLY C 281 6.07 -20.82 -3.00
C GLY C 281 7.55 -20.95 -2.74
N LYS C 282 8.17 -21.95 -3.38
CA LYS C 282 9.60 -22.25 -3.25
C LYS C 282 10.46 -21.04 -3.55
N ARG C 283 10.28 -20.53 -4.76
CA ARG C 283 10.90 -19.30 -5.20
C ARG C 283 10.85 -18.27 -4.09
N LEU C 284 9.65 -17.87 -3.71
CA LEU C 284 9.46 -16.87 -2.68
C LEU C 284 10.22 -17.22 -1.40
N ASN C 285 10.28 -18.51 -1.08
CA ASN C 285 11.00 -18.95 0.12
C ASN C 285 12.48 -18.77 0.00
N LEU C 286 13.04 -19.13 -1.13
CA LEU C 286 14.45 -18.80 -1.39
C LEU C 286 14.71 -17.30 -1.39
N ILE C 287 13.89 -16.55 -2.12
CA ILE C 287 14.05 -15.13 -2.08
C ILE C 287 14.12 -14.72 -0.61
N ARG C 288 13.21 -15.23 0.21
CA ARG C 288 13.09 -14.81 1.60
C ARG C 288 14.34 -15.16 2.30
N TYR C 289 14.80 -16.36 1.97
CA TYR C 289 15.99 -16.94 2.58
C TYR C 289 17.24 -16.09 2.26
N ILE C 290 17.45 -15.75 0.99
CA ILE C 290 18.55 -14.87 0.64
C ILE C 290 18.45 -13.57 1.42
N LEU C 291 17.33 -12.86 1.25
CA LEU C 291 17.05 -11.56 1.87
C LEU C 291 17.43 -11.51 3.34
N ARG C 292 17.24 -12.65 4.03
CA ARG C 292 17.68 -12.82 5.41
C ARG C 292 19.20 -12.72 5.50
N ARG C 293 19.95 -13.66 4.91
CA ARG C 293 21.43 -13.50 4.74
C ARG C 293 21.81 -12.03 4.52
N TYR C 294 21.23 -11.41 3.48
CA TYR C 294 21.42 -10.00 3.18
C TYR C 294 21.21 -9.10 4.39
N VAL C 295 20.01 -9.10 4.98
CA VAL C 295 19.82 -8.40 6.28
C VAL C 295 20.92 -8.77 7.28
N LYS C 296 21.10 -10.07 7.55
CA LYS C 296 22.04 -10.45 8.60
C LYS C 296 23.40 -9.85 8.32
N ALA C 297 23.83 -9.91 7.06
CA ALA C 297 25.15 -9.43 6.65
C ALA C 297 25.30 -7.92 6.37
N LEU C 298 24.21 -7.17 6.26
CA LEU C 298 24.36 -5.78 5.93
C LEU C 298 23.88 -4.80 6.99
N ARG C 299 23.21 -5.28 8.04
CA ARG C 299 22.51 -4.38 8.96
C ARG C 299 23.50 -3.63 9.79
N ASP C 300 24.69 -4.24 9.96
CA ASP C 300 25.74 -3.66 10.79
C ASP C 300 26.55 -2.55 10.13
N TYR C 301 26.18 -2.18 8.91
CA TYR C 301 26.89 -1.13 8.16
C TYR C 301 25.87 -0.07 7.86
N GLY C 302 24.68 -0.26 8.46
CA GLY C 302 23.59 0.74 8.50
C GLY C 302 22.41 0.62 7.57
N TRP C 303 22.16 -0.61 7.07
CA TRP C 303 21.13 -0.85 6.03
C TRP C 303 19.87 -1.42 6.68
N TYR C 304 18.72 -0.82 6.38
CA TYR C 304 17.47 -1.24 7.01
C TYR C 304 16.51 -1.81 5.99
N ILE C 305 16.30 -3.13 6.09
CA ILE C 305 15.45 -3.83 5.13
C ILE C 305 14.28 -4.59 5.75
N SER C 306 13.06 -4.12 5.46
CA SER C 306 11.86 -4.85 5.86
C SER C 306 11.90 -6.33 5.48
N PRO C 307 11.69 -7.22 6.44
CA PRO C 307 11.56 -8.63 6.02
C PRO C 307 10.23 -8.90 5.30
N GLU C 308 9.47 -7.85 5.01
CA GLU C 308 8.11 -8.05 4.57
C GLU C 308 7.82 -7.56 3.16
N GLU C 309 7.17 -8.42 2.39
CA GLU C 309 6.90 -8.16 1.00
C GLU C 309 5.90 -7.02 0.79
N GLU C 310 6.17 -6.10 -0.14
CA GLU C 310 5.13 -5.13 -0.53
C GLU C 310 3.88 -5.87 -0.97
N ARG C 311 2.73 -5.20 -0.97
CA ARG C 311 1.53 -5.88 -1.39
C ARG C 311 0.84 -5.25 -2.59
N ALA C 312 0.27 -6.10 -3.43
CA ALA C 312 -0.57 -5.67 -4.55
C ALA C 312 -1.52 -4.59 -4.04
N LYS C 313 -1.56 -3.42 -4.63
CA LYS C 313 -2.46 -2.42 -4.05
C LYS C 313 -3.92 -2.78 -4.30
N GLY C 314 -4.21 -3.54 -5.36
CA GLY C 314 -5.58 -4.00 -5.66
C GLY C 314 -5.85 -4.67 -7.01
N LYS C 315 -7.09 -4.60 -7.46
CA LYS C 315 -7.50 -5.09 -8.79
C LYS C 315 -8.22 -4.00 -9.58
N LEU C 316 -7.78 -3.84 -10.83
CA LEU C 316 -8.45 -2.91 -11.71
C LEU C 316 -9.48 -3.69 -12.48
N ASN C 317 -10.70 -3.17 -12.48
CA ASN C 317 -11.69 -3.63 -13.44
C ASN C 317 -11.38 -2.91 -14.72
N PHE C 318 -11.73 -3.53 -15.83
CA PHE C 318 -11.52 -2.96 -17.16
C PHE C 318 -12.59 -3.54 -18.08
N LYS C 319 -12.88 -2.87 -19.18
CA LYS C 319 -14.05 -3.27 -19.93
C LYS C 319 -13.74 -4.48 -20.79
N ASP C 320 -14.23 -5.63 -20.34
CA ASP C 320 -13.94 -6.94 -20.94
C ASP C 320 -15.15 -7.48 -21.68
N THR C 321 -16.12 -6.61 -21.94
CA THR C 321 -17.33 -7.07 -22.63
C THR C 321 -17.15 -6.96 -24.11
N VAL C 322 -17.67 -7.98 -24.79
CA VAL C 322 -17.34 -8.34 -26.17
C VAL C 322 -18.61 -8.83 -26.91
N LEU C 323 -18.83 -8.41 -28.14
CA LEU C 323 -20.07 -8.78 -28.82
C LEU C 323 -19.84 -9.02 -30.29
N ASP C 324 -20.64 -9.94 -30.85
CA ASP C 324 -20.45 -10.37 -32.22
C ASP C 324 -21.32 -9.58 -33.19
N ALA C 325 -21.42 -10.07 -34.42
CA ALA C 325 -22.06 -9.28 -35.46
C ALA C 325 -23.57 -9.30 -35.32
N LYS C 326 -24.06 -10.17 -34.44
CA LYS C 326 -25.46 -10.18 -34.09
C LYS C 326 -25.74 -9.40 -32.79
N GLY C 327 -24.76 -9.33 -31.90
CA GLY C 327 -24.94 -8.61 -30.64
C GLY C 327 -24.92 -9.51 -29.43
N LYS C 328 -24.86 -10.82 -29.69
CA LYS C 328 -24.56 -11.81 -28.65
C LYS C 328 -23.26 -11.37 -27.99
N ASN C 329 -23.27 -11.33 -26.66
CA ASN C 329 -22.17 -10.81 -25.86
C ASN C 329 -21.98 -11.59 -24.58
N THR C 330 -20.76 -11.64 -24.08
CA THR C 330 -20.47 -12.24 -22.78
C THR C 330 -19.16 -11.65 -22.35
N LYS C 331 -18.98 -11.50 -21.03
CA LYS C 331 -17.72 -10.97 -20.42
C LYS C 331 -16.52 -11.98 -20.39
N VAL C 332 -15.40 -11.59 -21.00
CA VAL C 332 -14.15 -12.41 -21.01
C VAL C 332 -13.36 -12.46 -19.66
N ILE C 333 -13.37 -13.66 -19.06
CA ILE C 333 -12.53 -14.06 -17.93
C ILE C 333 -11.44 -14.99 -18.50
N THR C 334 -11.74 -16.28 -18.60
CA THR C 334 -11.00 -17.19 -19.49
C THR C 334 -11.69 -17.12 -20.87
N ASN C 335 -11.51 -18.15 -21.69
CA ASN C 335 -12.37 -18.30 -22.87
C ASN C 335 -13.86 -18.26 -22.48
N LEU C 336 -14.73 -18.21 -23.48
CA LEU C 336 -16.02 -18.87 -23.38
C LEU C 336 -16.06 -19.70 -24.66
N ARG C 337 -15.54 -20.92 -24.54
CA ARG C 337 -15.63 -21.90 -25.61
C ARG C 337 -17.05 -21.86 -26.14
N LYS C 338 -18.00 -21.65 -25.24
CA LYS C 338 -19.37 -21.46 -25.64
C LYS C 338 -19.56 -20.23 -26.48
N PHE C 339 -18.90 -19.13 -26.15
CA PHE C 339 -19.13 -17.96 -26.97
C PHE C 339 -18.69 -18.29 -28.38
N LEU C 340 -17.52 -18.89 -28.50
CA LEU C 340 -16.95 -19.16 -29.82
C LEU C 340 -17.70 -20.17 -30.68
N GLU C 341 -18.39 -21.13 -30.06
CA GLU C 341 -19.27 -22.00 -30.84
C GLU C 341 -20.42 -21.22 -31.50
N LEU C 342 -21.24 -20.55 -30.68
CA LEU C 342 -22.47 -19.86 -31.11
C LEU C 342 -22.16 -18.49 -31.68
N CYS C 343 -20.87 -18.19 -31.70
CA CYS C 343 -20.41 -16.89 -32.10
C CYS C 343 -20.56 -16.69 -33.60
N ARG C 344 -20.83 -15.46 -34.00
CA ARG C 344 -21.11 -15.21 -35.41
C ARG C 344 -20.39 -13.98 -35.88
N PRO C 345 -19.23 -14.17 -36.57
CA PRO C 345 -18.18 -13.19 -36.85
C PRO C 345 -18.59 -12.11 -37.85
N PHE C 346 -17.82 -11.03 -37.85
CA PHE C 346 -18.07 -9.93 -38.72
C PHE C 346 -17.41 -10.34 -40.01
N VAL C 347 -18.17 -10.97 -40.88
CA VAL C 347 -17.66 -11.48 -42.15
C VAL C 347 -17.37 -10.33 -43.12
N LYS C 348 -16.09 -10.02 -43.34
CA LYS C 348 -15.71 -9.05 -44.36
C LYS C 348 -15.31 -9.64 -45.70
N LYS C 349 -14.67 -10.81 -45.68
CA LYS C 349 -14.25 -11.48 -46.90
C LYS C 349 -14.59 -12.95 -46.78
N ASP C 350 -15.54 -13.38 -47.61
CA ASP C 350 -16.25 -14.67 -47.41
C ASP C 350 -15.82 -15.87 -48.28
N VAL C 351 -15.02 -15.63 -49.31
CA VAL C 351 -14.21 -16.72 -49.88
C VAL C 351 -12.81 -16.48 -49.34
N LEU C 352 -12.20 -17.48 -48.71
CA LEU C 352 -10.77 -17.40 -48.40
C LEU C 352 -9.94 -18.48 -49.10
N SER C 353 -8.84 -18.09 -49.74
CA SER C 353 -7.93 -19.08 -50.33
C SER C 353 -6.69 -19.45 -49.47
N VAL C 354 -6.76 -20.66 -48.92
CA VAL C 354 -5.64 -21.28 -48.19
C VAL C 354 -4.65 -22.00 -49.12
N GLU C 355 -3.39 -21.95 -48.73
CA GLU C 355 -2.42 -22.91 -49.26
C GLU C 355 -2.12 -23.78 -48.08
N ILE C 356 -2.06 -25.10 -48.32
CA ILE C 356 -1.75 -26.02 -47.25
C ILE C 356 -0.33 -26.57 -47.40
N ILE C 357 0.37 -26.71 -46.28
CA ILE C 357 1.64 -27.42 -46.28
C ILE C 357 1.63 -28.48 -45.16
N SER C 358 2.10 -29.67 -45.44
CA SER C 358 2.37 -30.57 -44.35
C SER C 358 3.75 -31.18 -44.42
N VAL C 359 4.42 -31.15 -43.26
CA VAL C 359 5.74 -31.73 -43.05
C VAL C 359 5.57 -33.03 -42.22
N SER C 360 6.31 -34.08 -42.58
CA SER C 360 6.07 -35.36 -41.94
C SER C 360 7.04 -36.45 -42.36
N VAL C 361 7.24 -37.44 -41.49
CA VAL C 361 8.24 -38.45 -41.73
C VAL C 361 7.80 -39.38 -42.83
N TYR C 362 6.58 -39.88 -42.76
CA TYR C 362 6.11 -40.88 -43.73
C TYR C 362 4.90 -40.40 -44.51
N LYS C 363 4.57 -41.19 -45.53
CA LYS C 363 3.74 -40.76 -46.64
C LYS C 363 2.23 -40.85 -46.46
N LYS C 364 1.73 -41.80 -45.68
CA LYS C 364 0.31 -41.98 -45.72
C LYS C 364 -0.40 -41.77 -44.41
N LEU C 365 0.22 -41.05 -43.49
CA LEU C 365 -0.39 -40.87 -42.20
C LEU C 365 -0.91 -39.45 -42.00
N GLU C 366 -1.69 -38.95 -42.97
CA GLU C 366 -2.30 -37.58 -42.88
C GLU C 366 -3.66 -37.48 -42.19
N TRP C 367 -4.22 -38.63 -41.76
CA TRP C 367 -5.61 -38.72 -41.31
C TRP C 367 -5.97 -37.79 -40.14
N ARG C 368 -5.17 -37.69 -39.09
CA ARG C 368 -5.50 -36.72 -38.02
C ARG C 368 -5.64 -35.32 -38.61
N LYS C 369 -4.65 -34.93 -39.41
CA LYS C 369 -4.60 -33.60 -40.01
C LYS C 369 -5.76 -33.41 -40.95
N GLU C 370 -6.02 -34.41 -41.79
CA GLU C 370 -7.11 -34.34 -42.74
C GLU C 370 -8.43 -34.18 -42.02
N GLU C 371 -8.65 -34.96 -40.95
CA GLU C 371 -9.88 -34.83 -40.15
C GLU C 371 -9.97 -33.44 -39.55
N PHE C 372 -8.93 -33.02 -38.82
CA PHE C 372 -8.93 -31.66 -38.30
C PHE C 372 -9.31 -30.60 -39.36
N LEU C 373 -8.75 -30.72 -40.56
CA LEU C 373 -8.97 -29.74 -41.60
C LEU C 373 -10.40 -29.76 -42.03
N LYS C 374 -10.93 -30.96 -42.23
CA LYS C 374 -12.33 -31.15 -42.54
C LYS C 374 -13.22 -30.42 -41.55
N GLU C 375 -12.95 -30.54 -40.26
CA GLU C 375 -13.89 -29.94 -39.33
C GLU C 375 -13.76 -28.41 -39.20
N LEU C 376 -12.58 -27.89 -39.52
CA LEU C 376 -12.39 -26.45 -39.61
C LEU C 376 -13.16 -25.90 -40.77
N ILE C 377 -12.89 -26.43 -41.96
CA ILE C 377 -13.56 -25.95 -43.15
C ILE C 377 -15.07 -25.82 -42.89
N ASN C 378 -15.64 -26.89 -42.36
CA ASN C 378 -17.04 -27.00 -41.98
C ASN C 378 -17.51 -25.86 -41.09
N PHE C 379 -16.87 -25.78 -39.91
CA PHE C 379 -17.15 -24.79 -38.89
C PHE C 379 -17.18 -23.43 -39.53
N LEU C 380 -16.07 -23.05 -40.17
CA LEU C 380 -15.94 -21.79 -40.88
C LEU C 380 -17.05 -21.52 -41.92
N LYS C 381 -17.50 -22.56 -42.62
CA LYS C 381 -18.65 -22.45 -43.53
C LYS C 381 -19.92 -22.11 -42.78
N ASN C 382 -20.20 -22.84 -41.72
CA ASN C 382 -21.32 -22.53 -40.85
C ASN C 382 -21.18 -21.16 -40.18
N LYS C 383 -20.37 -20.29 -40.77
CA LYS C 383 -20.13 -18.98 -40.19
C LYS C 383 -20.15 -17.94 -41.28
N GLY C 384 -20.34 -18.40 -42.51
CA GLY C 384 -20.47 -17.50 -43.66
C GLY C 384 -19.23 -17.50 -44.51
N ILE C 385 -18.24 -18.25 -44.04
CA ILE C 385 -16.97 -18.39 -44.75
C ILE C 385 -16.77 -19.76 -45.38
N LYS C 386 -16.46 -19.76 -46.66
CA LYS C 386 -16.07 -21.00 -47.34
C LYS C 386 -14.57 -20.93 -47.55
N LEU C 387 -13.84 -21.87 -46.94
CA LEU C 387 -12.43 -22.06 -47.29
C LEU C 387 -12.27 -22.78 -48.60
N LYS C 388 -11.38 -22.25 -49.45
CA LYS C 388 -11.01 -22.86 -50.75
C LYS C 388 -9.49 -23.09 -50.85
N ILE C 389 -9.07 -24.32 -51.15
CA ILE C 389 -7.67 -24.74 -51.13
C ILE C 389 -6.96 -24.63 -52.50
N LYS C 390 -5.93 -23.79 -52.57
CA LYS C 390 -5.30 -23.51 -53.86
C LYS C 390 -4.25 -24.55 -54.19
N GLY C 391 -3.60 -25.08 -53.16
CA GLY C 391 -2.51 -26.03 -53.34
C GLY C 391 -2.28 -26.72 -52.03
N LYS C 392 -1.86 -27.99 -52.09
CA LYS C 392 -1.30 -28.68 -50.94
C LYS C 392 0.11 -29.04 -51.33
N SER C 393 0.97 -29.23 -50.31
CA SER C 393 2.32 -29.73 -50.47
C SER C 393 2.64 -30.71 -49.37
N LEU C 394 2.82 -31.96 -49.71
CA LEU C 394 3.26 -32.87 -48.68
C LEU C 394 4.80 -32.90 -48.72
N ILE C 395 5.46 -32.51 -47.64
CA ILE C 395 6.89 -32.56 -47.59
C ILE C 395 7.29 -33.68 -46.66
N LEU C 396 7.95 -34.71 -47.20
CA LEU C 396 8.59 -35.72 -46.32
C LEU C 396 10.00 -35.28 -45.88
N ALA C 397 10.38 -35.51 -44.63
CA ALA C 397 11.66 -35.08 -44.06
C ALA C 397 11.96 -35.85 -42.79
N GLN C 398 13.24 -36.00 -42.42
CA GLN C 398 13.58 -36.79 -41.22
C GLN C 398 14.22 -36.11 -39.99
N THR C 399 14.64 -34.85 -40.15
CA THR C 399 15.17 -34.02 -39.07
C THR C 399 14.64 -32.62 -39.23
N ARG C 400 14.87 -31.72 -38.26
CA ARG C 400 14.44 -30.33 -38.41
C ARG C 400 15.06 -29.68 -39.63
N GLU C 401 16.36 -29.97 -39.82
CA GLU C 401 17.11 -29.40 -40.94
C GLU C 401 16.49 -29.82 -42.27
N GLU C 402 16.32 -31.14 -42.45
CA GLU C 402 15.78 -31.60 -43.70
C GLU C 402 14.46 -30.88 -43.98
N ALA C 403 13.58 -30.85 -42.98
CA ALA C 403 12.36 -30.03 -43.02
C ALA C 403 12.64 -28.61 -43.50
N LYS C 404 13.49 -27.90 -42.75
CA LYS C 404 13.96 -26.57 -43.08
C LYS C 404 14.40 -26.48 -44.53
N GLU C 405 15.50 -27.13 -44.89
CA GLU C 405 15.95 -27.01 -46.27
C GLU C 405 14.81 -27.12 -47.27
N LYS C 406 13.86 -28.02 -47.00
CA LYS C 406 12.75 -28.29 -47.93
C LYS C 406 11.60 -27.27 -47.86
N LEU C 407 11.36 -26.73 -46.67
CA LEU C 407 10.35 -25.69 -46.58
C LEU C 407 10.69 -24.47 -47.44
N ILE C 408 11.98 -24.10 -47.42
CA ILE C 408 12.50 -22.86 -48.07
C ILE C 408 12.01 -22.56 -49.50
N PRO C 409 12.18 -23.51 -50.48
CA PRO C 409 11.60 -23.24 -51.78
C PRO C 409 10.07 -23.36 -51.78
N VAL C 410 9.51 -24.27 -51.01
CA VAL C 410 8.05 -24.43 -51.00
C VAL C 410 7.40 -23.10 -50.61
N ILE C 411 7.80 -22.55 -49.44
CA ILE C 411 7.34 -21.26 -48.95
C ILE C 411 7.65 -20.16 -49.94
N ASN C 412 8.83 -20.22 -50.54
CA ASN C 412 9.23 -19.24 -51.58
C ASN C 412 8.25 -19.01 -52.73
N LYS C 413 7.64 -20.05 -53.25
CA LYS C 413 6.80 -19.89 -54.44
C LYS C 413 5.45 -19.33 -54.10
N ILE C 414 5.16 -19.23 -52.79
CA ILE C 414 3.82 -18.92 -52.33
C ILE C 414 3.43 -17.43 -52.47
N LYS C 415 2.33 -17.20 -53.19
CA LYS C 415 1.90 -15.90 -53.71
C LYS C 415 0.37 -15.86 -53.79
N ASP C 416 -0.25 -14.72 -53.44
CA ASP C 416 -1.68 -14.52 -53.64
C ASP C 416 -2.50 -15.56 -52.89
N VAL C 417 -2.69 -15.34 -51.60
CA VAL C 417 -3.41 -16.29 -50.79
C VAL C 417 -3.87 -15.60 -49.51
N ASP C 418 -5.03 -15.96 -48.98
CA ASP C 418 -5.44 -15.29 -47.76
C ASP C 418 -4.70 -15.85 -46.54
N LEU C 419 -4.41 -17.14 -46.53
CA LEU C 419 -3.82 -17.77 -45.37
C LEU C 419 -3.11 -19.03 -45.78
N VAL C 420 -2.03 -19.37 -45.09
CA VAL C 420 -1.36 -20.66 -45.28
C VAL C 420 -1.55 -21.48 -44.02
N ILE C 421 -1.97 -22.75 -44.16
CA ILE C 421 -1.94 -23.64 -43.00
C ILE C 421 -0.86 -24.69 -43.14
N VAL C 422 -0.10 -24.87 -42.05
CA VAL C 422 1.11 -25.70 -42.06
C VAL C 422 1.02 -26.74 -40.97
N PHE C 423 1.02 -28.02 -41.32
CA PHE C 423 1.13 -29.09 -40.32
C PHE C 423 2.54 -29.58 -40.12
N LEU C 424 3.07 -29.33 -38.94
CA LEU C 424 4.44 -29.68 -38.61
C LEU C 424 4.58 -30.94 -37.77
N GLU C 425 5.23 -31.95 -38.32
CA GLU C 425 5.54 -33.12 -37.53
C GLU C 425 6.53 -32.84 -36.42
N GLU C 426 6.56 -33.74 -35.45
CA GLU C 426 7.49 -33.64 -34.33
C GLU C 426 8.93 -33.99 -34.71
N TYR C 427 9.85 -33.07 -34.52
CA TYR C 427 11.24 -33.37 -34.79
C TYR C 427 12.14 -33.28 -33.54
N PRO C 428 12.71 -34.44 -33.19
CA PRO C 428 13.12 -34.85 -31.85
C PRO C 428 14.24 -34.01 -31.19
N LYS C 429 15.43 -34.01 -31.78
CA LYS C 429 16.53 -33.15 -31.32
C LYS C 429 17.17 -32.39 -32.48
N VAL C 430 18.33 -31.78 -32.21
CA VAL C 430 19.28 -31.29 -33.24
C VAL C 430 20.74 -31.35 -32.77
N ASP C 431 21.61 -30.65 -33.51
CA ASP C 431 22.85 -30.15 -32.94
C ASP C 431 22.50 -29.10 -31.92
N PRO C 432 23.08 -29.22 -30.71
CA PRO C 432 22.84 -28.33 -29.58
C PRO C 432 23.41 -26.93 -29.80
N TYR C 433 24.41 -26.81 -30.67
CA TYR C 433 24.82 -25.48 -31.10
C TYR C 433 23.88 -25.05 -32.21
N LYS C 434 23.67 -25.92 -33.22
CA LYS C 434 22.65 -25.69 -34.26
C LYS C 434 21.21 -25.54 -33.73
N SER C 435 21.09 -24.82 -32.61
CA SER C 435 19.88 -24.12 -32.18
C SER C 435 18.90 -23.90 -33.37
N PHE C 436 17.59 -24.03 -33.11
CA PHE C 436 16.55 -23.82 -34.14
C PHE C 436 15.15 -24.33 -33.74
N LEU C 437 14.19 -23.45 -33.49
CA LEU C 437 12.81 -23.96 -33.34
C LEU C 437 12.08 -23.96 -34.69
N LEU C 438 11.65 -25.14 -35.14
CA LEU C 438 11.04 -25.31 -36.49
C LEU C 438 9.72 -24.54 -36.71
N TYR C 439 8.80 -24.61 -35.75
CA TYR C 439 7.55 -23.85 -35.76
C TYR C 439 7.83 -22.38 -36.05
N ASP C 440 8.77 -21.80 -35.32
CA ASP C 440 9.18 -20.41 -35.49
C ASP C 440 9.65 -20.12 -36.90
N PHE C 441 10.68 -20.82 -37.32
CA PHE C 441 11.18 -20.69 -38.66
C PHE C 441 10.05 -20.45 -39.65
N VAL C 442 9.04 -21.33 -39.63
CA VAL C 442 7.92 -21.22 -40.55
C VAL C 442 7.26 -19.88 -40.34
N LYS C 443 6.94 -19.58 -39.08
CA LYS C 443 6.25 -18.35 -38.70
C LYS C 443 7.01 -17.16 -39.30
N ARG C 444 8.31 -17.09 -38.99
CA ARG C 444 9.27 -16.16 -39.58
C ARG C 444 9.20 -16.04 -41.10
N GLU C 445 9.31 -17.17 -41.81
CA GLU C 445 9.33 -17.11 -43.27
C GLU C 445 8.07 -16.55 -43.86
N LEU C 446 6.99 -16.56 -43.10
CA LEU C 446 5.68 -16.27 -43.64
C LEU C 446 5.29 -14.85 -43.27
N LEU C 447 5.66 -14.45 -42.05
CA LEU C 447 5.63 -13.07 -41.62
C LEU C 447 6.44 -12.15 -42.54
N LYS C 448 7.67 -12.54 -42.93
CA LYS C 448 8.43 -11.85 -44.02
C LYS C 448 7.65 -11.65 -45.34
N LYS C 449 6.66 -12.50 -45.59
CA LYS C 449 5.91 -12.46 -46.83
C LYS C 449 4.59 -11.70 -46.64
N MET C 450 4.38 -11.18 -45.43
CA MET C 450 3.09 -10.62 -45.01
C MET C 450 1.91 -11.58 -45.14
N ILE C 451 2.17 -12.88 -45.12
CA ILE C 451 1.10 -13.83 -45.27
C ILE C 451 0.61 -14.31 -43.92
N PRO C 452 -0.67 -14.14 -43.65
CA PRO C 452 -1.18 -14.61 -42.37
C PRO C 452 -1.08 -16.13 -42.36
N SER C 453 -0.57 -16.73 -41.29
CA SER C 453 -0.40 -18.18 -41.33
C SER C 453 -0.89 -18.91 -40.09
N GLN C 454 -1.23 -20.19 -40.23
CA GLN C 454 -1.54 -21.02 -39.07
C GLN C 454 -0.71 -22.27 -39.11
N VAL C 455 0.10 -22.40 -38.07
CA VAL C 455 1.05 -23.48 -37.94
C VAL C 455 0.55 -24.42 -36.84
N ILE C 456 0.20 -25.63 -37.22
CA ILE C 456 -0.40 -26.52 -36.28
C ILE C 456 0.61 -27.63 -35.99
N LEU C 457 0.95 -27.78 -34.71
CA LEU C 457 1.89 -28.81 -34.27
C LEU C 457 1.21 -30.20 -34.26
N ASN C 458 1.88 -31.19 -34.82
CA ASN C 458 1.22 -32.47 -34.95
C ASN C 458 1.23 -33.16 -33.59
N ARG C 459 2.08 -32.66 -32.70
CA ARG C 459 2.00 -33.03 -31.30
C ARG C 459 0.66 -32.61 -30.69
N THR C 460 0.17 -31.44 -31.10
CA THR C 460 -1.06 -30.90 -30.52
C THR C 460 -2.27 -31.74 -30.84
N LEU C 461 -2.35 -32.22 -32.07
CA LEU C 461 -3.44 -33.08 -32.49
C LEU C 461 -3.35 -34.47 -31.86
N LYS C 462 -2.16 -34.89 -31.42
CA LYS C 462 -2.01 -36.17 -30.75
C LYS C 462 -2.30 -36.09 -29.26
N ASN C 463 -2.42 -34.89 -28.73
CA ASN C 463 -2.49 -34.73 -27.30
C ASN C 463 -3.75 -34.07 -26.86
N GLU C 464 -4.22 -33.10 -27.64
CA GLU C 464 -5.35 -32.30 -27.26
C GLU C 464 -6.55 -32.75 -28.04
N ASN C 465 -7.71 -32.31 -27.59
CA ASN C 465 -8.97 -32.80 -28.11
C ASN C 465 -9.33 -31.97 -29.31
N LEU C 466 -9.88 -32.65 -30.31
CA LEU C 466 -10.16 -32.07 -31.62
C LEU C 466 -10.97 -30.77 -31.52
N LYS C 467 -12.02 -30.78 -30.70
CA LYS C 467 -12.85 -29.59 -30.56
C LYS C 467 -12.11 -28.51 -29.84
N PHE C 468 -11.40 -28.86 -28.77
CA PHE C 468 -10.65 -27.86 -28.03
C PHE C 468 -9.81 -27.14 -29.05
N VAL C 469 -8.92 -27.90 -29.71
CA VAL C 469 -8.05 -27.34 -30.74
C VAL C 469 -8.86 -26.58 -31.75
N LEU C 470 -9.84 -27.23 -32.34
CA LEU C 470 -10.66 -26.58 -33.38
C LEU C 470 -10.95 -25.08 -33.18
N LEU C 471 -11.29 -24.71 -31.95
CA LEU C 471 -11.74 -23.36 -31.65
C LEU C 471 -10.58 -22.39 -31.55
N ASN C 472 -9.57 -22.74 -30.76
CA ASN C 472 -8.35 -21.94 -30.66
C ASN C 472 -7.86 -21.53 -32.03
N VAL C 473 -7.93 -22.46 -33.00
CA VAL C 473 -7.46 -22.22 -34.34
C VAL C 473 -8.48 -21.32 -35.00
N ALA C 474 -9.74 -21.73 -34.85
CA ALA C 474 -10.85 -21.10 -35.52
C ALA C 474 -10.89 -19.64 -35.14
N GLU C 475 -10.65 -19.36 -33.86
CA GLU C 475 -10.68 -17.97 -33.43
C GLU C 475 -9.53 -17.07 -34.00
N GLN C 476 -8.31 -17.61 -34.13
CA GLN C 476 -7.16 -16.90 -34.70
C GLN C 476 -7.26 -16.68 -36.19
N VAL C 477 -7.39 -17.77 -36.93
CA VAL C 477 -7.72 -17.76 -38.35
C VAL C 477 -8.83 -16.73 -38.79
N LEU C 478 -9.93 -16.64 -38.01
CA LEU C 478 -11.00 -15.69 -38.27
C LEU C 478 -10.46 -14.26 -38.18
N ALA C 479 -9.62 -14.02 -37.19
CA ALA C 479 -9.08 -12.73 -36.92
C ALA C 479 -8.01 -12.42 -37.94
N LYS C 480 -6.95 -13.23 -37.90
CA LYS C 480 -5.89 -13.29 -38.92
C LYS C 480 -6.33 -12.75 -40.28
N THR C 481 -7.45 -13.27 -40.79
CA THR C 481 -7.85 -13.08 -42.16
C THR C 481 -8.95 -12.05 -42.29
N GLY C 482 -9.03 -11.11 -41.37
CA GLY C 482 -9.95 -9.94 -41.54
C GLY C 482 -11.41 -10.06 -41.06
N ASN C 483 -11.88 -11.28 -40.81
CA ASN C 483 -13.26 -11.49 -40.42
C ASN C 483 -13.33 -11.54 -38.90
N ILE C 484 -13.15 -10.40 -38.25
CA ILE C 484 -13.08 -10.28 -36.78
C ILE C 484 -14.23 -10.99 -36.09
N PRO C 485 -13.93 -11.93 -35.19
CA PRO C 485 -14.94 -12.80 -34.57
C PRO C 485 -15.85 -12.17 -33.50
N TYR C 486 -15.50 -10.96 -33.05
CA TYR C 486 -16.26 -10.25 -32.00
C TYR C 486 -15.52 -8.99 -31.72
N LYS C 487 -16.20 -8.00 -31.17
CA LYS C 487 -15.56 -6.73 -30.84
C LYS C 487 -15.74 -6.38 -29.37
N LEU C 488 -14.91 -5.48 -28.87
CA LEU C 488 -15.14 -4.92 -27.56
C LEU C 488 -16.36 -4.01 -27.59
N LYS C 489 -17.18 -4.07 -26.54
CA LYS C 489 -18.27 -3.11 -26.46
C LYS C 489 -17.62 -1.72 -26.38
N GLU C 490 -16.81 -1.46 -25.34
CA GLU C 490 -16.08 -0.18 -25.20
C GLU C 490 -14.79 -0.28 -24.36
N ILE C 491 -14.16 0.87 -24.14
CA ILE C 491 -12.94 1.01 -23.33
C ILE C 491 -13.04 2.24 -22.42
N GLU C 492 -12.51 2.18 -21.19
CA GLU C 492 -12.50 3.35 -20.29
C GLU C 492 -11.96 4.55 -21.01
N GLY C 493 -12.48 5.72 -20.72
CA GLY C 493 -11.99 6.95 -21.35
C GLY C 493 -12.64 7.37 -22.67
N LYS C 494 -12.27 8.55 -23.12
CA LYS C 494 -12.86 9.07 -24.33
C LYS C 494 -11.74 9.15 -25.33
N VAL C 495 -11.09 8.00 -25.51
CA VAL C 495 -10.01 7.87 -26.47
C VAL C 495 -10.50 7.68 -27.91
N ASP C 496 -9.83 8.35 -28.85
CA ASP C 496 -10.16 8.29 -30.26
C ASP C 496 -9.35 7.29 -31.10
N ALA C 497 -8.07 7.15 -30.77
CA ALA C 497 -7.18 6.12 -31.34
C ALA C 497 -6.13 5.66 -30.36
N PHE C 498 -5.83 4.36 -30.41
CA PHE C 498 -4.72 3.80 -29.66
C PHE C 498 -3.70 3.42 -30.69
N VAL C 499 -2.47 3.92 -30.53
CA VAL C 499 -1.44 3.80 -31.55
C VAL C 499 -0.22 3.08 -30.97
N GLY C 500 0.15 1.91 -31.53
CA GLY C 500 1.35 1.18 -31.04
C GLY C 500 2.59 1.39 -31.91
N ILE C 501 3.67 1.95 -31.37
CA ILE C 501 4.86 2.21 -32.19
C ILE C 501 5.92 1.21 -31.85
N ASP C 502 6.69 0.81 -32.87
CA ASP C 502 7.87 -0.01 -32.67
C ASP C 502 8.97 0.23 -33.68
N ILE C 503 10.20 0.27 -33.21
CA ILE C 503 11.31 0.76 -33.99
C ILE C 503 12.56 -0.05 -33.66
N SER C 504 13.14 -0.71 -34.66
CA SER C 504 14.45 -1.36 -34.51
C SER C 504 15.51 -0.72 -35.39
N ARG C 505 16.75 -0.64 -34.89
CA ARG C 505 17.86 0.04 -35.60
C ARG C 505 19.16 -0.80 -35.63
N ILE C 506 19.58 -1.25 -36.80
CA ILE C 506 20.94 -1.80 -37.00
C ILE C 506 22.06 -0.77 -36.73
N THR C 507 23.15 -1.19 -36.08
CA THR C 507 24.31 -0.30 -35.77
C THR C 507 25.60 -0.56 -36.62
N ARG C 508 26.52 0.42 -36.63
CA ARG C 508 27.88 0.33 -37.23
C ARG C 508 28.64 1.56 -36.69
N ASP C 509 29.74 1.33 -35.97
CA ASP C 509 30.52 2.39 -35.26
C ASP C 509 29.67 3.33 -34.40
N GLY C 510 28.68 2.79 -33.68
CA GLY C 510 27.81 3.62 -32.84
C GLY C 510 26.87 4.54 -33.64
N LYS C 511 26.91 4.37 -34.97
CA LYS C 511 26.04 5.09 -35.88
C LYS C 511 24.88 4.19 -36.36
N THR C 512 23.64 4.69 -36.22
CA THR C 512 22.43 3.97 -36.63
C THR C 512 22.24 3.97 -38.15
N VAL C 513 22.26 2.79 -38.76
CA VAL C 513 22.19 2.66 -40.23
C VAL C 513 20.79 2.28 -40.83
N ASN C 514 20.45 1.00 -40.87
CA ASN C 514 19.11 0.60 -41.25
C ASN C 514 18.23 0.89 -40.02
N ALA C 515 16.92 1.00 -40.22
CA ALA C 515 15.97 0.88 -39.11
C ALA C 515 14.56 0.59 -39.63
N VAL C 516 13.81 -0.24 -38.90
CA VAL C 516 12.42 -0.58 -39.27
C VAL C 516 11.35 -0.21 -38.21
N ALA C 517 10.41 0.63 -38.64
CA ALA C 517 9.29 1.04 -37.79
C ALA C 517 8.01 0.28 -38.12
N PHE C 518 7.37 -0.26 -37.08
CA PHE C 518 6.06 -0.85 -37.24
C PHE C 518 5.11 -0.10 -36.36
N THR C 519 4.00 0.34 -36.97
CA THR C 519 2.99 1.16 -36.29
C THR C 519 1.59 0.60 -36.46
N LYS C 520 0.79 0.59 -35.44
CA LYS C 520 -0.49 -0.03 -35.61
C LYS C 520 -1.55 0.84 -34.97
N ILE C 521 -2.54 1.21 -35.76
CA ILE C 521 -3.57 2.14 -35.32
C ILE C 521 -4.95 1.51 -35.13
N PHE C 522 -5.57 1.85 -34.02
CA PHE C 522 -6.80 1.22 -33.59
C PHE C 522 -7.83 2.28 -33.21
N ASN C 523 -9.09 2.08 -33.60
CA ASN C 523 -10.12 3.06 -33.26
C ASN C 523 -10.46 3.03 -31.77
N SER C 524 -11.54 3.71 -31.40
CA SER C 524 -11.94 3.86 -30.00
C SER C 524 -12.33 2.53 -29.40
N LYS C 525 -13.25 1.81 -30.07
CA LYS C 525 -13.71 0.45 -29.66
C LYS C 525 -12.58 -0.61 -29.83
N GLY C 526 -11.46 -0.20 -30.43
CA GLY C 526 -10.28 -1.04 -30.44
C GLY C 526 -10.12 -2.02 -31.58
N GLU C 527 -10.58 -1.63 -32.77
CA GLU C 527 -10.32 -2.42 -33.98
C GLU C 527 -9.25 -1.79 -34.82
N LEU C 528 -8.40 -2.62 -35.40
CA LEU C 528 -7.31 -2.14 -36.23
C LEU C 528 -7.91 -1.28 -37.34
N VAL C 529 -7.28 -0.13 -37.60
CA VAL C 529 -7.70 0.76 -38.69
C VAL C 529 -6.78 0.56 -39.89
N ARG C 530 -5.48 0.69 -39.68
CA ARG C 530 -4.51 0.33 -40.71
C ARG C 530 -3.25 0.02 -39.94
N TYR C 531 -2.28 -0.62 -40.57
CA TYR C 531 -0.96 -0.77 -39.95
C TYR C 531 0.02 -0.15 -40.88
N TYR C 532 1.27 -0.02 -40.44
CA TYR C 532 2.30 0.65 -41.21
C TYR C 532 3.67 0.07 -41.03
N LEU C 533 4.16 -0.56 -42.09
CA LEU C 533 5.45 -1.18 -42.02
C LEU C 533 6.38 -0.40 -42.90
N THR C 534 7.28 0.32 -42.24
CA THR C 534 8.16 1.30 -42.88
C THR C 534 9.59 1.07 -42.47
N SER C 535 10.45 0.92 -43.47
CA SER C 535 11.90 0.95 -43.25
C SER C 535 12.36 2.36 -43.51
N TYR C 536 13.45 2.72 -42.82
CA TYR C 536 14.10 4.02 -42.94
C TYR C 536 15.57 3.81 -43.28
N PRO C 537 16.14 4.68 -44.15
CA PRO C 537 17.58 4.62 -44.39
C PRO C 537 18.27 5.39 -43.25
N ALA C 538 19.57 5.69 -43.37
CA ALA C 538 20.27 6.36 -42.29
C ALA C 538 19.90 7.85 -42.10
N PHE C 539 19.37 8.19 -40.91
CA PHE C 539 19.29 9.57 -40.41
C PHE C 539 19.91 9.51 -39.00
N GLY C 540 20.56 10.59 -38.59
CA GLY C 540 21.30 10.54 -37.34
C GLY C 540 21.12 11.83 -36.61
N GLU C 541 20.47 11.73 -35.46
CA GLU C 541 19.87 12.89 -34.79
C GLU C 541 18.43 12.94 -35.30
N LYS C 542 18.29 13.16 -36.61
CA LYS C 542 17.01 13.42 -37.25
C LYS C 542 16.07 12.22 -37.37
N LEU C 543 16.59 11.00 -37.21
CA LEU C 543 15.76 9.79 -37.33
C LEU C 543 14.53 9.85 -36.45
N THR C 544 14.75 10.01 -35.16
CA THR C 544 13.69 10.00 -34.17
C THR C 544 12.53 10.94 -34.54
N GLU C 545 12.89 12.15 -34.97
CA GLU C 545 11.90 13.14 -35.43
C GLU C 545 11.10 12.70 -36.68
N LYS C 546 11.78 12.30 -37.75
CA LYS C 546 11.12 11.80 -38.95
C LYS C 546 10.11 10.73 -38.64
N ALA C 547 10.56 9.74 -37.86
CA ALA C 547 9.82 8.52 -37.64
C ALA C 547 8.50 8.82 -36.97
N ILE C 548 8.52 9.71 -35.99
CA ILE C 548 7.31 10.11 -35.27
C ILE C 548 6.45 10.99 -36.18
N GLY C 549 7.06 12.05 -36.69
CA GLY C 549 6.52 12.88 -37.76
C GLY C 549 5.63 12.09 -38.67
N ASP C 550 6.12 10.99 -39.26
CA ASP C 550 5.30 10.11 -40.10
C ASP C 550 4.02 9.61 -39.44
N VAL C 551 4.13 9.12 -38.21
CA VAL C 551 2.99 8.67 -37.43
C VAL C 551 1.89 9.72 -37.34
N PHE C 552 2.28 11.00 -37.26
CA PHE C 552 1.30 12.11 -37.21
C PHE C 552 0.69 12.46 -38.56
N SER C 553 1.54 12.71 -39.55
CA SER C 553 1.09 12.90 -40.92
C SER C 553 0.19 11.73 -41.32
N LEU C 554 0.31 10.63 -40.60
CA LEU C 554 -0.46 9.45 -40.90
C LEU C 554 -1.83 9.46 -40.29
N LEU C 555 -1.86 9.69 -38.97
CA LEU C 555 -3.10 9.84 -38.22
C LEU C 555 -4.07 10.81 -38.90
N GLU C 556 -3.50 11.86 -39.49
CA GLU C 556 -4.27 12.91 -40.17
C GLU C 556 -4.86 12.49 -41.50
N LYS C 557 -4.15 11.59 -42.20
CA LYS C 557 -4.58 11.11 -43.51
C LYS C 557 -5.67 10.12 -43.23
N LEU C 558 -5.72 9.64 -42.00
CA LEU C 558 -6.84 8.81 -41.60
C LEU C 558 -7.99 9.65 -41.05
N GLY C 559 -7.90 10.96 -41.24
CA GLY C 559 -8.93 11.89 -40.80
C GLY C 559 -9.16 11.91 -39.28
N PHE C 560 -8.13 11.68 -38.49
CA PHE C 560 -8.31 11.93 -37.06
C PHE C 560 -8.43 13.44 -36.84
N LYS C 561 -9.69 13.88 -36.74
CA LYS C 561 -10.03 15.31 -36.67
C LYS C 561 -9.30 15.94 -35.47
N LYS C 562 -8.42 16.89 -35.77
CA LYS C 562 -7.61 17.60 -34.76
C LYS C 562 -8.45 17.93 -33.51
N GLY C 563 -7.79 18.04 -32.36
CA GLY C 563 -8.50 18.08 -31.11
C GLY C 563 -8.90 16.68 -30.66
N SER C 564 -8.67 15.67 -31.51
CA SER C 564 -8.87 14.27 -31.10
C SER C 564 -7.80 13.80 -30.11
N LYS C 565 -8.10 12.72 -29.42
CA LYS C 565 -7.30 12.22 -28.33
C LYS C 565 -6.57 10.93 -28.76
N ILE C 566 -5.27 10.86 -28.50
CA ILE C 566 -4.45 9.77 -29.05
C ILE C 566 -3.55 9.11 -28.00
N VAL C 567 -3.75 7.84 -27.72
CA VAL C 567 -2.90 7.11 -26.77
C VAL C 567 -1.78 6.36 -27.50
N VAL C 568 -0.56 6.43 -27.02
CA VAL C 568 0.55 5.84 -27.73
C VAL C 568 1.26 4.86 -26.83
N HIS C 569 0.98 3.56 -26.94
CA HIS C 569 1.74 2.55 -26.22
C HIS C 569 3.05 2.29 -26.95
N ARG C 570 4.12 1.98 -26.20
CA ARG C 570 5.37 1.49 -26.82
C ARG C 570 6.07 0.38 -26.05
N ASP C 571 6.37 -0.73 -26.75
CA ASP C 571 7.13 -1.89 -26.23
C ASP C 571 8.52 -1.54 -25.69
N GLY C 572 9.15 -0.49 -26.18
CA GLY C 572 10.48 -0.21 -25.70
C GLY C 572 10.50 0.56 -24.41
N ARG C 573 11.33 1.58 -24.42
CA ARG C 573 11.65 2.39 -23.27
C ARG C 573 11.96 3.69 -23.98
N LEU C 574 11.04 4.64 -23.84
CA LEU C 574 11.15 5.91 -24.53
C LEU C 574 12.26 6.71 -23.92
N TYR C 575 13.19 7.19 -24.75
CA TYR C 575 14.20 8.11 -24.24
C TYR C 575 13.85 9.60 -24.49
N ARG C 576 14.51 10.46 -23.74
CA ARG C 576 14.22 11.91 -23.66
C ARG C 576 13.85 12.58 -24.99
N ASP C 577 14.65 12.36 -26.01
CA ASP C 577 14.44 13.01 -27.29
C ASP C 577 13.10 12.64 -27.94
N GLU C 578 12.69 11.38 -27.79
CA GLU C 578 11.36 10.94 -28.24
C GLU C 578 10.26 11.72 -27.54
N VAL C 579 10.36 11.82 -26.22
CA VAL C 579 9.30 12.43 -25.44
C VAL C 579 9.04 13.83 -26.01
N ALA C 580 10.09 14.64 -26.07
CA ALA C 580 9.98 16.00 -26.57
C ALA C 580 9.54 15.97 -28.04
N ALA C 581 10.08 15.01 -28.77
CA ALA C 581 9.70 14.87 -30.16
C ALA C 581 8.19 14.72 -30.26
N PHE C 582 7.58 14.11 -29.23
CA PHE C 582 6.15 13.81 -29.25
C PHE C 582 5.30 15.00 -28.95
N LYS C 583 5.77 15.86 -28.05
CA LYS C 583 5.03 17.08 -27.68
C LYS C 583 4.98 18.01 -28.88
N LYS C 584 6.15 18.15 -29.52
CA LYS C 584 6.29 18.92 -30.73
C LYS C 584 5.16 18.60 -31.70
N TYR C 585 5.01 17.32 -32.00
CA TYR C 585 4.04 16.91 -33.00
C TYR C 585 2.64 16.84 -32.45
N GLY C 586 2.53 16.64 -31.14
CA GLY C 586 1.27 16.78 -30.42
C GLY C 586 0.63 18.13 -30.64
N GLU C 587 1.42 19.21 -30.50
CA GLU C 587 0.97 20.58 -30.85
C GLU C 587 0.68 20.78 -32.33
N LEU C 588 1.75 20.75 -33.13
CA LEU C 588 1.65 20.98 -34.57
C LEU C 588 0.39 20.36 -35.20
N TYR C 589 0.04 19.16 -34.76
CA TYR C 589 -1.15 18.46 -35.26
C TYR C 589 -2.37 18.67 -34.32
N GLY C 590 -2.12 19.21 -33.14
CA GLY C 590 -3.21 19.59 -32.27
C GLY C 590 -3.98 18.40 -31.78
N TYR C 591 -3.30 17.56 -31.01
CA TYR C 591 -3.87 16.35 -30.44
C TYR C 591 -3.57 16.37 -28.95
N SER C 592 -4.46 15.81 -28.12
CA SER C 592 -4.12 15.58 -26.72
C SER C 592 -3.60 14.15 -26.60
N LEU C 593 -2.39 14.00 -26.04
CA LEU C 593 -1.69 12.72 -26.12
C LEU C 593 -1.44 12.11 -24.78
N GLU C 594 -1.76 10.84 -24.66
CA GLU C 594 -1.20 10.08 -23.58
C GLU C 594 -0.13 9.20 -24.19
N LEU C 595 1.04 9.17 -23.55
CA LEU C 595 2.17 8.40 -24.04
C LEU C 595 2.71 7.46 -22.98
N LEU C 596 2.72 6.17 -23.29
CA LEU C 596 3.18 5.15 -22.35
C LEU C 596 4.39 4.40 -22.81
N GLU C 597 5.03 3.81 -21.79
CA GLU C 597 6.26 3.08 -21.91
C GLU C 597 5.83 1.77 -21.31
N ILE C 598 6.08 0.68 -22.03
CA ILE C 598 5.81 -0.64 -21.49
C ILE C 598 7.12 -1.38 -21.40
N ILE C 599 7.53 -1.73 -20.20
CA ILE C 599 8.76 -2.46 -20.03
C ILE C 599 8.35 -3.84 -19.57
N LYS C 600 8.47 -4.82 -20.48
CA LYS C 600 7.91 -6.19 -20.27
C LYS C 600 8.83 -7.16 -19.52
N ARG C 601 10.13 -6.92 -19.59
CA ARG C 601 11.11 -7.89 -19.13
C ARG C 601 11.51 -7.70 -17.67
N ASN C 602 11.57 -8.79 -16.93
CA ASN C 602 12.25 -8.78 -15.63
C ASN C 602 11.64 -7.95 -14.52
N ASN C 603 10.33 -7.85 -14.49
CA ASN C 603 9.71 -7.05 -13.46
C ASN C 603 9.48 -7.87 -12.20
N PRO C 604 9.17 -7.20 -11.08
CA PRO C 604 8.84 -7.93 -9.89
C PRO C 604 7.65 -8.83 -10.14
N ARG C 605 7.50 -9.86 -9.31
CA ARG C 605 6.52 -10.94 -9.51
C ARG C 605 5.41 -10.82 -8.49
N PHE C 606 4.20 -11.22 -8.84
CA PHE C 606 3.18 -11.36 -7.80
C PHE C 606 3.22 -12.79 -7.31
N PHE C 607 3.18 -12.96 -5.99
CA PHE C 607 3.02 -14.28 -5.41
C PHE C 607 1.69 -14.28 -4.74
N SER C 608 0.72 -14.98 -5.31
CA SER C 608 -0.61 -14.96 -4.71
C SER C 608 -1.40 -16.23 -4.84
N ASN C 609 -2.36 -16.36 -3.93
CA ASN C 609 -3.27 -17.52 -3.89
C ASN C 609 -4.31 -17.56 -4.97
N GLU C 610 -4.70 -16.37 -5.43
CA GLU C 610 -5.67 -16.19 -6.50
C GLU C 610 -5.18 -16.67 -7.86
N LYS C 611 -6.02 -17.46 -8.54
CA LYS C 611 -5.67 -17.98 -9.86
C LYS C 611 -5.81 -16.87 -10.90
N PHE C 612 -6.72 -15.94 -10.63
CA PHE C 612 -7.16 -14.96 -11.61
C PHE C 612 -6.61 -13.59 -11.27
N ILE C 613 -5.29 -13.45 -11.42
CA ILE C 613 -4.60 -12.23 -11.02
C ILE C 613 -4.62 -11.16 -12.11
N LYS C 614 -5.37 -11.38 -13.18
CA LYS C 614 -5.42 -10.38 -14.24
C LYS C 614 -6.00 -9.15 -13.59
N GLY C 615 -5.34 -8.02 -13.75
CA GLY C 615 -5.87 -6.75 -13.25
C GLY C 615 -5.25 -6.22 -11.97
N TYR C 616 -4.52 -7.10 -11.27
CA TYR C 616 -3.72 -6.74 -10.10
C TYR C 616 -2.73 -5.68 -10.42
N PHE C 617 -2.17 -5.08 -9.40
CA PHE C 617 -1.13 -4.10 -9.64
C PHE C 617 -0.45 -3.61 -8.36
N TYR C 618 0.66 -2.92 -8.54
CA TYR C 618 1.38 -2.25 -7.48
C TYR C 618 1.91 -0.93 -8.05
N LYS C 619 1.69 0.17 -7.35
CA LYS C 619 1.97 1.47 -7.92
C LYS C 619 3.35 2.00 -7.51
N LEU C 620 4.20 2.24 -8.50
CA LEU C 620 5.52 2.77 -8.22
C LEU C 620 5.57 4.28 -8.37
N SER C 621 6.69 4.84 -7.93
CA SER C 621 6.89 6.28 -7.99
C SER C 621 6.79 6.71 -9.43
N GLU C 622 6.54 8.00 -9.60
CA GLU C 622 6.47 8.62 -10.92
C GLU C 622 5.64 7.82 -11.86
N ASP C 623 4.37 7.69 -11.51
CA ASP C 623 3.35 7.29 -12.46
C ASP C 623 3.51 5.97 -13.20
N SER C 624 4.27 5.03 -12.64
CA SER C 624 4.50 3.78 -13.30
C SER C 624 3.92 2.71 -12.41
N VAL C 625 3.52 1.60 -13.02
CA VAL C 625 2.68 0.64 -12.34
C VAL C 625 3.23 -0.77 -12.68
N ILE C 626 3.20 -1.70 -11.74
CA ILE C 626 3.41 -3.08 -12.07
C ILE C 626 2.03 -3.72 -12.27
N LEU C 627 1.82 -4.34 -13.41
CA LEU C 627 0.51 -4.79 -13.82
C LEU C 627 0.50 -6.23 -14.31
N ALA C 628 -0.33 -7.07 -13.71
CA ALA C 628 -0.61 -8.39 -14.24
C ALA C 628 -1.56 -8.23 -15.44
N THR C 629 -1.23 -8.88 -16.56
CA THR C 629 -2.08 -8.81 -17.74
C THR C 629 -2.66 -10.16 -18.07
N TYR C 630 -2.28 -11.16 -17.29
CA TYR C 630 -2.74 -12.53 -17.54
C TYR C 630 -2.68 -13.39 -16.28
N ASN C 631 -3.48 -14.46 -16.25
CA ASN C 631 -3.59 -15.30 -15.05
C ASN C 631 -2.49 -16.32 -15.04
N GLN C 632 -2.12 -16.74 -13.83
CA GLN C 632 -1.11 -17.78 -13.63
C GLN C 632 -1.57 -19.10 -14.25
N VAL C 633 -1.15 -19.38 -15.49
CA VAL C 633 -1.20 -20.76 -15.96
C VAL C 633 0.14 -21.30 -15.54
N TYR C 634 0.09 -22.42 -14.82
CA TYR C 634 1.24 -22.93 -14.06
C TYR C 634 2.39 -23.52 -14.96
N GLU C 635 3.49 -23.89 -14.30
CA GLU C 635 4.73 -24.36 -14.95
C GLU C 635 5.57 -23.20 -15.47
N GLY C 636 5.11 -22.53 -16.53
CA GLY C 636 5.77 -21.32 -17.07
C GLY C 636 5.60 -20.11 -16.15
N THR C 637 6.54 -19.16 -16.23
CA THR C 637 6.54 -17.95 -15.39
C THR C 637 5.45 -16.93 -15.77
N HIS C 638 4.66 -16.50 -14.76
CA HIS C 638 3.88 -15.28 -14.91
C HIS C 638 4.79 -14.06 -14.60
N GLN C 639 5.15 -13.31 -15.63
CA GLN C 639 5.88 -12.07 -15.41
C GLN C 639 4.99 -10.91 -15.78
N PRO C 640 4.63 -10.05 -14.80
CA PRO C 640 3.89 -8.86 -15.11
C PRO C 640 4.66 -7.84 -15.93
N ILE C 641 3.88 -7.04 -16.65
CA ILE C 641 4.29 -5.91 -17.41
C ILE C 641 4.47 -4.70 -16.47
N LYS C 642 5.43 -3.83 -16.75
CA LYS C 642 5.56 -2.53 -16.07
C LYS C 642 5.09 -1.43 -17.04
N VAL C 643 4.08 -0.70 -16.64
CA VAL C 643 3.47 0.34 -17.44
C VAL C 643 3.71 1.68 -16.76
N ARG C 644 3.91 2.72 -17.57
CA ARG C 644 4.43 3.98 -17.12
C ARG C 644 3.88 5.13 -17.95
N LYS C 645 3.07 5.98 -17.34
CA LYS C 645 2.59 7.21 -17.97
C LYS C 645 3.72 8.22 -18.07
N VAL C 646 4.23 8.41 -19.29
CA VAL C 646 5.28 9.37 -19.50
C VAL C 646 4.67 10.75 -19.41
N TYR C 647 3.57 10.96 -20.14
CA TYR C 647 2.70 12.11 -19.89
C TYR C 647 1.23 11.91 -20.27
N GLY C 648 0.40 12.89 -19.99
CA GLY C 648 -1.02 12.77 -20.28
C GLY C 648 -1.96 13.27 -19.20
N GLU C 649 -3.21 13.52 -19.60
CA GLU C 649 -4.20 14.11 -18.75
C GLU C 649 -4.90 13.05 -17.96
N LEU C 650 -4.87 11.80 -18.45
CA LEU C 650 -5.52 10.64 -17.79
C LEU C 650 -4.69 9.99 -16.70
N PRO C 651 -5.36 9.44 -15.68
CA PRO C 651 -4.71 8.66 -14.62
C PRO C 651 -4.04 7.43 -15.23
N VAL C 652 -2.99 6.92 -14.60
CA VAL C 652 -2.34 5.68 -15.09
C VAL C 652 -3.22 4.43 -14.90
N GLU C 653 -3.94 4.41 -13.80
CA GLU C 653 -4.97 3.41 -13.62
C GLU C 653 -5.96 3.33 -14.82
N VAL C 654 -6.29 4.48 -15.40
CA VAL C 654 -7.19 4.45 -16.55
C VAL C 654 -6.44 3.96 -17.78
N LEU C 655 -5.20 4.43 -17.96
CA LEU C 655 -4.36 3.92 -19.05
C LEU C 655 -4.14 2.40 -18.89
N CYS C 656 -3.91 1.93 -17.67
CA CYS C 656 -3.71 0.52 -17.46
C CYS C 656 -4.91 -0.35 -17.93
N SER C 657 -6.14 0.00 -17.52
CA SER C 657 -7.35 -0.77 -17.96
C SER C 657 -7.53 -0.83 -19.50
N GLN C 658 -7.18 0.25 -20.18
CA GLN C 658 -7.19 0.27 -21.62
C GLN C 658 -6.26 -0.82 -22.09
N ILE C 659 -5.00 -0.73 -21.70
CA ILE C 659 -4.07 -1.84 -21.83
C ILE C 659 -4.72 -3.22 -21.55
N LEU C 660 -5.31 -3.45 -20.37
CA LEU C 660 -6.01 -4.71 -20.14
C LEU C 660 -7.14 -4.98 -21.17
N SER C 661 -7.93 -3.97 -21.53
CA SER C 661 -8.95 -4.15 -22.57
C SER C 661 -8.31 -4.70 -23.84
N LEU C 662 -7.27 -4.01 -24.32
CA LEU C 662 -6.65 -4.30 -25.59
C LEU C 662 -5.99 -5.70 -25.68
N THR C 663 -5.41 -6.18 -24.58
CA THR C 663 -5.15 -7.61 -24.36
C THR C 663 -6.09 -8.58 -25.09
N LEU C 664 -7.37 -8.22 -25.17
CA LEU C 664 -8.36 -9.15 -25.63
C LEU C 664 -8.43 -9.09 -27.14
N MET C 665 -7.86 -8.04 -27.69
CA MET C 665 -7.91 -7.85 -29.13
C MET C 665 -6.83 -8.61 -29.87
N ASN C 666 -5.86 -9.19 -29.15
CA ASN C 666 -4.96 -10.19 -29.76
C ASN C 666 -5.69 -11.43 -30.19
N TYR C 667 -6.98 -11.53 -29.88
CA TYR C 667 -7.79 -12.64 -30.34
C TYR C 667 -7.17 -14.02 -30.07
N SER C 668 -6.95 -14.30 -28.79
CA SER C 668 -6.36 -15.56 -28.41
C SER C 668 -6.91 -16.01 -27.04
N SER C 669 -8.22 -16.18 -26.96
CA SER C 669 -8.88 -16.46 -25.71
C SER C 669 -8.12 -17.51 -24.93
N PHE C 670 -7.51 -18.48 -25.61
CA PHE C 670 -6.93 -19.64 -24.94
C PHE C 670 -5.51 -19.43 -24.46
N GLN C 671 -4.57 -19.05 -25.32
CA GLN C 671 -3.20 -18.77 -24.85
C GLN C 671 -3.16 -17.42 -24.15
N PRO C 672 -2.18 -17.22 -23.25
CA PRO C 672 -2.40 -16.04 -22.42
C PRO C 672 -1.55 -14.87 -22.88
N ILE C 673 -1.97 -14.17 -23.91
CA ILE C 673 -1.09 -13.15 -24.44
C ILE C 673 -0.82 -12.00 -23.47
N LYS C 674 0.45 -11.80 -23.18
CA LYS C 674 0.92 -10.90 -22.14
C LYS C 674 0.81 -9.44 -22.58
N LEU C 675 1.10 -9.17 -23.85
CA LEU C 675 1.11 -7.77 -24.35
C LEU C 675 -0.24 -7.29 -24.91
N PRO C 676 -0.48 -6.00 -24.86
CA PRO C 676 -1.76 -5.58 -25.39
C PRO C 676 -1.68 -5.48 -26.89
N ALA C 677 -2.83 -5.54 -27.53
CA ALA C 677 -2.91 -5.69 -28.95
C ALA C 677 -2.24 -4.58 -29.76
N THR C 678 -2.02 -3.41 -29.19
CA THR C 678 -1.28 -2.38 -29.97
C THR C 678 0.18 -2.71 -30.23
N VAL C 679 0.85 -3.36 -29.29
CA VAL C 679 2.28 -3.59 -29.44
C VAL C 679 2.68 -5.07 -29.45
N HIS C 680 1.71 -5.97 -29.45
CA HIS C 680 1.98 -7.40 -29.30
C HIS C 680 2.71 -7.86 -30.57
N TYR C 681 3.77 -8.66 -30.42
CA TYR C 681 4.57 -9.13 -31.55
C TYR C 681 5.16 -8.00 -32.37
N SER C 682 4.98 -6.77 -31.93
CA SER C 682 5.49 -5.66 -32.72
C SER C 682 6.99 -5.73 -32.89
N ASP C 683 7.70 -5.85 -31.77
CA ASP C 683 9.14 -6.03 -31.79
C ASP C 683 9.62 -7.31 -32.54
N LYS C 684 8.80 -8.36 -32.60
CA LYS C 684 9.18 -9.54 -33.37
C LYS C 684 9.31 -9.17 -34.83
N ILE C 685 8.32 -8.41 -35.33
CA ILE C 685 8.20 -8.02 -36.74
C ILE C 685 9.30 -7.03 -37.11
N THR C 686 9.43 -6.02 -36.30
CA THR C 686 10.44 -5.00 -36.42
C THR C 686 11.90 -5.52 -36.54
N LYS C 687 12.26 -6.50 -35.69
CA LYS C 687 13.60 -7.12 -35.69
C LYS C 687 13.74 -8.00 -36.90
N LEU C 688 12.60 -8.52 -37.32
CA LEU C 688 12.56 -9.56 -38.30
C LEU C 688 12.76 -9.00 -39.70
N MET C 689 12.13 -7.85 -39.96
CA MET C 689 12.22 -7.18 -41.27
C MET C 689 13.55 -6.47 -41.42
N LEU C 690 14.15 -6.07 -40.31
CA LEU C 690 15.50 -5.51 -40.21
C LEU C 690 16.53 -6.39 -40.90
N ARG C 691 16.57 -7.64 -40.42
CA ARG C 691 17.44 -8.67 -40.95
C ARG C 691 17.39 -8.59 -42.49
N GLY C 692 16.23 -8.17 -42.98
CA GLY C 692 15.93 -7.99 -44.40
C GLY C 692 16.96 -7.21 -45.20
N ILE C 693 16.76 -7.26 -46.52
CA ILE C 693 17.83 -7.01 -47.50
C ILE C 693 17.40 -6.05 -48.64
N GLU C 694 16.38 -5.22 -48.41
CA GLU C 694 15.96 -4.19 -49.38
C GLU C 694 14.90 -3.32 -48.72
N PRO C 695 14.81 -2.03 -49.14
CA PRO C 695 13.88 -1.03 -48.59
C PRO C 695 12.38 -1.42 -48.64
N ILE C 696 11.70 -1.20 -47.51
CA ILE C 696 10.30 -1.64 -47.27
C ILE C 696 9.37 -0.45 -46.90
N LYS C 697 8.17 -0.48 -47.47
CA LYS C 697 7.14 0.52 -47.18
C LYS C 697 5.75 -0.03 -47.47
N LYS C 698 5.28 -0.92 -46.62
CA LYS C 698 3.98 -1.55 -46.84
C LYS C 698 2.97 -1.17 -45.74
N GLU C 699 1.69 -1.39 -46.04
CA GLU C 699 0.64 -1.16 -45.07
C GLU C 699 -0.57 -1.99 -45.42
N GLY C 700 -1.55 -2.02 -44.52
CA GLY C 700 -2.80 -2.75 -44.74
C GLY C 700 -3.76 -2.67 -43.57
N ASP C 701 -4.82 -3.47 -43.59
CA ASP C 701 -5.87 -3.40 -42.57
C ASP C 701 -6.33 -4.74 -41.97
N ILE C 702 -5.37 -5.59 -41.65
CA ILE C 702 -5.67 -6.97 -41.32
C ILE C 702 -4.54 -7.52 -40.42
N MET C 703 -4.91 -8.09 -39.27
CA MET C 703 -3.92 -8.63 -38.35
C MET C 703 -3.22 -9.89 -38.89
N TYR C 704 -2.38 -9.68 -39.89
CA TYR C 704 -1.73 -10.77 -40.59
C TYR C 704 -0.68 -11.47 -39.74
N TRP C 705 -0.42 -10.92 -38.56
CA TRP C 705 0.75 -11.30 -37.78
C TRP C 705 0.38 -12.25 -36.64
N LEU C 706 -0.91 -12.27 -36.27
CA LEU C 706 -1.39 -13.11 -35.17
C LEU C 706 -1.01 -14.58 -35.34
N LYS D 3 -11.38 -20.88 23.34
CA LYS D 3 -10.33 -19.81 23.26
C LYS D 3 -10.43 -18.85 22.04
N GLU D 4 -11.60 -18.78 21.40
CA GLU D 4 -11.91 -17.70 20.50
C GLU D 4 -11.93 -16.31 21.16
N ALA D 5 -11.62 -15.29 20.38
CA ALA D 5 -12.18 -13.96 20.65
C ALA D 5 -12.96 -13.56 19.40
N LEU D 6 -14.17 -13.03 19.60
CA LEU D 6 -14.99 -12.58 18.49
C LEU D 6 -14.96 -11.05 18.41
N LEU D 7 -14.96 -10.49 17.20
CA LEU D 7 -15.17 -9.05 17.07
C LEU D 7 -16.58 -8.84 16.55
N ASN D 8 -17.24 -7.77 16.94
CA ASN D 8 -18.53 -7.44 16.34
C ASN D 8 -18.32 -6.85 14.96
N LEU D 9 -17.75 -7.68 14.09
CA LEU D 9 -17.52 -7.37 12.69
C LEU D 9 -18.09 -8.55 11.89
N TYR D 10 -18.80 -8.26 10.81
CA TYR D 10 -19.62 -9.27 10.13
C TYR D 10 -19.41 -9.11 8.65
N ARG D 11 -19.00 -10.20 8.00
CA ARG D 11 -18.72 -10.19 6.57
C ARG D 11 -19.94 -9.77 5.80
N ILE D 12 -19.74 -8.95 4.78
CA ILE D 12 -20.85 -8.32 4.08
C ILE D 12 -20.65 -8.34 2.57
N GLU D 13 -21.65 -8.80 1.82
CA GLU D 13 -21.59 -8.64 0.38
C GLU D 13 -22.91 -8.21 -0.19
N TYR D 14 -22.81 -7.44 -1.28
CA TYR D 14 -23.95 -7.01 -2.08
C TYR D 14 -23.90 -7.55 -3.51
N ARG D 15 -24.69 -8.57 -3.82
CA ARG D 15 -24.87 -9.00 -5.21
C ARG D 15 -26.34 -8.97 -5.51
N PRO D 16 -26.79 -7.89 -6.12
CA PRO D 16 -28.19 -7.95 -6.50
C PRO D 16 -28.28 -8.89 -7.68
N LYS D 17 -29.43 -9.49 -7.92
CA LYS D 17 -29.61 -10.16 -9.22
C LYS D 17 -29.79 -9.09 -10.31
N ASP D 18 -30.46 -8.00 -9.95
CA ASP D 18 -30.57 -6.84 -10.81
C ASP D 18 -29.34 -5.88 -10.74
N THR D 19 -28.48 -5.87 -11.75
CA THR D 19 -27.26 -5.03 -11.70
C THR D 19 -27.45 -3.62 -12.32
N THR D 20 -28.72 -3.27 -12.49
CA THR D 20 -29.21 -2.12 -13.28
C THR D 20 -29.10 -0.81 -12.49
N PHE D 21 -28.17 0.07 -12.89
CA PHE D 21 -27.92 1.29 -12.10
C PHE D 21 -27.87 2.53 -12.96
N THR D 22 -28.47 3.60 -12.50
CA THR D 22 -28.45 4.85 -13.24
C THR D 22 -27.46 5.83 -12.65
N VAL D 23 -26.56 6.36 -13.48
CA VAL D 23 -25.48 7.26 -13.06
C VAL D 23 -25.74 8.76 -13.39
N PHE D 24 -25.43 9.66 -12.46
CA PHE D 24 -25.57 11.13 -12.67
C PHE D 24 -24.26 11.94 -12.50
N LYS D 25 -24.11 13.01 -13.29
CA LYS D 25 -22.91 13.86 -13.28
C LYS D 25 -23.36 15.31 -13.11
N PRO D 26 -22.63 16.10 -12.32
CA PRO D 26 -23.09 17.48 -12.11
C PRO D 26 -22.64 18.39 -13.27
N THR D 27 -23.28 19.56 -13.42
CA THR D 27 -22.85 20.47 -14.49
C THR D 27 -21.57 21.21 -14.13
N HIS D 28 -21.39 21.49 -12.83
CA HIS D 28 -20.19 22.11 -12.27
C HIS D 28 -19.47 21.12 -11.38
N GLU D 29 -18.41 21.55 -10.71
CA GLU D 29 -17.69 20.63 -9.82
C GLU D 29 -18.07 20.84 -8.35
N ILE D 30 -18.88 19.93 -7.83
CA ILE D 30 -19.46 20.06 -6.50
C ILE D 30 -18.40 20.41 -5.48
N GLN D 31 -18.62 21.51 -4.76
CA GLN D 31 -17.78 21.86 -3.60
C GLN D 31 -17.81 20.68 -2.61
N LYS D 32 -16.63 20.23 -2.21
CA LYS D 32 -16.51 18.93 -1.57
C LYS D 32 -17.25 18.77 -0.27
N GLU D 33 -17.36 19.84 0.50
CA GLU D 33 -18.11 19.75 1.75
C GLU D 33 -19.61 19.78 1.54
N LYS D 34 -20.02 19.38 0.33
CA LYS D 34 -21.42 19.33 -0.05
C LYS D 34 -21.74 18.01 -0.73
N LEU D 35 -20.73 17.24 -1.10
CA LEU D 35 -20.89 15.95 -1.78
C LEU D 35 -21.79 14.99 -1.05
N ASN D 36 -21.53 14.83 0.25
CA ASN D 36 -22.38 14.07 1.14
C ASN D 36 -23.78 14.62 1.26
N LYS D 37 -23.87 15.93 1.54
CA LYS D 37 -25.13 16.67 1.46
C LYS D 37 -25.89 16.46 0.12
N VAL D 38 -25.14 16.20 -0.95
CA VAL D 38 -25.71 15.99 -2.29
C VAL D 38 -26.15 14.56 -2.49
N ARG D 39 -25.25 13.61 -2.23
CA ARG D 39 -25.57 12.19 -2.39
C ARG D 39 -26.80 11.83 -1.56
N TRP D 40 -26.90 12.41 -0.36
CA TRP D 40 -28.11 12.32 0.42
C TRP D 40 -29.34 12.79 -0.37
N ARG D 41 -29.29 14.00 -0.89
CA ARG D 41 -30.48 14.56 -1.54
C ARG D 41 -30.91 13.76 -2.77
N VAL D 42 -29.97 13.06 -3.40
CA VAL D 42 -30.30 12.23 -4.54
C VAL D 42 -31.16 11.08 -4.12
N PHE D 43 -30.88 10.52 -2.94
CA PHE D 43 -31.58 9.32 -2.51
C PHE D 43 -32.98 9.64 -2.07
N LEU D 44 -33.13 10.77 -1.36
CA LEU D 44 -34.46 11.35 -1.05
C LEU D 44 -35.39 11.48 -2.25
N GLN D 45 -35.01 12.37 -3.16
CA GLN D 45 -35.71 12.64 -4.41
C GLN D 45 -35.98 11.41 -5.28
N THR D 46 -35.00 10.52 -5.29
CA THR D 46 -34.98 9.39 -6.18
C THR D 46 -35.72 8.20 -5.56
N GLY D 47 -35.60 8.04 -4.25
CA GLY D 47 -36.21 6.93 -3.53
C GLY D 47 -35.36 5.65 -3.51
N LEU D 48 -34.16 5.70 -4.08
CA LEU D 48 -33.29 4.51 -4.26
C LEU D 48 -31.90 4.76 -3.70
N PRO D 49 -31.38 3.83 -2.91
CA PRO D 49 -30.06 4.00 -2.34
C PRO D 49 -29.08 4.48 -3.37
N THR D 50 -28.12 5.28 -2.97
CA THR D 50 -27.13 5.84 -3.87
C THR D 50 -25.73 5.68 -3.28
N PHE D 51 -24.73 5.53 -4.13
CA PHE D 51 -23.37 5.81 -3.71
C PHE D 51 -22.67 6.76 -4.67
N ARG D 52 -21.47 7.20 -4.34
CA ARG D 52 -20.70 8.13 -5.18
C ARG D 52 -19.40 7.52 -5.73
N ARG D 53 -19.19 7.62 -7.04
CA ARG D 53 -17.89 7.41 -7.65
C ARG D 53 -17.35 8.74 -8.12
N GLU D 54 -16.43 9.28 -7.31
CA GLU D 54 -15.84 10.63 -7.48
C GLU D 54 -16.86 11.78 -7.69
N ASP D 55 -16.90 12.34 -8.90
CA ASP D 55 -17.90 13.34 -9.24
C ASP D 55 -19.22 12.70 -9.76
N GLU D 56 -19.31 11.37 -9.75
CA GLU D 56 -20.48 10.70 -10.30
C GLU D 56 -21.29 9.91 -9.25
N PHE D 57 -22.62 9.90 -9.44
CA PHE D 57 -23.58 9.25 -8.51
C PHE D 57 -24.28 8.05 -9.09
N TRP D 58 -24.39 6.99 -8.27
CA TRP D 58 -24.93 5.70 -8.71
C TRP D 58 -26.24 5.33 -8.00
N CYS D 59 -27.32 5.14 -8.77
CA CYS D 59 -28.63 4.86 -8.16
C CYS D 59 -29.19 3.45 -8.35
N ALA D 60 -29.38 2.75 -7.23
CA ALA D 60 -29.92 1.38 -7.20
C ALA D 60 -31.36 1.23 -7.70
N GLY D 61 -31.51 1.48 -9.00
CA GLY D 61 -32.75 1.30 -9.74
C GLY D 61 -32.75 2.08 -11.04
N LYS D 62 -33.94 2.18 -11.66
CA LYS D 62 -34.14 2.81 -12.96
C LYS D 62 -34.79 4.18 -12.81
N VAL D 63 -34.07 5.24 -13.17
CA VAL D 63 -34.61 6.59 -13.13
C VAL D 63 -34.68 7.16 -14.55
N GLU D 64 -35.86 7.60 -15.00
CA GLU D 64 -35.99 8.14 -16.38
C GLU D 64 -35.79 9.65 -16.59
N LYS D 65 -36.04 10.46 -15.58
CA LYS D 65 -35.79 11.91 -15.64
C LYS D 65 -34.37 12.21 -16.18
N ASP D 66 -34.19 13.30 -16.92
CA ASP D 66 -32.91 13.59 -17.60
C ASP D 66 -32.00 14.44 -16.73
N THR D 67 -32.52 15.57 -16.27
CA THR D 67 -31.84 16.31 -15.26
C THR D 67 -32.42 15.97 -13.87
N LEU D 68 -31.58 16.08 -12.83
CA LEU D 68 -32.04 16.09 -11.44
C LEU D 68 -31.66 17.37 -10.66
N TYR D 69 -32.67 17.97 -10.02
CA TYR D 69 -32.50 19.20 -9.26
C TYR D 69 -32.57 18.97 -7.76
N LEU D 70 -31.53 19.40 -7.04
CA LEU D 70 -31.41 19.10 -5.61
C LEU D 70 -31.14 20.40 -4.82
N THR D 71 -31.87 20.62 -3.74
CA THR D 71 -31.78 21.90 -3.05
C THR D 71 -31.24 21.68 -1.65
N LEU D 72 -30.06 22.21 -1.36
CA LEU D 72 -29.49 22.05 -0.02
C LEU D 72 -30.15 22.95 1.02
N SER D 73 -29.47 23.06 2.15
CA SER D 73 -29.91 23.92 3.24
C SER D 73 -29.53 25.39 3.01
N ASN D 74 -28.58 25.65 2.11
CA ASN D 74 -28.33 27.03 1.63
C ASN D 74 -29.56 27.44 0.86
N GLY D 75 -30.22 26.46 0.26
CA GLY D 75 -31.16 26.72 -0.80
C GLY D 75 -30.49 26.59 -2.16
N GLU D 76 -29.15 26.49 -2.17
CA GLU D 76 -28.35 26.25 -3.38
C GLU D 76 -28.94 25.12 -4.27
N ILE D 77 -28.92 25.29 -5.59
CA ILE D 77 -29.43 24.21 -6.48
C ILE D 77 -28.37 23.41 -7.32
N VAL D 78 -28.33 22.10 -7.10
CA VAL D 78 -27.42 21.23 -7.82
C VAL D 78 -28.10 20.46 -8.97
N GLU D 79 -27.56 20.67 -10.17
CA GLU D 79 -28.07 20.04 -11.37
C GLU D 79 -27.27 18.79 -11.62
N LEU D 80 -27.94 17.75 -12.08
CA LEU D 80 -27.26 16.52 -12.46
C LEU D 80 -27.86 16.00 -13.75
N LYS D 81 -27.01 15.63 -14.70
CA LYS D 81 -27.53 15.10 -15.94
C LYS D 81 -27.34 13.60 -15.95
N ARG D 82 -28.45 12.90 -16.16
CA ARG D 82 -28.50 11.46 -16.22
C ARG D 82 -27.50 10.96 -17.25
N VAL D 83 -26.36 10.43 -16.80
CA VAL D 83 -25.27 9.96 -17.72
C VAL D 83 -25.70 8.76 -18.58
N GLY D 84 -26.37 7.79 -17.96
CA GLY D 84 -26.89 6.61 -18.65
C GLY D 84 -26.96 5.49 -17.64
N GLU D 85 -26.93 4.24 -18.09
CA GLU D 85 -26.85 3.11 -17.14
C GLU D 85 -25.50 2.40 -17.16
N GLU D 86 -25.05 1.95 -16.00
CA GLU D 86 -23.82 1.16 -15.88
C GLU D 86 -24.00 -0.07 -15.00
N GLU D 87 -23.18 -1.08 -15.27
CA GLU D 87 -23.24 -2.29 -14.50
C GLU D 87 -22.43 -2.28 -13.21
N PHE D 88 -23.17 -2.53 -12.15
CA PHE D 88 -22.60 -2.65 -10.86
C PHE D 88 -21.65 -3.86 -10.81
N ARG D 89 -20.39 -3.58 -10.51
CA ARG D 89 -19.38 -4.61 -10.43
C ARG D 89 -18.69 -4.65 -9.06
N GLY D 90 -19.53 -4.53 -8.02
CA GLY D 90 -19.03 -4.37 -6.65
C GLY D 90 -18.58 -2.93 -6.39
N PHE D 91 -18.21 -2.66 -5.14
CA PHE D 91 -17.81 -1.32 -4.74
C PHE D 91 -16.30 -1.13 -4.87
N GLN D 92 -15.86 0.10 -5.16
CA GLN D 92 -14.44 0.44 -5.05
C GLN D 92 -14.01 0.95 -3.68
N ASN D 93 -14.86 1.67 -3.00
CA ASN D 93 -14.55 2.11 -1.66
C ASN D 93 -15.28 1.26 -0.63
N GLU D 94 -14.91 1.48 0.62
CA GLU D 94 -15.71 1.06 1.76
C GLU D 94 -16.82 2.06 1.93
N ARG D 95 -16.66 3.18 1.26
CA ARG D 95 -17.60 4.25 1.34
C ARG D 95 -18.76 3.88 0.41
N GLU D 96 -18.46 3.35 -0.77
CA GLU D 96 -19.53 3.10 -1.72
C GLU D 96 -20.48 2.18 -0.99
N CYS D 97 -19.91 1.29 -0.20
CA CYS D 97 -20.67 0.20 0.40
C CYS D 97 -21.58 0.73 1.52
N GLN D 98 -20.94 1.41 2.47
CA GLN D 98 -21.60 2.10 3.54
C GLN D 98 -22.74 3.01 3.05
N GLU D 99 -22.51 3.83 2.04
CA GLU D 99 -23.54 4.78 1.57
C GLU D 99 -24.81 4.04 1.19
N LEU D 100 -24.59 3.03 0.35
CA LEU D 100 -25.64 2.17 -0.15
C LEU D 100 -26.31 1.39 0.99
N PHE D 101 -25.53 0.87 1.92
CA PHE D 101 -26.06 0.07 3.01
C PHE D 101 -27.01 0.92 3.87
N ARG D 102 -26.51 2.07 4.31
CA ARG D 102 -27.31 2.97 5.10
C ARG D 102 -28.61 3.32 4.38
N ASP D 103 -28.55 3.69 3.12
CA ASP D 103 -29.80 4.05 2.45
C ASP D 103 -30.81 2.93 2.48
N PHE D 104 -30.34 1.70 2.34
CA PHE D 104 -31.20 0.54 2.48
C PHE D 104 -31.71 0.51 3.91
N LEU D 105 -30.84 0.74 4.88
CA LEU D 105 -31.30 0.93 6.26
C LEU D 105 -32.43 2.00 6.42
N THR D 106 -32.27 3.18 5.84
CA THR D 106 -33.35 4.16 5.90
C THR D 106 -34.55 3.71 5.09
N LYS D 107 -34.32 3.14 3.92
CA LYS D 107 -35.45 2.78 3.06
C LYS D 107 -36.37 1.76 3.74
N THR D 108 -35.79 0.69 4.29
CA THR D 108 -36.56 -0.35 4.98
C THR D 108 -37.11 0.09 6.33
N LYS D 109 -36.37 0.90 7.08
CA LYS D 109 -36.90 1.41 8.33
C LYS D 109 -36.60 0.47 9.47
N VAL D 110 -35.83 -0.58 9.17
CA VAL D 110 -35.44 -1.53 10.18
C VAL D 110 -34.94 -0.81 11.42
N LYS D 111 -34.02 0.12 11.22
CA LYS D 111 -33.40 0.87 12.32
C LYS D 111 -34.47 1.55 13.18
N ASP D 112 -35.23 2.44 12.56
CA ASP D 112 -36.33 3.16 13.20
C ASP D 112 -37.18 2.32 14.12
N LYS D 113 -37.78 1.28 13.54
CA LYS D 113 -38.62 0.33 14.28
C LYS D 113 -37.86 -0.24 15.49
N PHE D 114 -36.64 -0.75 15.26
CA PHE D 114 -35.84 -1.22 16.37
C PHE D 114 -35.62 -0.11 17.34
N ILE D 115 -35.28 1.06 16.86
CA ILE D 115 -35.06 2.14 17.79
C ILE D 115 -36.32 2.32 18.63
N SER D 116 -37.49 2.02 18.07
CA SER D 116 -38.73 2.38 18.74
C SER D 116 -39.44 1.25 19.50
N ASP D 117 -39.31 0.00 19.06
CA ASP D 117 -39.85 -1.11 19.87
C ASP D 117 -39.01 -1.10 21.12
N PHE D 118 -37.71 -1.07 20.89
CA PHE D 118 -36.74 -1.10 21.94
C PHE D 118 -36.49 0.29 22.53
N TYR D 119 -37.29 1.28 22.13
CA TYR D 119 -37.42 2.46 22.97
C TYR D 119 -38.55 2.19 23.95
N LYS D 120 -39.74 1.89 23.44
CA LYS D 120 -40.94 1.80 24.28
C LYS D 120 -41.00 0.61 25.24
N LYS D 121 -40.14 -0.38 25.00
CA LYS D 121 -40.02 -1.54 25.88
C LYS D 121 -39.06 -1.19 27.01
N PHE D 122 -38.24 -0.19 26.74
CA PHE D 122 -37.16 0.24 27.60
C PHE D 122 -37.58 1.33 28.58
N ARG D 123 -38.61 2.09 28.20
CA ARG D 123 -39.12 3.19 29.01
C ARG D 123 -39.50 2.66 30.38
N ASP D 124 -39.95 1.41 30.41
CA ASP D 124 -40.53 0.78 31.60
C ASP D 124 -39.52 0.35 32.66
N LYS D 125 -38.30 0.03 32.23
CA LYS D 125 -37.24 -0.31 33.17
C LYS D 125 -36.76 0.90 33.97
N ILE D 126 -36.48 2.01 33.29
CA ILE D 126 -36.01 3.27 33.92
C ILE D 126 -36.88 3.73 35.10
N THR D 127 -38.20 3.63 34.92
CA THR D 127 -39.22 4.10 35.88
C THR D 127 -39.09 3.50 37.29
N VAL D 128 -38.46 4.26 38.20
CA VAL D 128 -38.20 3.78 39.57
C VAL D 128 -39.35 4.13 40.52
N GLN D 129 -39.10 3.94 41.83
CA GLN D 129 -40.08 4.06 42.92
C GLN D 129 -40.68 5.48 43.12
N GLY D 130 -41.75 5.57 43.92
CA GLY D 130 -42.39 6.84 44.28
C GLY D 130 -42.03 8.08 43.46
N LYS D 131 -40.91 8.72 43.80
CA LYS D 131 -40.48 10.00 43.21
C LYS D 131 -39.12 9.93 42.47
N ASN D 132 -38.85 10.95 41.63
CA ASN D 132 -37.57 11.14 40.92
C ASN D 132 -37.66 12.26 39.84
N ARG D 133 -36.85 12.13 38.77
CA ARG D 133 -36.77 13.07 37.62
C ARG D 133 -37.72 12.72 36.48
N LYS D 134 -37.22 12.86 35.24
CA LYS D 134 -37.96 12.47 34.04
C LYS D 134 -36.93 12.16 32.95
N ILE D 135 -36.25 11.03 33.09
CA ILE D 135 -35.19 10.64 32.16
C ILE D 135 -35.73 9.81 30.98
N ALA D 136 -35.25 10.11 29.78
CA ALA D 136 -35.45 9.27 28.58
C ALA D 136 -34.16 8.55 28.19
N LEU D 137 -34.23 7.26 27.88
CA LEU D 137 -33.02 6.56 27.46
C LEU D 137 -33.00 6.19 25.95
N ILE D 138 -32.39 7.05 25.13
CA ILE D 138 -32.50 6.95 23.67
C ILE D 138 -31.41 6.09 23.06
N PRO D 139 -31.76 4.88 22.59
CA PRO D 139 -30.73 4.06 21.97
C PRO D 139 -30.27 4.61 20.62
N GLU D 140 -28.97 4.52 20.34
CA GLU D 140 -28.43 4.97 19.08
C GLU D 140 -27.60 3.86 18.49
N VAL D 141 -28.08 3.26 17.40
CA VAL D 141 -27.37 2.20 16.73
C VAL D 141 -26.53 2.80 15.63
N ASN D 142 -25.24 2.51 15.61
CA ASN D 142 -24.34 3.07 14.59
C ASN D 142 -23.78 1.96 13.76
N GLU D 143 -23.40 2.26 12.51
CA GLU D 143 -22.88 1.23 11.60
C GLU D 143 -21.80 1.80 10.72
N LYS D 144 -20.71 1.07 10.57
CA LYS D 144 -19.68 1.45 9.61
C LYS D 144 -19.20 0.22 8.89
N VAL D 145 -18.64 0.44 7.70
CA VAL D 145 -18.20 -0.62 6.82
C VAL D 145 -16.69 -0.54 6.69
N LEU D 146 -16.01 -1.50 7.30
CA LEU D 146 -14.56 -1.55 7.27
C LEU D 146 -14.12 -2.64 6.33
N LYS D 147 -12.84 -2.64 5.95
CA LYS D 147 -12.22 -3.69 5.09
C LYS D 147 -11.27 -4.60 5.90
N SER D 148 -11.45 -5.92 5.76
CA SER D 148 -10.50 -6.89 6.33
C SER D 148 -9.26 -7.11 5.44
N GLU D 149 -8.17 -7.53 6.04
CA GLU D 149 -6.93 -7.80 5.30
C GLU D 149 -7.17 -8.79 4.14
N GLU D 150 -7.98 -9.80 4.38
CA GLU D 150 -8.28 -10.74 3.32
C GLU D 150 -9.04 -10.10 2.15
N GLY D 151 -9.34 -8.81 2.29
CA GLY D 151 -10.06 -8.06 1.27
C GLY D 151 -11.55 -8.25 1.11
N TYR D 152 -12.27 -8.61 2.17
CA TYR D 152 -13.72 -8.40 2.13
C TYR D 152 -14.18 -7.25 3.03
N PHE D 153 -15.40 -6.75 2.79
CA PHE D 153 -15.93 -5.65 3.56
C PHE D 153 -16.57 -6.21 4.79
N LEU D 154 -16.66 -5.36 5.79
CA LEU D 154 -17.15 -5.78 7.07
C LEU D 154 -18.20 -4.82 7.60
N LEU D 155 -19.29 -5.40 8.13
CA LEU D 155 -20.25 -4.61 8.88
C LEU D 155 -19.74 -4.42 10.30
N HIS D 156 -19.53 -3.16 10.65
CA HIS D 156 -19.16 -2.79 11.99
C HIS D 156 -20.36 -2.16 12.68
N LEU D 157 -20.85 -2.83 13.71
CA LEU D 157 -22.18 -2.56 14.21
C LEU D 157 -22.21 -2.57 15.73
N ASP D 158 -22.36 -1.40 16.31
CA ASP D 158 -22.43 -1.26 17.74
C ASP D 158 -23.56 -0.29 18.01
N LEU D 159 -23.91 -0.12 19.29
CA LEU D 159 -24.96 0.80 19.70
C LEU D 159 -24.50 1.51 20.97
N LYS D 160 -25.18 2.56 21.33
CA LYS D 160 -24.99 3.18 22.63
C LYS D 160 -26.19 4.03 22.96
N PHE D 161 -26.14 4.71 24.09
CA PHE D 161 -27.32 5.39 24.58
C PHE D 161 -27.06 6.85 24.82
N ARG D 162 -28.14 7.63 24.83
CA ARG D 162 -28.08 9.01 25.19
C ARG D 162 -29.07 9.21 26.32
N ILE D 163 -28.57 9.64 27.47
CA ILE D 163 -29.44 9.95 28.61
C ILE D 163 -29.84 11.42 28.45
N GLN D 164 -31.09 11.78 28.75
CA GLN D 164 -31.66 13.07 28.30
C GLN D 164 -33.08 13.36 28.83
N PRO D 165 -33.28 14.50 29.52
CA PRO D 165 -34.57 14.71 30.18
C PRO D 165 -35.75 14.78 29.22
N PHE D 166 -36.93 14.40 29.68
CA PHE D 166 -38.16 14.52 28.90
C PHE D 166 -38.54 16.01 28.78
N GLU D 167 -37.58 16.87 29.11
CA GLU D 167 -37.86 18.28 29.37
C GLU D 167 -37.01 19.29 28.61
N THR D 168 -37.69 20.02 27.75
CA THR D 168 -37.22 21.24 27.14
C THR D 168 -36.42 22.08 28.13
N LEU D 169 -35.28 22.60 27.68
CA LEU D 169 -34.39 23.38 28.52
C LEU D 169 -35.10 24.61 29.07
N GLN D 170 -36.17 25.00 28.40
CA GLN D 170 -36.92 26.16 28.82
C GLN D 170 -37.79 25.87 30.03
N THR D 171 -38.47 24.73 30.02
CA THR D 171 -39.32 24.34 31.15
C THR D 171 -38.50 24.22 32.44
N LEU D 172 -37.25 23.79 32.32
CA LEU D 172 -36.29 23.86 33.43
C LEU D 172 -35.90 25.31 33.73
N LEU D 173 -35.74 26.13 32.69
CA LEU D 173 -35.44 27.56 32.83
C LEU D 173 -36.60 28.37 33.44
N GLU D 174 -37.84 27.98 33.13
CA GLU D 174 -39.02 28.66 33.66
C GLU D 174 -39.21 28.35 35.13
N ARG D 175 -39.11 27.06 35.47
CA ARG D 175 -39.53 26.53 36.78
C ARG D 175 -38.48 26.65 37.87
N ASN D 176 -37.28 26.15 37.58
CA ASN D 176 -36.09 26.51 38.37
C ASN D 176 -35.60 27.88 37.91
N ASP D 177 -34.79 28.53 38.74
CA ASP D 177 -34.01 29.70 38.31
C ASP D 177 -32.49 29.40 38.38
N PHE D 178 -32.15 28.17 38.77
CA PHE D 178 -30.77 27.77 39.04
C PHE D 178 -29.96 27.61 37.75
N ASN D 179 -29.35 28.73 37.36
CA ASN D 179 -28.86 28.99 35.99
C ASN D 179 -27.72 28.11 35.48
N PRO D 180 -27.86 27.61 34.24
CA PRO D 180 -26.96 26.68 33.58
C PRO D 180 -25.77 27.34 32.93
N LYS D 181 -24.61 26.86 33.33
CA LYS D 181 -23.36 27.28 32.75
C LYS D 181 -22.67 25.99 32.31
N ARG D 182 -22.15 26.00 31.09
CA ARG D 182 -21.42 24.86 30.52
C ARG D 182 -22.33 23.72 30.04
N ILE D 183 -23.48 23.56 30.70
CA ILE D 183 -24.46 22.51 30.36
C ILE D 183 -24.51 22.15 28.86
N ARG D 184 -24.25 20.87 28.59
CA ARG D 184 -24.26 20.36 27.21
C ARG D 184 -25.68 20.20 26.69
N VAL D 185 -25.88 20.40 25.40
CA VAL D 185 -27.24 20.41 24.89
C VAL D 185 -27.32 19.89 23.46
N LYS D 186 -28.22 18.95 23.22
CA LYS D 186 -28.56 18.49 21.88
C LYS D 186 -29.90 19.10 21.42
N PRO D 187 -29.92 19.76 20.25
CA PRO D 187 -31.16 20.31 19.71
C PRO D 187 -32.03 19.23 19.06
N ILE D 188 -33.31 19.20 19.44
CA ILE D 188 -34.26 18.25 18.90
C ILE D 188 -34.01 18.12 17.41
N GLY D 189 -33.71 16.90 16.96
CA GLY D 189 -33.57 16.61 15.53
C GLY D 189 -32.35 17.20 14.85
N ILE D 190 -31.24 17.27 15.59
CA ILE D 190 -29.94 17.73 15.06
C ILE D 190 -28.87 16.91 15.78
N ASP D 191 -27.70 16.78 15.16
CA ASP D 191 -26.61 15.91 15.63
C ASP D 191 -25.55 16.58 16.52
N PHE D 192 -25.50 17.90 16.49
CA PHE D 192 -24.58 18.71 17.30
C PHE D 192 -24.85 18.54 18.81
N VAL D 193 -23.82 18.75 19.63
CA VAL D 193 -23.98 18.91 21.09
C VAL D 193 -23.13 20.12 21.52
N GLY D 194 -23.71 21.03 22.30
CA GLY D 194 -23.03 22.28 22.62
C GLY D 194 -22.62 22.45 24.07
N ARG D 195 -22.34 23.69 24.45
CA ARG D 195 -22.17 24.10 25.86
C ARG D 195 -22.91 25.41 26.14
N VAL D 196 -23.62 25.44 27.26
CA VAL D 196 -24.39 26.62 27.64
C VAL D 196 -23.52 27.85 27.91
N GLN D 197 -23.85 28.91 27.19
CA GLN D 197 -23.08 30.14 27.14
C GLN D 197 -23.95 31.32 27.56
N ASP D 198 -24.88 31.73 26.68
CA ASP D 198 -25.72 32.94 26.87
C ASP D 198 -27.17 32.65 27.28
N VAL D 199 -27.60 33.31 28.37
CA VAL D 199 -28.99 33.33 28.81
C VAL D 199 -29.58 34.74 28.67
N PHE D 200 -30.50 34.90 27.71
CA PHE D 200 -31.21 36.16 27.54
C PHE D 200 -32.66 35.98 27.04
N LYS D 201 -33.54 36.88 27.50
CA LYS D 201 -34.97 36.82 27.19
C LYS D 201 -35.30 37.09 25.70
N ALA D 202 -36.33 36.41 25.18
CA ALA D 202 -36.80 36.63 23.80
C ALA D 202 -37.51 37.97 23.69
N LYS D 203 -38.18 38.39 24.77
CA LYS D 203 -38.76 39.72 24.91
C LYS D 203 -37.84 40.77 24.29
N GLU D 204 -36.55 40.64 24.59
CA GLU D 204 -35.51 41.62 24.25
C GLU D 204 -35.36 41.92 22.76
N LYS D 205 -35.83 41.01 21.90
CA LYS D 205 -35.76 41.22 20.46
C LYS D 205 -37.15 41.48 19.82
N GLY D 206 -37.27 42.59 19.08
CA GLY D 206 -38.49 42.90 18.33
C GLY D 206 -38.69 41.96 17.15
N GLU D 207 -39.91 41.94 16.62
CA GLU D 207 -40.36 40.92 15.64
C GLU D 207 -39.40 40.81 14.46
N GLU D 208 -38.40 41.68 14.48
CA GLU D 208 -37.45 41.80 13.40
C GLU D 208 -36.53 40.58 13.35
N PHE D 209 -35.94 40.22 14.49
CA PHE D 209 -34.90 39.17 14.57
C PHE D 209 -35.41 37.74 14.32
N PHE D 210 -36.70 37.51 14.57
CA PHE D 210 -37.32 36.19 14.35
C PHE D 210 -37.73 36.00 12.89
N ARG D 211 -37.76 37.09 12.12
CA ARG D 211 -37.83 36.98 10.65
C ARG D 211 -36.45 36.64 10.11
N LEU D 212 -35.42 37.20 10.75
CA LEU D 212 -34.03 37.03 10.33
C LEU D 212 -33.56 35.59 10.49
N CYS D 213 -33.79 35.05 11.68
CA CYS D 213 -33.36 33.69 12.04
C CYS D 213 -34.09 32.62 11.25
N MET D 214 -35.37 32.86 10.98
CA MET D 214 -36.20 31.99 10.16
C MET D 214 -35.59 31.73 8.80
N GLU D 215 -34.93 32.73 8.23
CA GLU D 215 -34.14 32.54 7.01
C GLU D 215 -32.84 31.82 7.35
N ARG D 216 -32.07 32.42 8.25
CA ARG D 216 -30.76 31.90 8.66
C ARG D 216 -30.78 30.42 9.02
N SER D 217 -31.50 30.07 10.10
CA SER D 217 -31.44 28.71 10.69
C SER D 217 -31.38 27.57 9.65
N THR D 218 -30.48 26.62 9.87
CA THR D 218 -30.29 25.55 8.89
C THR D 218 -31.47 24.58 8.88
N HIS D 219 -31.64 23.88 10.01
CA HIS D 219 -32.40 22.63 10.06
C HIS D 219 -33.93 22.81 10.15
N LYS D 220 -34.66 21.78 9.71
CA LYS D 220 -36.12 21.82 9.62
C LYS D 220 -36.81 22.29 10.90
N SER D 221 -36.61 21.52 11.99
CA SER D 221 -37.16 21.84 13.31
C SER D 221 -36.58 23.14 13.89
N SER D 222 -35.28 23.40 13.68
CA SER D 222 -34.67 24.69 14.06
C SER D 222 -35.32 25.88 13.33
N LYS D 223 -36.01 25.61 12.22
CA LYS D 223 -36.82 26.59 11.53
C LYS D 223 -38.22 26.71 12.11
N LYS D 224 -38.86 25.58 12.43
CA LYS D 224 -40.24 25.57 12.98
C LYS D 224 -40.31 26.25 14.34
N ALA D 225 -39.20 26.21 15.06
CA ALA D 225 -39.09 26.81 16.39
C ALA D 225 -39.24 28.31 16.33
N TRP D 226 -38.61 28.91 15.32
CA TRP D 226 -38.64 30.35 15.07
C TRP D 226 -39.95 30.81 14.46
N GLU D 227 -40.44 29.99 13.51
CA GLU D 227 -41.77 30.15 12.92
C GLU D 227 -42.77 30.41 14.05
N GLU D 228 -42.85 29.43 14.96
CA GLU D 228 -43.68 29.45 16.14
C GLU D 228 -43.44 30.70 16.97
N LEU D 229 -42.18 31.12 17.05
CA LEU D 229 -41.78 32.30 17.84
C LEU D 229 -42.15 33.64 17.18
N LEU D 230 -42.16 33.64 15.85
CA LEU D 230 -42.67 34.77 15.08
C LEU D 230 -44.16 34.84 15.33
N LYS D 231 -44.82 33.69 15.20
CA LYS D 231 -46.26 33.63 15.04
C LYS D 231 -47.04 33.40 16.33
N ASN D 232 -46.35 33.18 17.44
CA ASN D 232 -47.04 33.05 18.73
C ASN D 232 -46.55 34.07 19.75
N ARG D 233 -47.22 35.21 19.80
CA ARG D 233 -46.73 36.33 20.57
C ARG D 233 -46.55 36.06 22.04
N GLU D 234 -47.50 35.27 22.59
CA GLU D 234 -47.48 34.91 24.02
C GLU D 234 -46.27 34.03 24.34
N LEU D 235 -45.89 33.15 23.41
CA LEU D 235 -44.66 32.37 23.58
C LEU D 235 -43.43 33.26 23.63
N ARG D 236 -43.24 34.13 22.63
CA ARG D 236 -42.19 35.17 22.70
C ARG D 236 -42.06 35.72 24.12
N GLU D 237 -43.19 36.09 24.71
CA GLU D 237 -43.24 36.59 26.09
C GLU D 237 -42.48 35.71 27.10
N LYS D 238 -42.77 34.40 27.14
CA LYS D 238 -42.15 33.47 28.09
C LYS D 238 -40.75 33.02 27.63
N ALA D 239 -40.55 33.01 26.31
CA ALA D 239 -39.40 32.34 25.69
C ALA D 239 -38.05 32.91 26.11
N PHE D 240 -37.11 32.01 26.41
CA PHE D 240 -35.71 32.32 26.67
C PHE D 240 -34.92 31.91 25.49
N LEU D 241 -34.11 32.82 24.97
CA LEU D 241 -33.14 32.47 23.91
C LEU D 241 -31.77 32.13 24.50
N VAL D 242 -31.12 31.15 23.89
CA VAL D 242 -29.89 30.60 24.42
C VAL D 242 -28.81 30.61 23.35
N VAL D 243 -27.69 31.30 23.62
CA VAL D 243 -26.52 31.22 22.71
C VAL D 243 -25.58 30.13 23.18
N LEU D 244 -24.87 29.52 22.23
CA LEU D 244 -23.90 28.51 22.59
C LEU D 244 -22.47 28.98 22.38
N GLU D 245 -21.58 28.50 23.27
CA GLU D 245 -20.11 28.60 23.12
C GLU D 245 -19.63 28.29 21.69
N LYS D 246 -20.16 27.20 21.14
CA LYS D 246 -19.59 26.60 19.93
C LYS D 246 -20.05 27.27 18.62
N GLY D 247 -20.94 28.25 18.74
CA GLY D 247 -21.15 29.21 17.65
C GLY D 247 -22.56 29.54 17.19
N TYR D 248 -23.58 28.98 17.85
CA TYR D 248 -24.95 29.18 17.38
C TYR D 248 -25.90 29.56 18.51
N THR D 249 -27.02 30.17 18.13
CA THR D 249 -28.11 30.61 19.02
C THR D 249 -29.39 29.87 18.65
N TYR D 250 -30.10 29.40 19.68
CA TYR D 250 -31.35 28.66 19.51
C TYR D 250 -32.41 29.09 20.55
N PRO D 251 -33.69 28.81 20.27
CA PRO D 251 -34.70 28.88 21.33
C PRO D 251 -34.70 27.62 22.20
N ALA D 252 -34.84 27.79 23.50
CA ALA D 252 -34.85 26.65 24.41
C ALA D 252 -35.93 25.59 24.16
N THR D 253 -37.07 25.95 23.55
CA THR D 253 -38.12 24.96 23.26
C THR D 253 -37.65 23.85 22.33
N ILE D 254 -36.35 23.76 22.11
CA ILE D 254 -35.79 22.79 21.17
C ILE D 254 -34.52 22.13 21.76
N LEU D 255 -34.00 22.73 22.82
CA LEU D 255 -32.83 22.21 23.49
C LEU D 255 -33.22 21.26 24.63
N LYS D 256 -32.56 20.10 24.70
CA LYS D 256 -32.71 19.14 25.81
C LYS D 256 -31.32 18.75 26.34
N PRO D 257 -31.08 18.92 27.66
CA PRO D 257 -29.71 18.64 28.14
C PRO D 257 -29.21 17.22 27.86
N VAL D 258 -27.89 17.06 27.83
CA VAL D 258 -27.26 15.75 27.83
C VAL D 258 -26.66 15.43 29.20
N LEU D 259 -27.19 14.38 29.82
CA LEU D 259 -26.80 13.97 31.15
C LEU D 259 -26.06 12.66 31.02
N THR D 260 -24.93 12.50 31.74
CA THR D 260 -24.12 11.25 31.65
C THR D 260 -24.23 10.42 32.95
N TYR D 261 -23.10 10.03 33.56
CA TYR D 261 -23.15 9.19 34.78
C TYR D 261 -23.18 9.99 36.09
N GLU D 262 -22.28 10.96 36.15
CA GLU D 262 -22.11 11.93 37.25
C GLU D 262 -23.33 12.86 37.45
N ASN D 263 -24.55 12.37 37.19
CA ASN D 263 -25.80 13.17 37.37
C ASN D 263 -27.09 12.36 37.48
N LEU D 264 -27.04 11.07 37.13
CA LEU D 264 -28.14 10.14 37.35
C LEU D 264 -28.39 10.13 38.85
N GLU D 265 -29.64 10.16 39.29
CA GLU D 265 -29.83 10.27 40.74
C GLU D 265 -29.40 9.03 41.51
N ASP D 266 -30.33 8.40 42.21
CA ASP D 266 -29.95 7.24 43.01
C ASP D 266 -30.56 5.92 42.59
N GLU D 267 -31.83 5.69 42.91
CA GLU D 267 -32.49 4.48 42.44
C GLU D 267 -32.63 4.48 40.91
N GLU D 268 -32.07 5.51 40.28
CA GLU D 268 -31.91 5.59 38.83
C GLU D 268 -30.50 5.23 38.37
N ARG D 269 -29.49 5.69 39.11
CA ARG D 269 -28.09 5.43 38.76
C ARG D 269 -27.81 3.96 38.46
N ASN D 270 -28.55 3.08 39.14
CA ASN D 270 -28.40 1.63 38.99
C ASN D 270 -29.16 1.12 37.77
N GLU D 271 -30.50 1.21 37.87
CA GLU D 271 -31.41 0.87 36.80
C GLU D 271 -30.87 1.26 35.40
N VAL D 272 -30.58 2.53 35.25
CA VAL D 272 -30.00 3.04 34.02
C VAL D 272 -28.60 2.45 33.74
N ALA D 273 -27.71 2.39 34.74
CA ALA D 273 -26.35 1.88 34.48
C ALA D 273 -26.32 0.39 34.15
N ASP D 274 -27.29 -0.39 34.66
CA ASP D 274 -27.52 -1.79 34.21
C ASP D 274 -27.80 -1.87 32.71
N ILE D 275 -27.76 -0.71 32.07
CA ILE D 275 -28.03 -0.60 30.66
C ILE D 275 -26.97 0.24 29.96
N VAL D 276 -26.49 1.27 30.63
CA VAL D 276 -25.41 2.10 30.07
C VAL D 276 -24.09 1.35 30.26
N ARG D 277 -23.95 0.67 31.41
CA ARG D 277 -22.70 -0.06 31.70
C ARG D 277 -22.64 -1.46 31.07
N MET D 278 -23.79 -2.12 30.88
CA MET D 278 -23.91 -3.28 29.96
C MET D 278 -22.71 -4.23 29.80
N GLU D 279 -22.81 -5.47 30.26
CA GLU D 279 -21.70 -6.39 30.16
C GLU D 279 -21.49 -6.83 28.72
N PRO D 280 -20.22 -7.09 28.30
CA PRO D 280 -20.01 -7.44 26.90
C PRO D 280 -20.94 -8.55 26.49
N GLY D 281 -21.20 -9.48 27.42
CA GLY D 281 -22.19 -10.50 27.17
C GLY D 281 -23.48 -9.94 26.62
N LYS D 282 -24.00 -8.89 27.27
CA LYS D 282 -25.30 -8.30 26.92
C LYS D 282 -25.30 -7.54 25.58
N ARG D 283 -24.31 -6.66 25.41
CA ARG D 283 -24.18 -5.93 24.17
C ARG D 283 -24.24 -6.84 22.94
N LEU D 284 -23.63 -8.02 23.08
CA LEU D 284 -23.43 -8.88 21.94
C LEU D 284 -24.72 -9.50 21.52
N ASN D 285 -25.51 -9.95 22.48
CA ASN D 285 -26.80 -10.53 22.14
C ASN D 285 -27.64 -9.50 21.40
N LEU D 286 -27.53 -8.24 21.85
CA LEU D 286 -28.28 -7.13 21.28
C LEU D 286 -27.79 -6.79 19.92
N ILE D 287 -26.50 -6.65 19.74
CA ILE D 287 -25.96 -6.51 18.39
C ILE D 287 -26.49 -7.61 17.48
N ARG D 288 -26.49 -8.82 18.04
CA ARG D 288 -26.83 -10.00 17.31
C ARG D 288 -28.28 -9.90 16.94
N TYR D 289 -29.08 -9.45 17.90
CA TYR D 289 -30.51 -9.17 17.74
C TYR D 289 -30.81 -8.15 16.64
N ILE D 290 -30.07 -7.03 16.68
CA ILE D 290 -30.19 -5.99 15.67
C ILE D 290 -29.81 -6.52 14.31
N LEU D 291 -28.60 -7.10 14.20
CA LEU D 291 -28.18 -7.73 12.96
C LEU D 291 -29.32 -8.59 12.45
N ARG D 292 -29.83 -9.47 13.32
CA ARG D 292 -30.76 -10.50 12.91
C ARG D 292 -31.88 -9.90 12.15
N ARG D 293 -32.38 -8.78 12.68
CA ARG D 293 -33.36 -7.94 11.99
C ARG D 293 -32.79 -7.45 10.66
N TYR D 294 -31.63 -6.80 10.68
CA TYR D 294 -31.07 -6.20 9.47
C TYR D 294 -31.12 -7.20 8.31
N VAL D 295 -30.82 -8.47 8.62
CA VAL D 295 -30.85 -9.54 7.60
C VAL D 295 -32.29 -9.75 7.10
N LYS D 296 -33.23 -9.82 8.03
CA LYS D 296 -34.64 -10.00 7.65
C LYS D 296 -35.06 -8.95 6.65
N ALA D 297 -34.38 -7.83 6.63
CA ALA D 297 -34.87 -6.69 5.89
C ALA D 297 -34.15 -6.43 4.58
N LEU D 298 -33.04 -7.11 4.37
CA LEU D 298 -32.23 -6.75 3.26
C LEU D 298 -31.88 -7.91 2.36
N ARG D 299 -32.24 -9.14 2.76
CA ARG D 299 -31.93 -10.35 1.97
C ARG D 299 -32.27 -10.15 0.49
N ASP D 300 -33.57 -9.92 0.29
CA ASP D 300 -34.23 -9.75 -0.98
C ASP D 300 -33.68 -8.67 -1.93
N TYR D 301 -32.68 -7.92 -1.49
CA TYR D 301 -32.24 -6.83 -2.32
C TYR D 301 -30.86 -7.11 -2.81
N GLY D 302 -30.28 -8.19 -2.32
CA GLY D 302 -28.95 -8.57 -2.76
C GLY D 302 -27.93 -8.52 -1.67
N TRP D 303 -28.41 -8.32 -0.44
CA TRP D 303 -27.53 -8.10 0.72
C TRP D 303 -27.34 -9.42 1.46
N TYR D 304 -26.06 -9.76 1.67
CA TYR D 304 -25.65 -10.98 2.37
C TYR D 304 -24.79 -10.59 3.58
N ILE D 305 -25.31 -10.78 4.79
CA ILE D 305 -24.60 -10.39 5.97
C ILE D 305 -24.33 -11.63 6.82
N SER D 306 -23.12 -12.18 6.79
CA SER D 306 -22.86 -13.38 7.59
C SER D 306 -23.31 -13.16 9.04
N PRO D 307 -23.92 -14.18 9.64
CA PRO D 307 -24.39 -14.07 11.03
C PRO D 307 -23.31 -14.52 12.05
N GLU D 308 -22.08 -14.53 11.58
CA GLU D 308 -21.02 -15.18 12.28
C GLU D 308 -19.97 -14.15 12.47
N GLU D 309 -19.73 -13.74 13.71
CA GLU D 309 -18.71 -12.73 14.02
C GLU D 309 -17.34 -13.14 13.45
N GLU D 310 -16.51 -12.16 13.04
CA GLU D 310 -15.11 -12.38 12.71
C GLU D 310 -14.39 -12.79 13.98
N ARG D 311 -13.28 -13.53 13.80
CA ARG D 311 -12.44 -13.99 14.92
C ARG D 311 -11.13 -13.26 14.94
N ALA D 312 -10.55 -13.15 16.12
CA ALA D 312 -9.25 -12.49 16.25
C ALA D 312 -8.30 -13.32 15.42
N LYS D 313 -7.46 -12.68 14.62
CA LYS D 313 -6.41 -13.38 13.84
C LYS D 313 -5.46 -14.25 14.67
N GLY D 314 -5.17 -13.83 15.89
CA GLY D 314 -4.24 -14.54 16.72
C GLY D 314 -3.93 -13.72 17.93
N LYS D 315 -3.01 -14.21 18.76
CA LYS D 315 -2.59 -13.48 19.95
C LYS D 315 -1.08 -13.26 19.91
N LEU D 316 -0.64 -12.02 19.67
CA LEU D 316 0.78 -11.64 19.70
C LEU D 316 1.53 -11.90 21.00
N ASN D 317 2.81 -12.22 20.84
CA ASN D 317 3.77 -12.21 21.93
C ASN D 317 4.40 -10.81 22.05
N PHE D 318 5.07 -10.56 23.17
CA PHE D 318 5.72 -9.28 23.46
C PHE D 318 6.57 -9.50 24.69
N LYS D 319 7.69 -8.82 24.79
CA LYS D 319 8.43 -8.88 26.05
C LYS D 319 7.56 -8.27 27.16
N ASP D 320 7.43 -8.97 28.29
CA ASP D 320 6.59 -8.55 29.42
C ASP D 320 7.30 -8.76 30.75
N THR D 321 8.59 -9.04 30.67
CA THR D 321 9.37 -9.27 31.84
C THR D 321 9.97 -7.96 32.28
N VAL D 322 10.03 -7.78 33.59
CA VAL D 322 10.51 -6.54 34.17
C VAL D 322 11.56 -6.89 35.22
N LEU D 323 12.53 -6.01 35.45
CA LEU D 323 13.49 -6.33 36.48
C LEU D 323 13.79 -5.23 37.48
N ASP D 324 14.42 -5.63 38.57
CA ASP D 324 14.68 -4.81 39.72
C ASP D 324 15.85 -3.84 39.53
N ALA D 325 16.32 -3.25 40.62
CA ALA D 325 17.67 -2.65 40.67
C ALA D 325 18.75 -3.72 40.89
N LYS D 326 18.33 -4.93 41.27
CA LYS D 326 19.23 -6.04 41.57
C LYS D 326 18.75 -7.28 40.84
N GLY D 327 18.05 -7.07 39.74
CA GLY D 327 17.84 -8.13 38.77
C GLY D 327 16.74 -9.12 39.05
N LYS D 328 15.94 -8.90 40.09
CA LYS D 328 14.77 -9.76 40.29
C LYS D 328 13.82 -9.65 39.10
N ASN D 329 13.15 -10.76 38.79
CA ASN D 329 12.39 -10.91 37.55
C ASN D 329 10.98 -11.33 37.78
N THR D 330 10.04 -10.78 37.03
CA THR D 330 8.78 -11.49 36.80
C THR D 330 8.22 -11.12 35.45
N LYS D 331 7.19 -11.86 35.05
CA LYS D 331 6.29 -11.43 34.02
C LYS D 331 5.33 -10.57 34.78
N VAL D 332 4.53 -9.77 34.11
CA VAL D 332 3.62 -8.95 34.86
C VAL D 332 2.28 -9.70 35.08
N ILE D 333 1.47 -9.92 34.05
CA ILE D 333 0.22 -10.74 34.21
C ILE D 333 -0.80 -10.34 35.31
N THR D 334 -0.49 -10.57 36.59
CA THR D 334 -1.51 -10.36 37.66
C THR D 334 -1.44 -9.02 38.33
N ASN D 335 -0.37 -8.79 39.08
CA ASN D 335 -0.14 -7.56 39.84
C ASN D 335 0.91 -7.82 40.92
N LEU D 336 1.90 -6.95 40.96
CA LEU D 336 3.18 -7.30 41.53
C LEU D 336 3.23 -7.23 43.06
N ARG D 337 2.36 -7.99 43.73
CA ARG D 337 2.27 -8.04 45.19
C ARG D 337 3.60 -8.41 45.85
N LYS D 338 4.00 -9.69 45.75
CA LYS D 338 5.26 -10.18 46.34
C LYS D 338 6.47 -9.42 45.81
N PHE D 339 6.49 -9.18 44.49
CA PHE D 339 7.57 -8.47 43.85
C PHE D 339 7.75 -7.01 44.34
N LEU D 340 6.66 -6.33 44.65
CA LEU D 340 6.78 -4.95 45.16
C LEU D 340 7.19 -4.94 46.62
N GLU D 341 6.84 -6.03 47.33
CA GLU D 341 7.31 -6.23 48.70
C GLU D 341 8.84 -6.37 48.75
N LEU D 342 9.37 -7.06 47.74
CA LEU D 342 10.79 -7.47 47.66
C LEU D 342 11.72 -6.66 46.75
N CYS D 343 11.20 -5.70 45.99
CA CYS D 343 12.11 -5.03 45.09
C CYS D 343 12.83 -3.89 45.76
N ARG D 344 13.92 -3.47 45.13
CA ARG D 344 14.53 -2.19 45.42
C ARG D 344 14.58 -1.31 44.15
N PRO D 345 13.86 -0.19 44.18
CA PRO D 345 13.71 0.70 43.03
C PRO D 345 15.05 1.27 42.54
N PHE D 346 15.02 2.00 41.43
CA PHE D 346 16.14 2.79 41.00
C PHE D 346 15.94 4.14 41.65
N VAL D 347 16.42 4.24 42.89
CA VAL D 347 16.13 5.38 43.71
C VAL D 347 16.92 6.55 43.15
N LYS D 348 16.23 7.59 42.69
CA LYS D 348 16.88 8.82 42.20
C LYS D 348 16.86 9.99 43.18
N LYS D 349 16.06 9.88 44.23
CA LYS D 349 16.11 10.81 45.35
C LYS D 349 15.89 10.10 46.68
N ASP D 350 16.75 10.39 47.66
CA ASP D 350 16.62 9.94 49.06
C ASP D 350 15.42 10.66 49.71
N VAL D 351 15.48 12.00 49.69
CA VAL D 351 14.41 12.89 50.20
C VAL D 351 13.30 13.08 49.15
N LEU D 352 12.05 13.07 49.61
CA LEU D 352 10.88 13.51 48.85
C LEU D 352 10.08 14.52 49.66
N SER D 353 9.68 15.61 49.00
CA SER D 353 8.86 16.62 49.65
C SER D 353 7.39 16.32 49.32
N VAL D 354 6.52 16.39 50.33
CA VAL D 354 5.14 15.94 50.18
C VAL D 354 4.14 16.86 50.87
N GLU D 355 3.23 17.45 50.12
CA GLU D 355 2.07 18.14 50.71
C GLU D 355 0.92 17.16 50.86
N ILE D 356 0.21 17.25 51.98
CA ILE D 356 -0.97 16.40 52.20
C ILE D 356 -2.24 17.21 52.38
N ILE D 357 -3.08 17.22 51.35
CA ILE D 357 -4.38 17.84 51.47
C ILE D 357 -5.32 16.72 51.80
N SER D 358 -6.38 17.02 52.53
CA SER D 358 -7.46 16.06 52.70
C SER D 358 -8.75 16.82 52.69
N VAL D 359 -9.82 16.16 52.22
CA VAL D 359 -11.12 16.80 52.08
C VAL D 359 -12.20 15.89 52.68
N SER D 360 -12.75 16.34 53.80
CA SER D 360 -13.82 15.63 54.50
C SER D 360 -14.73 16.61 55.22
N VAL D 361 -16.02 16.30 55.25
CA VAL D 361 -17.00 17.08 56.01
C VAL D 361 -16.80 16.89 57.54
N TYR D 362 -16.35 15.69 57.93
CA TYR D 362 -16.15 15.34 59.36
C TYR D 362 -14.71 15.46 59.86
N LYS D 363 -14.57 15.86 61.13
CA LYS D 363 -13.30 16.34 61.63
C LYS D 363 -12.25 15.28 61.94
N LYS D 364 -12.62 14.15 62.53
CA LYS D 364 -11.63 13.10 62.81
C LYS D 364 -11.97 11.70 62.27
N LEU D 365 -12.65 11.68 61.11
CA LEU D 365 -12.81 10.47 60.26
C LEU D 365 -11.46 10.03 59.61
N GLU D 366 -10.47 9.75 60.48
CA GLU D 366 -9.07 9.64 60.08
C GLU D 366 -8.26 8.65 60.88
N TRP D 367 -8.90 7.64 61.47
CA TRP D 367 -8.12 6.58 62.13
C TRP D 367 -7.25 5.84 61.11
N ARG D 368 -7.84 5.59 59.94
CA ARG D 368 -7.21 4.82 58.87
C ARG D 368 -6.16 5.66 58.12
N LYS D 369 -6.47 6.93 57.89
CA LYS D 369 -5.60 7.87 57.17
C LYS D 369 -4.20 7.83 57.71
N GLU D 370 -4.07 8.05 59.03
CA GLU D 370 -2.76 8.25 59.70
C GLU D 370 -2.00 6.94 59.80
N GLU D 371 -2.74 5.86 59.95
CA GLU D 371 -2.13 4.57 60.04
C GLU D 371 -1.54 4.26 58.69
N PHE D 372 -2.42 4.11 57.68
CA PHE D 372 -1.98 3.96 56.29
C PHE D 372 -0.74 4.83 55.94
N LEU D 373 -0.77 6.10 56.31
CA LEU D 373 0.35 7.02 56.04
C LEU D 373 1.74 6.56 56.48
N LYS D 374 1.96 6.35 57.78
CA LYS D 374 3.29 5.99 58.27
C LYS D 374 3.76 4.64 57.75
N GLU D 375 2.81 3.73 57.52
CA GLU D 375 3.12 2.41 56.96
C GLU D 375 3.69 2.58 55.57
N LEU D 376 3.12 3.53 54.84
CA LEU D 376 3.66 3.98 53.58
C LEU D 376 5.05 4.59 53.78
N ILE D 377 5.17 5.49 54.76
CA ILE D 377 6.43 6.16 55.06
C ILE D 377 7.44 5.09 55.40
N ASN D 378 7.06 4.20 56.31
CA ASN D 378 7.92 3.10 56.70
C ASN D 378 8.38 2.35 55.45
N PHE D 379 7.41 1.84 54.68
CA PHE D 379 7.72 1.00 53.52
C PHE D 379 8.71 1.65 52.55
N LEU D 380 8.56 2.96 52.31
CA LEU D 380 9.48 3.68 51.41
C LEU D 380 10.89 3.78 52.05
N LYS D 381 10.92 3.99 53.38
CA LYS D 381 12.18 3.93 54.15
C LYS D 381 12.90 2.66 53.77
N ASN D 382 12.22 1.53 53.99
CA ASN D 382 12.73 0.20 53.67
C ASN D 382 13.27 0.03 52.25
N LYS D 383 13.26 1.11 51.45
CA LYS D 383 13.76 1.07 50.06
C LYS D 383 14.82 2.16 49.74
N GLY D 384 15.02 3.06 50.70
CA GLY D 384 16.01 4.13 50.58
C GLY D 384 15.37 5.51 50.47
N ILE D 385 14.11 5.62 50.90
CA ILE D 385 13.37 6.86 50.69
C ILE D 385 12.74 7.41 51.99
N LYS D 386 13.22 8.57 52.43
CA LYS D 386 12.56 9.26 53.53
C LYS D 386 11.66 10.30 52.88
N LEU D 387 10.40 10.39 53.29
CA LEU D 387 9.56 11.47 52.74
C LEU D 387 9.38 12.56 53.77
N LYS D 388 9.47 13.82 53.35
CA LYS D 388 9.36 14.97 54.28
C LYS D 388 8.05 15.77 54.12
N ILE D 389 7.09 15.54 55.03
CA ILE D 389 5.80 16.19 54.93
C ILE D 389 5.92 17.72 55.12
N LYS D 390 6.22 18.41 54.02
CA LYS D 390 6.29 19.88 53.95
C LYS D 390 5.07 20.61 54.51
N GLY D 391 3.88 20.03 54.36
CA GLY D 391 2.68 20.64 54.93
C GLY D 391 1.39 19.86 54.75
N LYS D 392 0.67 19.65 55.84
CA LYS D 392 -0.70 19.19 55.75
C LYS D 392 -1.64 20.42 55.57
N SER D 393 -2.76 20.23 54.86
CA SER D 393 -3.90 21.19 54.86
C SER D 393 -5.21 20.44 55.01
N LEU D 394 -6.12 20.95 55.85
CA LEU D 394 -7.45 20.34 55.93
C LEU D 394 -8.60 21.24 55.46
N ILE D 395 -9.25 20.83 54.38
CA ILE D 395 -10.40 21.53 53.87
C ILE D 395 -11.67 20.85 54.38
N LEU D 396 -12.42 21.54 55.22
CA LEU D 396 -13.75 21.10 55.60
C LEU D 396 -14.72 21.70 54.61
N ALA D 397 -15.44 20.85 53.90
CA ALA D 397 -16.33 21.31 52.84
C ALA D 397 -17.75 20.82 53.08
N GLN D 398 -18.72 21.58 52.58
CA GLN D 398 -20.13 21.27 52.79
C GLN D 398 -20.63 20.44 51.62
N THR D 399 -20.45 20.96 50.40
CA THR D 399 -20.74 20.28 49.12
C THR D 399 -19.50 20.21 48.25
N ARG D 400 -19.67 19.63 47.05
CA ARG D 400 -18.65 19.58 45.99
C ARG D 400 -18.30 20.99 45.49
N GLU D 401 -19.32 21.76 45.06
CA GLU D 401 -19.06 23.11 44.59
C GLU D 401 -18.32 23.87 45.66
N GLU D 402 -18.76 23.71 46.91
CA GLU D 402 -18.09 24.29 48.07
C GLU D 402 -16.63 23.81 48.16
N ALA D 403 -16.41 22.50 47.97
CA ALA D 403 -15.09 21.88 48.12
C ALA D 403 -14.09 22.22 47.01
N LYS D 404 -14.56 22.26 45.75
CA LYS D 404 -13.78 22.79 44.61
C LYS D 404 -13.25 24.21 44.93
N GLU D 405 -14.17 25.07 45.36
CA GLU D 405 -13.88 26.48 45.65
C GLU D 405 -12.73 26.65 46.64
N LYS D 406 -12.75 25.89 47.73
CA LYS D 406 -11.70 25.98 48.73
C LYS D 406 -10.37 25.33 48.32
N LEU D 407 -10.41 24.37 47.42
CA LEU D 407 -9.16 23.74 46.95
C LEU D 407 -8.28 24.68 46.14
N ILE D 408 -8.91 25.46 45.26
CA ILE D 408 -8.14 26.22 44.27
C ILE D 408 -7.10 27.17 44.82
N PRO D 409 -7.45 27.91 45.91
CA PRO D 409 -6.46 28.77 46.57
C PRO D 409 -5.36 27.94 47.21
N VAL D 410 -5.75 26.77 47.72
CA VAL D 410 -4.87 25.90 48.46
C VAL D 410 -3.85 25.28 47.52
N ILE D 411 -4.32 24.75 46.41
CA ILE D 411 -3.43 24.11 45.44
C ILE D 411 -2.55 25.19 44.85
N ASN D 412 -3.18 26.27 44.41
CA ASN D 412 -2.47 27.44 43.96
C ASN D 412 -1.21 27.69 44.82
N LYS D 413 -1.36 27.69 46.15
CA LYS D 413 -0.28 27.94 47.14
C LYS D 413 0.99 27.10 46.92
N ILE D 414 0.81 25.79 46.90
CA ILE D 414 1.88 24.79 46.78
C ILE D 414 2.97 25.12 45.74
N LYS D 415 4.24 25.19 46.18
CA LYS D 415 5.38 25.67 45.34
C LYS D 415 6.43 24.63 44.94
N ASP D 416 7.26 24.24 45.90
CA ASP D 416 8.26 23.20 45.70
C ASP D 416 7.92 22.01 46.56
N VAL D 417 7.55 20.95 45.85
CA VAL D 417 7.04 19.71 46.42
C VAL D 417 7.22 18.63 45.36
N ASP D 418 7.70 17.47 45.79
CA ASP D 418 7.84 16.33 44.92
C ASP D 418 6.50 15.73 44.59
N LEU D 419 5.56 15.82 45.53
CA LEU D 419 4.38 14.99 45.53
C LEU D 419 3.26 15.66 46.29
N VAL D 420 2.02 15.44 45.86
CA VAL D 420 0.85 15.86 46.62
C VAL D 420 -0.08 14.68 46.82
N ILE D 421 -0.30 14.28 48.07
CA ILE D 421 -1.26 13.24 48.36
C ILE D 421 -2.55 13.88 48.84
N VAL D 422 -3.56 13.88 47.99
CA VAL D 422 -4.83 14.44 48.40
C VAL D 422 -5.70 13.30 48.84
N PHE D 423 -6.39 13.45 49.97
CA PHE D 423 -7.41 12.47 50.41
C PHE D 423 -8.80 12.98 50.08
N LEU D 424 -9.69 12.11 49.63
CA LEU D 424 -11.03 12.58 49.28
C LEU D 424 -12.16 11.77 49.88
N GLU D 425 -13.04 12.46 50.62
CA GLU D 425 -14.34 11.91 51.01
C GLU D 425 -15.31 12.07 49.85
N GLU D 426 -16.16 11.08 49.64
CA GLU D 426 -17.15 11.18 48.59
C GLU D 426 -18.26 12.08 49.08
N TYR D 427 -18.64 13.00 48.21
CA TYR D 427 -19.80 13.82 48.47
C TYR D 427 -20.90 13.18 47.65
N PRO D 428 -21.87 12.56 48.35
CA PRO D 428 -22.73 11.59 47.68
C PRO D 428 -23.73 12.28 46.78
N LYS D 429 -24.03 13.55 47.10
CA LYS D 429 -25.10 14.33 46.46
C LYS D 429 -25.00 14.47 44.94
N VAL D 430 -26.19 14.45 44.31
CA VAL D 430 -26.29 14.33 42.87
C VAL D 430 -26.70 15.67 42.31
N ASP D 431 -25.86 16.24 41.45
CA ASP D 431 -26.15 17.54 40.85
C ASP D 431 -26.79 17.35 39.48
N PRO D 432 -28.12 17.61 39.38
CA PRO D 432 -28.88 17.37 38.16
C PRO D 432 -28.10 17.68 36.89
N TYR D 433 -27.23 18.68 36.97
CA TYR D 433 -26.52 19.24 35.82
C TYR D 433 -25.00 19.09 35.92
N LYS D 434 -24.48 19.51 37.09
CA LYS D 434 -23.06 19.53 37.44
C LYS D 434 -22.26 18.36 36.88
N SER D 435 -21.20 18.68 36.15
CA SER D 435 -20.11 17.72 35.96
C SER D 435 -19.29 17.78 37.25
N PHE D 436 -19.36 16.69 38.02
CA PHE D 436 -18.78 16.71 39.36
C PHE D 436 -17.72 15.65 39.70
N LEU D 437 -17.09 15.10 38.67
CA LEU D 437 -15.83 14.42 38.87
C LEU D 437 -15.06 15.28 39.90
N LEU D 438 -15.08 14.88 41.17
CA LEU D 438 -14.35 15.56 42.23
C LEU D 438 -12.89 15.25 42.03
N TYR D 439 -12.56 13.99 42.28
CA TYR D 439 -11.31 13.35 41.87
C TYR D 439 -10.66 13.98 40.61
N ASP D 440 -11.42 14.08 39.52
CA ASP D 440 -10.86 14.56 38.24
C ASP D 440 -10.51 16.03 38.23
N PHE D 441 -11.26 16.80 39.00
CA PHE D 441 -10.98 18.22 39.16
C PHE D 441 -9.71 18.40 39.99
N VAL D 442 -9.51 17.54 40.99
CA VAL D 442 -8.27 17.58 41.79
C VAL D 442 -7.07 17.12 40.94
N LYS D 443 -7.18 15.94 40.36
CA LYS D 443 -6.14 15.42 39.48
C LYS D 443 -5.81 16.41 38.35
N ARG D 444 -6.76 17.28 38.00
CA ARG D 444 -6.58 18.26 36.91
C ARG D 444 -5.88 19.56 37.34
N GLU D 445 -6.09 19.99 38.59
CA GLU D 445 -5.47 21.22 39.09
C GLU D 445 -4.00 21.03 39.44
N LEU D 446 -3.67 19.83 39.92
CA LEU D 446 -2.30 19.48 40.22
C LEU D 446 -1.57 19.22 38.91
N LEU D 447 -2.27 18.61 37.95
CA LEU D 447 -1.72 18.49 36.61
C LEU D 447 -1.35 19.85 36.07
N LYS D 448 -2.23 20.84 36.24
CA LYS D 448 -1.92 22.22 35.83
C LYS D 448 -0.56 22.70 36.41
N LYS D 449 -0.39 22.62 37.73
CA LYS D 449 0.90 23.00 38.36
C LYS D 449 2.01 21.95 38.19
N MET D 450 1.74 20.91 37.41
CA MET D 450 2.75 19.91 37.01
C MET D 450 3.43 19.23 38.20
N ILE D 451 2.64 18.99 39.25
CA ILE D 451 3.13 18.31 40.46
C ILE D 451 2.50 16.92 40.54
N PRO D 452 3.33 15.86 40.64
CA PRO D 452 2.80 14.51 40.79
C PRO D 452 1.72 14.49 41.83
N SER D 453 0.64 13.77 41.53
CA SER D 453 -0.50 13.62 42.45
C SER D 453 -0.78 12.15 42.70
N GLN D 454 -1.09 11.83 43.94
CA GLN D 454 -1.71 10.57 44.28
C GLN D 454 -2.97 10.85 45.11
N VAL D 455 -4.10 10.92 44.44
CA VAL D 455 -5.38 11.10 45.10
C VAL D 455 -5.88 9.75 45.65
N ILE D 456 -6.25 9.73 46.93
CA ILE D 456 -6.75 8.51 47.59
C ILE D 456 -8.16 8.70 48.18
N LEU D 457 -9.11 7.94 47.64
CA LEU D 457 -10.49 7.93 48.12
C LEU D 457 -10.62 7.35 49.53
N ASN D 458 -11.22 8.10 50.44
CA ASN D 458 -11.54 7.62 51.79
C ASN D 458 -12.36 6.32 51.83
N ARG D 459 -13.35 6.21 50.93
CA ARG D 459 -14.04 4.93 50.63
C ARG D 459 -13.05 3.74 50.54
N THR D 460 -12.06 3.87 49.65
CA THR D 460 -10.97 2.91 49.52
C THR D 460 -10.38 2.42 50.85
N LEU D 461 -10.17 3.34 51.80
CA LEU D 461 -9.49 3.00 53.04
C LEU D 461 -10.35 2.23 54.03
N LYS D 462 -11.67 2.19 53.82
CA LYS D 462 -12.57 1.39 54.66
C LYS D 462 -12.72 0.01 54.06
N ASN D 463 -12.82 -0.04 52.73
CA ASN D 463 -13.28 -1.22 52.03
C ASN D 463 -12.21 -2.22 51.64
N GLU D 464 -11.06 -1.74 51.17
CA GLU D 464 -10.02 -2.67 50.72
C GLU D 464 -8.85 -2.82 51.71
N ASN D 465 -8.09 -3.90 51.51
CA ASN D 465 -7.02 -4.28 52.42
C ASN D 465 -5.85 -3.28 52.39
N LEU D 466 -5.41 -2.77 53.55
CA LEU D 466 -4.38 -1.72 53.58
C LEU D 466 -3.00 -2.13 53.11
N LYS D 467 -2.54 -3.33 53.48
CA LYS D 467 -1.30 -3.86 52.92
C LYS D 467 -1.45 -3.78 51.41
N PHE D 468 -2.47 -4.45 50.87
CA PHE D 468 -2.84 -4.34 49.45
C PHE D 468 -2.75 -2.89 48.94
N VAL D 469 -3.29 -1.93 49.69
CA VAL D 469 -3.34 -0.50 49.28
C VAL D 469 -2.00 0.25 49.22
N LEU D 470 -1.14 0.02 50.22
CA LEU D 470 0.25 0.52 50.18
C LEU D 470 0.83 0.21 48.84
N LEU D 471 1.04 -1.09 48.63
CA LEU D 471 1.61 -1.63 47.42
C LEU D 471 1.09 -0.90 46.17
N ASN D 472 -0.22 -1.02 45.90
CA ASN D 472 -0.90 -0.36 44.76
C ASN D 472 -0.48 1.10 44.61
N VAL D 473 -0.57 1.85 45.70
CA VAL D 473 -0.22 3.27 45.69
C VAL D 473 1.30 3.47 45.64
N ALA D 474 2.02 2.60 46.34
CA ALA D 474 3.49 2.63 46.36
C ALA D 474 4.04 2.63 44.93
N GLU D 475 3.72 1.58 44.18
CA GLU D 475 4.13 1.40 42.76
C GLU D 475 3.97 2.71 42.01
N GLN D 476 2.72 3.13 41.85
CA GLN D 476 2.34 4.45 41.35
C GLN D 476 3.21 5.61 41.88
N VAL D 477 3.20 5.78 43.19
CA VAL D 477 3.95 6.82 43.86
C VAL D 477 5.41 6.87 43.39
N LEU D 478 6.14 5.78 43.61
CA LEU D 478 7.53 5.69 43.19
C LEU D 478 7.63 6.14 41.74
N ALA D 479 6.80 5.56 40.88
CA ALA D 479 6.85 5.87 39.43
C ALA D 479 6.75 7.38 39.18
N LYS D 480 5.71 8.03 39.71
CA LYS D 480 5.54 9.47 39.52
C LYS D 480 6.78 10.25 39.96
N THR D 481 7.42 9.76 41.02
CA THR D 481 8.44 10.50 41.78
C THR D 481 9.82 10.67 41.14
N GLY D 482 10.14 9.81 40.17
CA GLY D 482 11.48 9.72 39.63
C GLY D 482 12.17 8.44 40.06
N ASN D 483 11.46 7.53 40.74
CA ASN D 483 12.08 6.36 41.39
C ASN D 483 11.49 5.08 40.93
N ILE D 484 11.65 4.79 39.67
CA ILE D 484 11.09 3.59 39.08
C ILE D 484 11.24 2.38 40.02
N PRO D 485 10.14 1.70 40.36
CA PRO D 485 10.29 0.43 41.07
C PRO D 485 10.79 -0.69 40.19
N TYR D 486 10.65 -0.55 38.87
CA TYR D 486 11.00 -1.61 37.93
C TYR D 486 11.02 -1.16 36.45
N LYS D 487 11.81 -1.89 35.66
CA LYS D 487 12.17 -1.48 34.31
C LYS D 487 12.12 -2.72 33.46
N LEU D 488 11.68 -2.56 32.22
CA LEU D 488 11.58 -3.66 31.29
C LEU D 488 12.95 -4.25 31.02
N LYS D 489 12.99 -5.58 30.94
CA LYS D 489 14.21 -6.29 30.55
C LYS D 489 14.57 -6.07 29.05
N GLU D 490 13.58 -6.19 28.17
CA GLU D 490 13.82 -6.15 26.75
C GLU D 490 12.55 -5.61 26.08
N ILE D 491 12.66 -4.94 24.93
CA ILE D 491 11.48 -4.65 24.07
C ILE D 491 11.69 -5.23 22.67
N GLU D 492 10.69 -5.91 22.14
CA GLU D 492 10.89 -6.65 20.91
C GLU D 492 11.36 -5.70 19.86
N GLY D 493 12.41 -6.06 19.16
CA GLY D 493 12.91 -5.22 18.07
C GLY D 493 14.21 -4.61 18.53
N LYS D 494 14.81 -3.78 17.69
CA LYS D 494 16.03 -3.18 18.14
C LYS D 494 15.89 -1.69 18.01
N VAL D 495 15.12 -1.09 18.90
CA VAL D 495 14.80 0.35 18.76
C VAL D 495 15.54 1.21 19.79
N ASP D 496 15.98 2.39 19.36
CA ASP D 496 16.77 3.26 20.19
C ASP D 496 15.90 4.21 21.00
N ALA D 497 14.75 4.59 20.45
CA ALA D 497 13.91 5.64 21.04
C ALA D 497 12.47 5.53 20.59
N PHE D 498 11.55 5.48 21.55
CA PHE D 498 10.12 5.44 21.32
C PHE D 498 9.59 6.82 21.62
N VAL D 499 8.81 7.40 20.72
CA VAL D 499 8.38 8.80 20.92
C VAL D 499 6.88 9.01 20.87
N GLY D 500 6.32 9.53 21.94
CA GLY D 500 4.89 9.71 21.96
C GLY D 500 4.56 11.15 21.73
N ILE D 501 3.69 11.40 20.77
CA ILE D 501 3.39 12.77 20.35
C ILE D 501 1.90 13.10 20.37
N ASP D 502 1.60 14.34 20.76
CA ASP D 502 0.30 14.96 20.54
C ASP D 502 0.47 16.47 20.39
N ILE D 503 -0.26 17.05 19.42
CA ILE D 503 -0.23 18.47 19.05
C ILE D 503 -1.67 18.93 18.93
N SER D 504 -2.12 19.88 19.75
CA SER D 504 -3.55 20.28 19.73
C SER D 504 -3.80 21.71 19.26
N ARG D 505 -4.38 21.85 18.07
CA ARG D 505 -4.47 23.12 17.34
C ARG D 505 -5.79 23.85 17.63
N ILE D 506 -5.68 25.12 18.05
CA ILE D 506 -6.80 26.10 18.05
C ILE D 506 -7.10 26.67 16.63
N THR D 507 -8.36 26.53 16.21
CA THR D 507 -8.75 26.80 14.82
C THR D 507 -9.95 27.73 14.65
N ARG D 508 -9.90 28.57 13.61
CA ARG D 508 -11.13 29.01 12.93
C ARG D 508 -10.90 29.20 11.41
N ASP D 509 -11.17 28.13 10.66
CA ASP D 509 -10.93 28.02 9.20
C ASP D 509 -9.43 27.94 8.83
N GLY D 510 -8.98 28.74 7.86
CA GLY D 510 -7.56 28.78 7.45
C GLY D 510 -6.80 29.59 8.48
N LYS D 511 -6.71 29.05 9.69
CA LYS D 511 -6.33 29.82 10.87
C LYS D 511 -5.80 28.91 11.98
N THR D 512 -4.54 28.51 11.90
CA THR D 512 -3.91 27.86 13.04
C THR D 512 -3.23 28.94 13.89
N VAL D 513 -4.02 29.48 14.82
CA VAL D 513 -3.64 30.68 15.57
C VAL D 513 -2.73 30.35 16.77
N ASN D 514 -2.96 29.19 17.38
CA ASN D 514 -2.19 28.72 18.53
C ASN D 514 -2.18 27.21 18.47
N ALA D 515 -1.29 26.57 19.23
CA ALA D 515 -1.26 25.12 19.33
C ALA D 515 -0.37 24.68 20.49
N VAL D 516 -0.80 23.70 21.28
CA VAL D 516 0.14 23.07 22.22
C VAL D 516 0.47 21.64 21.83
N ALA D 517 1.75 21.28 22.02
CA ALA D 517 2.30 20.02 21.56
C ALA D 517 3.07 19.37 22.68
N PHE D 518 2.83 18.08 22.89
CA PHE D 518 3.35 17.39 24.05
C PHE D 518 4.06 16.10 23.68
N THR D 519 5.36 16.07 23.94
CA THR D 519 6.21 14.96 23.48
C THR D 519 6.80 14.16 24.66
N LYS D 520 6.67 12.85 24.62
CA LYS D 520 7.36 12.01 25.60
C LYS D 520 8.34 11.10 24.89
N ILE D 521 9.59 11.09 25.36
CA ILE D 521 10.67 10.32 24.72
C ILE D 521 11.23 9.23 25.64
N PHE D 522 11.22 7.98 25.16
CA PHE D 522 11.65 6.85 25.96
C PHE D 522 12.81 6.14 25.26
N ASN D 523 13.81 5.76 26.07
CA ASN D 523 14.97 4.98 25.63
C ASN D 523 14.57 3.53 25.27
N SER D 524 15.54 2.71 24.84
CA SER D 524 15.26 1.31 24.42
C SER D 524 14.58 0.34 25.42
N LYS D 525 14.44 0.73 26.69
CA LYS D 525 13.76 -0.14 27.66
C LYS D 525 12.55 0.55 28.29
N GLY D 526 12.02 1.54 27.57
CA GLY D 526 10.75 2.17 27.91
C GLY D 526 10.82 3.03 29.14
N GLU D 527 11.82 3.90 29.21
CA GLU D 527 12.12 4.67 30.40
C GLU D 527 12.31 6.14 30.02
N LEU D 528 11.69 7.02 30.78
CA LEU D 528 11.49 8.37 30.32
C LEU D 528 12.81 9.05 30.30
N VAL D 529 13.26 9.39 29.11
CA VAL D 529 14.46 10.16 28.94
C VAL D 529 14.07 11.57 29.27
N ARG D 530 12.91 12.00 28.77
CA ARG D 530 12.45 13.39 28.93
C ARG D 530 11.06 13.64 28.32
N TYR D 531 10.45 14.77 28.66
CA TYR D 531 9.22 15.19 28.01
C TYR D 531 9.30 16.67 27.66
N TYR D 532 8.61 17.10 26.60
CA TYR D 532 8.45 18.55 26.25
C TYR D 532 7.04 18.94 26.02
N LEU D 533 6.66 20.00 26.73
CA LEU D 533 5.37 20.60 26.59
C LEU D 533 5.60 22.03 26.15
N THR D 534 5.09 22.40 24.99
CA THR D 534 5.41 23.71 24.37
C THR D 534 4.24 24.29 23.56
N SER D 535 4.09 25.61 23.65
CA SER D 535 3.05 26.31 22.91
C SER D 535 3.66 27.15 21.79
N TYR D 536 2.92 27.23 20.70
CA TYR D 536 3.39 27.80 19.46
C TYR D 536 2.32 28.80 19.05
N PRO D 537 2.43 30.08 19.50
CA PRO D 537 1.59 31.20 19.00
C PRO D 537 2.15 31.90 17.75
N ALA D 538 1.26 32.33 16.85
CA ALA D 538 1.61 33.08 15.61
C ALA D 538 2.54 32.31 14.66
N PHE D 539 1.97 31.35 13.94
CA PHE D 539 2.77 30.43 13.13
C PHE D 539 1.97 29.93 11.88
N GLY D 540 1.75 30.80 10.90
CA GLY D 540 0.79 30.49 9.83
C GLY D 540 1.29 29.70 8.62
N GLU D 541 1.17 28.37 8.68
CA GLU D 541 1.64 27.45 7.61
C GLU D 541 3.13 27.06 7.80
N LYS D 542 3.67 27.41 8.96
CA LYS D 542 5.00 26.96 9.33
C LYS D 542 5.05 26.09 10.60
N LEU D 543 4.07 26.24 11.49
CA LEU D 543 4.16 25.58 12.79
C LEU D 543 4.35 24.07 12.74
N THR D 544 3.61 23.39 11.88
CA THR D 544 3.70 21.93 11.85
C THR D 544 5.15 21.51 11.75
N GLU D 545 5.86 22.10 10.77
CA GLU D 545 7.32 21.95 10.58
C GLU D 545 8.16 22.31 11.82
N LYS D 546 7.84 23.40 12.49
CA LYS D 546 8.61 23.78 13.68
C LYS D 546 8.46 22.76 14.82
N ALA D 547 7.22 22.49 15.19
CA ALA D 547 6.93 21.63 16.34
C ALA D 547 7.62 20.28 16.20
N ILE D 548 7.50 19.69 15.02
CA ILE D 548 8.08 18.38 14.75
C ILE D 548 9.58 18.54 14.71
N GLY D 549 10.05 19.46 13.86
CA GLY D 549 11.47 19.78 13.80
C GLY D 549 12.07 19.93 15.20
N ASP D 550 11.31 20.51 16.14
CA ASP D 550 11.82 20.71 17.48
C ASP D 550 12.05 19.39 18.21
N VAL D 551 11.16 18.42 17.94
CA VAL D 551 11.30 17.07 18.48
C VAL D 551 12.64 16.54 18.08
N PHE D 552 12.82 16.39 16.77
CA PHE D 552 14.13 16.00 16.22
C PHE D 552 15.31 16.72 16.86
N SER D 553 15.26 18.06 16.77
CA SER D 553 16.25 18.94 17.37
C SER D 553 16.64 18.48 18.76
N LEU D 554 15.76 17.74 19.39
CA LEU D 554 16.00 17.42 20.74
C LEU D 554 16.33 15.94 21.02
N LEU D 555 15.81 15.06 20.17
CA LEU D 555 16.34 13.69 20.04
C LEU D 555 17.85 13.76 19.81
N GLU D 556 18.26 14.78 19.06
CA GLU D 556 19.67 15.02 18.86
C GLU D 556 20.31 15.47 20.17
N LYS D 557 19.82 16.55 20.76
CA LYS D 557 20.35 17.05 22.04
C LYS D 557 20.37 16.01 23.16
N LEU D 558 19.42 15.09 23.14
CA LEU D 558 19.36 14.03 24.13
C LEU D 558 20.39 12.96 23.92
N GLY D 559 20.97 12.92 22.73
CA GLY D 559 22.07 12.02 22.48
C GLY D 559 21.83 11.02 21.37
N PHE D 560 20.61 10.95 20.87
CA PHE D 560 20.31 9.97 19.84
C PHE D 560 20.87 10.52 18.55
N LYS D 561 21.86 9.79 18.01
CA LYS D 561 22.70 10.30 16.90
C LYS D 561 22.28 9.80 15.55
N LYS D 562 23.02 10.21 14.53
CA LYS D 562 22.83 9.67 13.19
C LYS D 562 22.77 8.13 13.31
N GLY D 563 21.81 7.46 12.67
CA GLY D 563 21.76 5.98 12.75
C GLY D 563 20.85 5.38 13.84
N SER D 564 20.21 6.23 14.63
CA SER D 564 19.36 5.69 15.64
C SER D 564 17.98 5.38 15.04
N LYS D 565 17.47 4.22 15.46
CA LYS D 565 16.17 3.71 15.04
C LYS D 565 15.13 4.25 16.00
N ILE D 566 14.12 4.89 15.42
CA ILE D 566 13.14 5.61 16.20
C ILE D 566 11.67 5.27 15.82
N VAL D 567 10.88 4.80 16.78
CA VAL D 567 9.48 4.55 16.55
C VAL D 567 8.66 5.74 17.06
N VAL D 568 7.78 6.28 16.23
CA VAL D 568 6.95 7.40 16.68
C VAL D 568 5.48 7.04 16.70
N HIS D 569 4.87 7.09 17.91
CA HIS D 569 3.42 6.94 18.15
C HIS D 569 2.69 8.28 18.19
N ARG D 570 1.73 8.43 17.30
CA ARG D 570 0.84 9.57 17.33
C ARG D 570 -0.46 9.23 18.09
N ASP D 571 -0.84 10.08 19.03
CA ASP D 571 -2.15 9.98 19.66
C ASP D 571 -3.18 10.45 18.63
N GLY D 572 -4.06 9.57 18.19
CA GLY D 572 -5.08 9.95 17.21
C GLY D 572 -4.52 10.00 15.79
N ARG D 573 -5.27 10.56 14.84
CA ARG D 573 -4.83 10.65 13.44
C ARG D 573 -3.78 11.73 13.29
N LEU D 574 -2.99 11.71 12.23
CA LEU D 574 -2.08 12.85 11.99
C LEU D 574 -2.53 13.69 10.78
N TYR D 575 -1.97 14.91 10.62
CA TYR D 575 -2.11 15.64 9.32
C TYR D 575 -1.13 15.22 8.19
N ARG D 576 -1.49 15.53 6.93
CA ARG D 576 -0.67 15.12 5.75
C ARG D 576 0.67 15.83 5.85
N ASP D 577 0.53 17.17 5.91
CA ASP D 577 1.19 18.04 6.86
C ASP D 577 2.20 17.34 7.81
N GLU D 578 1.70 16.60 8.80
CA GLU D 578 2.51 15.89 9.79
C GLU D 578 3.48 14.79 9.28
N VAL D 579 3.01 13.88 8.43
CA VAL D 579 3.90 12.89 7.77
C VAL D 579 5.07 13.57 7.03
N ALA D 580 4.76 14.54 6.18
CA ALA D 580 5.74 15.15 5.32
C ALA D 580 6.90 15.58 6.20
N ALA D 581 6.67 16.46 7.15
CA ALA D 581 7.71 16.84 8.10
C ALA D 581 8.51 15.64 8.64
N PHE D 582 7.79 14.60 9.10
CA PHE D 582 8.44 13.43 9.66
C PHE D 582 9.46 12.77 8.71
N LYS D 583 9.02 12.36 7.52
CA LYS D 583 9.95 11.95 6.45
C LYS D 583 11.14 12.91 6.27
N LYS D 584 10.86 14.21 6.11
CA LYS D 584 11.89 15.22 5.84
C LYS D 584 12.99 15.33 6.88
N TYR D 585 12.62 15.17 8.14
CA TYR D 585 13.54 15.40 9.23
C TYR D 585 14.20 14.12 9.65
N GLY D 586 13.59 13.00 9.31
CA GLY D 586 14.21 11.70 9.54
C GLY D 586 15.40 11.54 8.59
N GLU D 587 15.25 12.03 7.36
CA GLU D 587 16.37 12.04 6.43
C GLU D 587 17.47 13.00 6.86
N LEU D 588 17.08 14.25 7.10
CA LEU D 588 17.97 15.27 7.66
C LEU D 588 18.77 14.82 8.89
N TYR D 589 18.12 14.15 9.86
CA TYR D 589 18.80 13.74 11.10
C TYR D 589 19.32 12.30 11.09
N GLY D 590 19.23 11.64 9.92
CA GLY D 590 19.86 10.34 9.69
C GLY D 590 19.27 9.23 10.54
N TYR D 591 17.97 9.29 10.77
CA TYR D 591 17.28 8.37 11.65
C TYR D 591 16.51 7.32 10.82
N SER D 592 16.57 6.05 11.20
CA SER D 592 15.64 5.09 10.63
C SER D 592 14.36 5.24 11.44
N LEU D 593 13.27 5.60 10.77
CA LEU D 593 12.05 6.05 11.44
C LEU D 593 10.76 5.26 11.17
N GLU D 594 10.26 4.55 12.17
CA GLU D 594 8.94 3.97 12.12
C GLU D 594 7.92 5.03 12.55
N LEU D 595 6.73 4.98 11.96
CA LEU D 595 5.64 5.96 12.22
C LEU D 595 4.22 5.34 12.26
N LEU D 596 3.48 5.52 13.35
CA LEU D 596 2.15 4.94 13.51
C LEU D 596 1.19 5.82 14.30
N GLU D 597 -0.11 5.71 14.02
CA GLU D 597 -1.18 6.39 14.78
C GLU D 597 -1.73 5.44 15.80
N ILE D 598 -2.17 5.95 16.94
CA ILE D 598 -2.92 5.11 17.90
C ILE D 598 -4.28 5.73 18.15
N ILE D 599 -5.34 4.99 17.85
CA ILE D 599 -6.67 5.54 17.76
C ILE D 599 -7.59 4.89 18.80
N LYS D 600 -8.25 5.69 19.65
CA LYS D 600 -9.03 5.08 20.77
C LYS D 600 -10.54 5.01 20.57
N ARG D 601 -11.13 5.98 19.90
CA ARG D 601 -12.59 6.10 19.93
C ARG D 601 -13.30 5.24 18.83
N ASN D 602 -14.36 4.53 19.23
CA ASN D 602 -15.18 3.75 18.29
C ASN D 602 -14.43 2.72 17.44
N ASN D 603 -13.51 1.99 18.05
CA ASN D 603 -12.95 0.79 17.46
C ASN D 603 -13.92 -0.35 17.69
N PRO D 604 -13.88 -1.41 16.86
CA PRO D 604 -14.66 -2.62 17.16
C PRO D 604 -14.27 -3.34 18.46
N ARG D 605 -15.24 -3.87 19.17
CA ARG D 605 -15.01 -4.48 20.46
C ARG D 605 -14.58 -5.93 20.33
N PHE D 606 -13.92 -6.46 21.36
CA PHE D 606 -13.71 -7.91 21.49
C PHE D 606 -14.76 -8.55 22.39
N PHE D 607 -15.08 -9.80 22.08
CA PHE D 607 -15.91 -10.62 22.92
C PHE D 607 -15.27 -12.02 22.98
N SER D 608 -15.29 -12.63 24.17
CA SER D 608 -14.53 -13.84 24.45
C SER D 608 -14.68 -14.28 25.88
N ASN D 609 -14.74 -15.60 26.08
CA ASN D 609 -14.65 -16.21 27.41
C ASN D 609 -13.23 -16.23 27.98
N GLU D 610 -12.25 -16.16 27.09
CA GLU D 610 -10.87 -16.19 27.48
C GLU D 610 -10.58 -14.98 28.42
N LYS D 611 -10.18 -15.21 29.66
CA LYS D 611 -9.74 -14.10 30.52
C LYS D 611 -8.56 -13.30 29.97
N PHE D 612 -7.53 -14.00 29.51
CA PHE D 612 -6.25 -13.37 29.12
C PHE D 612 -6.18 -12.97 27.63
N ILE D 613 -6.89 -11.92 27.27
CA ILE D 613 -7.02 -11.40 25.90
C ILE D 613 -5.87 -10.48 25.43
N LYS D 614 -5.02 -10.05 26.35
CA LYS D 614 -4.00 -9.07 25.98
C LYS D 614 -3.17 -9.58 24.81
N GLY D 615 -3.21 -8.86 23.68
CA GLY D 615 -2.42 -9.25 22.53
C GLY D 615 -3.24 -9.89 21.44
N TYR D 616 -4.50 -10.19 21.72
CA TYR D 616 -5.38 -10.58 20.64
C TYR D 616 -5.43 -9.42 19.64
N PHE D 617 -5.35 -9.73 18.36
CA PHE D 617 -5.43 -8.68 17.38
C PHE D 617 -6.31 -9.14 16.27
N TYR D 618 -6.70 -8.24 15.41
CA TYR D 618 -7.41 -8.60 14.20
C TYR D 618 -6.94 -7.61 13.14
N LYS D 619 -6.44 -8.11 12.01
CA LYS D 619 -5.90 -7.19 11.01
C LYS D 619 -7.04 -6.62 10.18
N LEU D 620 -7.23 -5.31 10.27
CA LEU D 620 -8.14 -4.62 9.34
C LEU D 620 -7.35 -4.62 8.11
N SER D 621 -7.96 -4.28 7.01
CA SER D 621 -7.13 -4.29 5.84
C SER D 621 -5.85 -3.54 6.22
N GLU D 622 -4.74 -3.86 5.58
CA GLU D 622 -3.93 -2.74 5.17
C GLU D 622 -3.18 -2.07 6.31
N ASP D 623 -2.47 -2.89 7.11
CA ASP D 623 -1.55 -2.37 8.15
C ASP D 623 -2.19 -1.66 9.32
N SER D 624 -3.51 -1.75 9.46
CA SER D 624 -4.11 -1.29 10.69
C SER D 624 -4.64 -2.49 11.48
N VAL D 625 -4.29 -2.52 12.74
CA VAL D 625 -4.54 -3.67 13.54
C VAL D 625 -5.42 -3.13 14.66
N ILE D 626 -6.53 -3.82 14.92
CA ILE D 626 -7.36 -3.62 16.10
C ILE D 626 -6.80 -4.53 17.18
N LEU D 627 -6.37 -3.95 18.31
CA LEU D 627 -5.53 -4.67 19.27
C LEU D 627 -6.04 -4.64 20.69
N ALA D 628 -6.36 -5.83 21.23
CA ALA D 628 -6.67 -5.99 22.65
C ALA D 628 -5.41 -5.78 23.46
N THR D 629 -5.51 -4.91 24.47
CA THR D 629 -4.34 -4.34 25.16
C THR D 629 -4.40 -4.45 26.71
N TYR D 630 -5.51 -4.97 27.19
CA TYR D 630 -5.82 -5.13 28.60
C TYR D 630 -6.24 -6.61 28.69
N ASN D 631 -6.43 -7.14 29.89
CA ASN D 631 -7.16 -8.40 29.99
C ASN D 631 -8.57 -8.17 30.50
N GLN D 632 -9.44 -9.14 30.28
CA GLN D 632 -10.82 -9.07 30.74
C GLN D 632 -10.84 -9.09 32.27
N VAL D 633 -11.54 -8.10 32.82
CA VAL D 633 -11.71 -7.97 34.26
C VAL D 633 -13.18 -7.77 34.49
N TYR D 634 -13.82 -8.76 35.11
CA TYR D 634 -15.27 -8.73 35.34
C TYR D 634 -15.74 -7.45 36.08
N GLU D 635 -16.93 -7.01 35.69
CA GLU D 635 -17.40 -5.59 35.64
C GLU D 635 -16.56 -4.64 34.77
N GLY D 636 -15.36 -4.24 35.25
CA GLY D 636 -14.51 -3.27 34.55
C GLY D 636 -14.15 -3.60 33.10
N THR D 637 -15.07 -3.35 32.17
CA THR D 637 -14.89 -3.72 30.77
C THR D 637 -14.16 -2.69 29.89
N HIS D 638 -13.95 -3.02 28.62
CA HIS D 638 -13.20 -2.13 27.75
C HIS D 638 -13.35 -2.24 26.24
N GLN D 639 -12.72 -1.25 25.60
CA GLN D 639 -12.62 -1.11 24.18
C GLN D 639 -11.12 -1.15 23.77
N PRO D 640 -10.76 -1.95 22.74
CA PRO D 640 -9.38 -2.05 22.27
C PRO D 640 -8.90 -0.79 21.55
N ILE D 641 -7.67 -0.77 21.08
CA ILE D 641 -7.20 0.39 20.29
C ILE D 641 -7.07 -0.04 18.87
N LYS D 642 -6.95 0.91 17.95
CA LYS D 642 -6.70 0.61 16.56
C LYS D 642 -5.32 1.13 16.29
N VAL D 643 -4.42 0.28 15.81
CA VAL D 643 -3.03 0.68 15.59
C VAL D 643 -2.71 0.74 14.09
N ARG D 644 -2.55 1.94 13.57
CA ARG D 644 -2.32 2.04 12.16
C ARG D 644 -0.88 2.47 11.93
N LYS D 645 -0.19 1.79 11.01
CA LYS D 645 1.23 2.04 10.77
C LYS D 645 1.31 2.89 9.54
N VAL D 646 1.81 4.10 9.68
CA VAL D 646 1.83 5.05 8.58
C VAL D 646 2.98 4.81 7.60
N TYR D 647 4.12 4.33 8.10
CA TYR D 647 5.24 3.91 7.24
C TYR D 647 6.46 3.41 8.03
N GLY D 648 7.38 2.73 7.38
CA GLY D 648 8.57 2.27 8.08
C GLY D 648 8.86 0.86 7.65
N GLU D 649 9.83 0.21 8.32
CA GLU D 649 10.16 -1.17 7.96
C GLU D 649 9.72 -2.26 8.92
N LEU D 650 9.50 -1.95 10.19
CA LEU D 650 8.89 -2.99 11.04
C LEU D 650 7.42 -3.36 10.65
N PRO D 651 7.06 -4.66 10.75
CA PRO D 651 5.64 -5.01 10.60
C PRO D 651 4.80 -4.54 11.79
N VAL D 652 3.55 -4.18 11.52
CA VAL D 652 2.64 -3.70 12.56
C VAL D 652 2.57 -4.63 13.76
N GLU D 653 2.61 -5.93 13.50
CA GLU D 653 2.76 -6.94 14.54
C GLU D 653 3.95 -6.62 15.45
N VAL D 654 5.06 -6.06 14.93
CA VAL D 654 6.17 -5.79 15.82
C VAL D 654 5.85 -4.49 16.47
N LEU D 655 5.31 -3.57 15.70
CA LEU D 655 4.93 -2.30 16.26
C LEU D 655 3.96 -2.50 17.45
N CYS D 656 2.87 -3.23 17.21
CA CYS D 656 1.94 -3.65 18.25
C CYS D 656 2.59 -4.32 19.46
N SER D 657 3.43 -5.32 19.20
CA SER D 657 4.19 -5.93 20.26
C SER D 657 4.95 -4.92 21.10
N GLN D 658 5.62 -3.97 20.47
CA GLN D 658 6.34 -2.97 21.29
C GLN D 658 5.36 -2.16 22.14
N ILE D 659 4.21 -1.81 21.52
CA ILE D 659 3.16 -1.02 22.15
C ILE D 659 2.65 -1.76 23.40
N LEU D 660 2.38 -3.06 23.19
CA LEU D 660 2.01 -3.96 24.28
C LEU D 660 2.97 -3.90 25.45
N SER D 661 4.27 -3.89 25.18
CA SER D 661 5.22 -3.91 26.28
C SER D 661 5.09 -2.60 27.03
N LEU D 662 4.83 -1.52 26.29
CA LEU D 662 4.89 -0.17 26.84
C LEU D 662 3.71 0.19 27.76
N THR D 663 2.65 -0.61 27.72
CA THR D 663 1.58 -0.45 28.70
C THR D 663 2.02 -0.77 30.12
N LEU D 664 3.12 -1.47 30.27
CA LEU D 664 3.59 -1.82 31.59
C LEU D 664 4.34 -0.66 32.15
N MET D 665 4.65 0.29 31.29
CA MET D 665 5.42 1.46 31.72
C MET D 665 4.51 2.50 32.29
N ASN D 666 3.27 2.13 32.49
CA ASN D 666 2.38 2.97 33.25
C ASN D 666 2.36 2.71 34.76
N TYR D 667 2.96 1.59 35.20
CA TYR D 667 3.15 1.31 36.63
C TYR D 667 1.82 1.36 37.39
N SER D 668 0.81 0.70 36.86
CA SER D 668 -0.49 0.56 37.50
C SER D 668 -0.86 -0.92 37.41
N SER D 669 0.03 -1.72 37.99
CA SER D 669 -0.04 -3.14 37.92
C SER D 669 -1.39 -3.74 38.37
N PHE D 670 -2.11 -3.04 39.26
CA PHE D 670 -3.36 -3.50 39.89
C PHE D 670 -4.63 -3.10 39.11
N GLN D 671 -4.52 -2.01 38.35
CA GLN D 671 -5.59 -1.56 37.45
C GLN D 671 -4.88 -1.17 36.15
N PRO D 672 -4.54 -2.17 35.31
CA PRO D 672 -3.78 -1.97 34.07
C PRO D 672 -4.30 -0.86 33.15
N ILE D 673 -3.39 -0.06 32.65
CA ILE D 673 -3.76 1.04 31.79
C ILE D 673 -3.62 0.65 30.33
N LYS D 674 -4.70 0.87 29.57
CA LYS D 674 -4.84 0.49 28.13
C LYS D 674 -3.84 1.06 27.11
N LEU D 675 -3.45 2.32 27.20
CA LEU D 675 -2.52 2.82 26.19
C LEU D 675 -1.06 2.65 26.65
N PRO D 676 -0.15 2.61 25.69
CA PRO D 676 1.25 2.62 26.06
C PRO D 676 1.69 3.98 26.61
N ALA D 677 2.79 3.94 27.37
CA ALA D 677 3.27 5.08 28.15
C ALA D 677 3.53 6.23 27.23
N THR D 678 3.81 5.91 25.95
CA THR D 678 4.07 6.93 24.95
C THR D 678 2.86 7.84 24.66
N VAL D 679 1.63 7.35 24.79
CA VAL D 679 0.51 8.28 24.56
C VAL D 679 -0.47 8.44 25.74
N HIS D 680 -0.24 7.67 26.79
CA HIS D 680 -1.14 7.69 27.90
C HIS D 680 -1.19 9.10 28.47
N TYR D 681 -2.39 9.68 28.55
CA TYR D 681 -2.61 11.05 29.08
C TYR D 681 -2.06 12.14 28.19
N SER D 682 -1.49 11.73 27.07
CA SER D 682 -0.98 12.68 26.15
C SER D 682 -2.11 13.62 25.69
N ASP D 683 -3.31 13.09 25.38
CA ASP D 683 -4.43 13.96 24.92
C ASP D 683 -4.98 14.80 26.07
N LYS D 684 -5.54 14.15 27.07
CA LYS D 684 -5.86 14.84 28.33
C LYS D 684 -4.93 16.06 28.61
N ILE D 685 -3.61 15.87 28.63
CA ILE D 685 -2.70 16.97 28.95
C ILE D 685 -2.71 18.15 27.95
N THR D 686 -2.55 17.87 26.66
CA THR D 686 -2.44 18.95 25.68
C THR D 686 -3.59 19.96 25.82
N LYS D 687 -4.81 19.46 25.84
CA LYS D 687 -6.03 20.26 25.74
C LYS D 687 -6.24 21.07 26.99
N LEU D 688 -5.94 20.45 28.12
CA LEU D 688 -5.95 21.14 29.40
C LEU D 688 -5.03 22.39 29.38
N MET D 689 -3.78 22.18 28.97
CA MET D 689 -2.79 23.26 28.90
C MET D 689 -2.99 24.17 27.68
N LEU D 690 -3.76 23.67 26.70
CA LEU D 690 -4.27 24.47 25.60
C LEU D 690 -5.20 25.59 26.09
N ARG D 691 -5.72 25.43 27.31
CA ARG D 691 -6.58 26.41 27.98
C ARG D 691 -5.78 27.44 28.80
N GLY D 692 -4.46 27.44 28.60
CA GLY D 692 -3.58 28.34 29.32
C GLY D 692 -3.83 29.81 29.01
N ILE D 693 -3.66 30.66 30.02
CA ILE D 693 -3.76 32.10 29.84
C ILE D 693 -2.58 32.63 29.02
N GLU D 694 -1.42 31.97 29.14
CA GLU D 694 -0.16 32.46 28.57
C GLU D 694 0.72 31.34 28.05
N PRO D 695 1.56 31.65 27.04
CA PRO D 695 2.24 30.60 26.29
C PRO D 695 3.26 29.89 27.18
N ILE D 696 3.56 28.63 26.84
CA ILE D 696 4.30 27.74 27.74
C ILE D 696 5.52 27.06 27.09
N LYS D 697 6.51 26.72 27.91
CA LYS D 697 7.69 26.00 27.45
C LYS D 697 8.30 25.17 28.59
N LYS D 698 8.10 23.85 28.62
CA LYS D 698 8.58 23.04 29.75
C LYS D 698 9.25 21.70 29.41
N GLU D 699 10.29 21.39 30.16
CA GLU D 699 11.05 20.17 29.93
C GLU D 699 11.39 19.50 31.24
N GLY D 700 11.17 18.18 31.34
CA GLY D 700 11.46 17.47 32.58
C GLY D 700 11.77 16.01 32.35
N ASP D 701 12.11 15.27 33.42
CA ASP D 701 12.49 13.86 33.25
C ASP D 701 11.77 12.89 34.18
N ILE D 702 10.50 13.19 34.47
CA ILE D 702 9.74 12.56 35.56
C ILE D 702 8.27 12.39 35.16
N MET D 703 7.69 11.23 35.46
CA MET D 703 6.33 10.94 34.98
C MET D 703 5.20 11.51 35.86
N TYR D 704 5.17 12.83 35.98
CA TYR D 704 4.29 13.51 36.94
C TYR D 704 2.80 13.29 36.72
N TRP D 705 2.46 12.78 35.55
CA TRP D 705 1.05 12.77 35.11
C TRP D 705 0.31 11.52 35.58
N LEU D 706 1.07 10.55 36.09
CA LEU D 706 0.51 9.26 36.39
C LEU D 706 -0.59 9.33 37.43
#